data_8DH6
#
_entry.id   8DH6
#
_cell.length_a   1.00
_cell.length_b   1.00
_cell.length_c   1.00
_cell.angle_alpha   90.00
_cell.angle_beta   90.00
_cell.angle_gamma   90.00
#
_symmetry.space_group_name_H-M   'P 1'
#
loop_
_entity.id
_entity.type
_entity.pdbx_description
1 polymer 'Cytochrome c oxidase subunit 1'
2 polymer 'Cytochrome c oxidase subunit 2'
3 polymer 'Cytochrome c oxidase subunit 3'
4 polymer 'Cytochrome c oxidase subunit 4, mitochondrial'
5 polymer 'Cytochrome c oxidase subunit 5A, mitochondrial'
6 polymer 'Cytochrome c oxidase subunit 6, mitochondrial'
7 polymer 'Cytochrome c oxidase subunit 7, mitochondrial'
8 polymer 'Cytochrome c oxidase subunit 8, mitochondrial'
9 polymer 'Cytochrome c oxidase subunit 9, mitochondrial'
10 non-polymer 'CALCIUM ION'
11 non-polymer 'MAGNESIUM ION'
12 non-polymer 'COPPER (II) ION'
13 non-polymer HEME-A
14 non-polymer DI-PALMITOYL-3-SN-PHOSPHATIDYLETHANOLAMINE
15 non-polymer 'ZINC ION'
#
loop_
_entity_poly.entity_id
_entity_poly.type
_entity_poly.pdbx_seq_one_letter_code
_entity_poly.pdbx_strand_id
1 'polypeptide(L)'
;MVQRWLYSTNAKDIAVLYFMLAIFSGMAGTAMSLIIRLELAAPGSQYLHGNSQLFNVLVVGHAVLMIFFLVMPALIGGFG
NYLLPLMIGATDTAFPRINNIAFWVLPMGLVCLVTSTLVESGAGTGWTVYPPLSSIQAHSGPSVDLAIFALHLTSISSLL
GAINFIVTTLNMRTNGMTMHKLPLFVWSIFITAFLLLLSLPVLSAGITMLLLDRNFNTSFFEVSGGGDPILYEHLFWFFG
HPEVYILIIPGFGIISHVVSTYSKKPVFGEISMVYAMASIGLLGFLVWSHHMYIVGLDADTRAYFTSATMIIAIPTGIKI
FSWLATIHGGSIRLATPMLYAIAFLFLFTMGGLTGVALANASLDVAFHDTYYVVGHFHYVLSMGAIFSLFAGYYYWSPQI
LGLNYNEKLAQIQFWLIFIGANVIFFPMHFLGINGMPRRIPDYPDAFAGWNYVASIGSFIATLSLFLFIYILYDQLVNGL
NNKVNNKSVIYNKAPDFVESNTIFNLNTVKSSSIEFLLTSPPAVHSFNTPAVQS
;
a
2 'polypeptide(L)'
;DVPTPYACYFQDSATPNQEGILELHDNIMFYLLVILGLVSWMLYTIVMTYSKNPIAYKYIKHGQTIEVIWTIFPAVILLI
IAFPSFILLYLCDEVISPAMTIKAIGYQWYWKYEYSDFINDSGETVEFESYVIPDELLEEGQLRLLDTDTSMVVPVDTHI
RFVVTAADVIHDFAIPSLGIKVDATPGRLNQVSALIQREGVFYGACSELCGTGHANMPIKIEAVSLPKFLEWLNEQ
;
b
3 'polypeptide(L)'
;MTHLERSRHQQHPFHMVMPSPWPIVVSFALLSLALSTALTMHGYIGNMNMVYLALFVLLTSSILWFRDIVAEATYLGDHT
MAVRKGINLGFLMFVLSEVLIFAGLFWAYFHSAMSPDVTLGACWPPVGIEAVQPTELPLLNTIILLSSGATVTYSHHALI
AGNRNKALSGLLITFWLIVIFVTCQYIEYTNAAFTISDGVYGSVFYAGTGLHFLHMVMLAAMLGVNYWRMRNYHLTAGHH
VGYETTIIYTHVLDVIWLFLYVVFYWWGV
;
c
4 'polypeptide(L)'
;QQKPVVKTAQNLAEVNGPETLIGPGAKEGTVPTDLDQETGLARLELLGKLEGIDVFDTKPLDSSRKGTMKDPIIIESYDD
YRYVGCTGSPAGSHTIMWLKPTVNEVARCWECGSVYKLNPVGVPNDDHHH
;
d
5 'polypeptide(L)'
;AQTHALSNAAVMDLQSRWENMPSTEQQDIVSKLSERQKLPWAQLTEPEKQAVWYISYGEWGPRRPVLNKGDSSFIAKGVA
AGLLFSVGLFAVVRMAGGQDAKTMNKEWQLKSDEYLKSKNANPWGGYSQVQSK
;
e
6 'polypeptide(L)'
;SDAHDEETFEEFTARYEKEFDEAYDLFEVQRVLNNCFSYDLVPAPAVIEKALRAARRVNDLPTAIRVFEALKYKVENEDQ
YKAYLDELKDVRQELGVPLKEELFPSSS
;
f
7 'polypeptide(L)' ANKVIQLQKIFQSSTKPLWWRHPRSALYLYPFYAIFAVAVVTPLLYIPNAIRGIKAKKA g
8 'polypeptide(L)' VHFKDGVYENIPFKVKGRKTPYALSHFGFFAIGFAVPFVACYVQLKKSGAF h
9 'polypeptide(L)' TIAPITGTIKRRVIMDIVLGFSLGGVMASYWWWGFHMDKINKREKFYAELAERKK i
#
loop_
_chem_comp.id
_chem_comp.type
_chem_comp.name
_chem_comp.formula
CA non-polymer 'CALCIUM ION' 'Ca 2'
CU non-polymer 'COPPER (II) ION' 'Cu 2'
HEA non-polymer HEME-A 'C49 H56 Fe N4 O6'
MG non-polymer 'MAGNESIUM ION' 'Mg 2'
PEF non-polymer DI-PALMITOYL-3-SN-PHOSPHATIDYLETHANOLAMINE 'C37 H74 N O8 P'
ZN non-polymer 'ZINC ION' 'Zn 2'
#
# COMPACT_ATOMS: atom_id res chain seq x y z
N MET A 1 0.07 26.29 17.99
CA MET A 1 -0.77 25.33 17.30
C MET A 1 -0.48 25.36 15.80
N VAL A 2 -0.19 26.56 15.28
CA VAL A 2 0.18 26.70 13.89
C VAL A 2 1.56 26.11 13.64
N GLN A 3 2.52 26.38 14.52
CA GLN A 3 3.86 25.85 14.36
C GLN A 3 3.88 24.33 14.42
N ARG A 4 3.07 23.76 15.31
CA ARG A 4 3.09 22.31 15.49
C ARG A 4 2.57 21.56 14.27
N TRP A 5 1.57 22.12 13.58
CA TRP A 5 0.86 21.39 12.53
C TRP A 5 1.08 21.94 11.13
N LEU A 6 0.91 23.25 10.92
CA LEU A 6 1.20 23.83 9.62
C LEU A 6 2.69 23.82 9.32
N TYR A 7 3.51 24.06 10.35
CA TYR A 7 4.96 24.13 10.21
C TYR A 7 5.64 22.84 10.64
N SER A 8 4.92 21.71 10.54
CA SER A 8 5.33 20.49 11.21
C SER A 8 6.67 19.98 10.71
N THR A 9 7.40 19.32 11.61
CA THR A 9 8.71 18.78 11.27
C THR A 9 8.92 17.36 11.78
N ASN A 10 8.12 16.88 12.72
CA ASN A 10 8.30 15.52 13.23
C ASN A 10 7.33 14.56 12.56
N ALA A 11 7.70 13.29 12.55
CA ALA A 11 7.00 12.31 11.72
C ALA A 11 5.63 11.92 12.26
N LYS A 12 5.42 11.98 13.58
CA LYS A 12 4.14 11.55 14.13
C LYS A 12 3.01 12.51 13.78
N ASP A 13 3.28 13.81 13.86
CA ASP A 13 2.26 14.80 13.50
C ASP A 13 1.91 14.72 12.02
N ILE A 14 2.92 14.59 11.17
CA ILE A 14 2.67 14.42 9.74
C ILE A 14 1.91 13.12 9.49
N ALA A 15 2.20 12.08 10.27
CA ALA A 15 1.50 10.81 10.10
C ALA A 15 0.03 10.93 10.46
N VAL A 16 -0.30 11.60 11.56
CA VAL A 16 -1.71 11.74 11.92
C VAL A 16 -2.43 12.67 10.93
N LEU A 17 -1.73 13.68 10.40
CA LEU A 17 -2.32 14.48 9.33
C LEU A 17 -2.61 13.64 8.10
N TYR A 18 -1.66 12.77 7.73
CA TYR A 18 -1.85 11.83 6.64
C TYR A 18 -3.07 10.95 6.88
N PHE A 19 -3.22 10.44 8.10
CA PHE A 19 -4.33 9.55 8.40
C PHE A 19 -5.66 10.29 8.31
N MET A 20 -5.72 11.52 8.83
CA MET A 20 -6.95 12.30 8.74
C MET A 20 -7.33 12.55 7.29
N LEU A 21 -6.35 12.96 6.47
CA LEU A 21 -6.63 13.17 5.05
C LEU A 21 -7.06 11.89 4.37
N ALA A 22 -6.42 10.77 4.70
CA ALA A 22 -6.74 9.50 4.07
C ALA A 22 -8.15 9.07 4.40
N ILE A 23 -8.57 9.24 5.67
CA ILE A 23 -9.92 8.82 6.03
C ILE A 23 -10.96 9.76 5.42
N PHE A 24 -10.66 11.05 5.32
CA PHE A 24 -11.57 11.97 4.63
C PHE A 24 -11.75 11.57 3.17
N SER A 25 -10.64 11.33 2.47
CA SER A 25 -10.72 10.95 1.06
C SER A 25 -11.36 9.58 0.88
N GLY A 26 -11.15 8.67 1.83
CA GLY A 26 -11.83 7.38 1.77
C GLY A 26 -13.32 7.50 1.97
N MET A 27 -13.75 8.40 2.85
CA MET A 27 -15.18 8.68 2.97
C MET A 27 -15.76 9.23 1.68
N ALA A 28 -15.04 10.15 1.03
CA ALA A 28 -15.52 10.69 -0.25
C ALA A 28 -15.58 9.60 -1.32
N GLY A 29 -14.54 8.76 -1.40
CA GLY A 29 -14.56 7.69 -2.38
C GLY A 29 -15.65 6.66 -2.11
N THR A 30 -15.94 6.41 -0.83
CA THR A 30 -17.02 5.51 -0.49
C THR A 30 -18.38 6.11 -0.84
N ALA A 31 -18.53 7.43 -0.71
CA ALA A 31 -19.74 8.07 -1.19
C ALA A 31 -19.89 7.92 -2.69
N MET A 32 -18.80 8.10 -3.44
CA MET A 32 -18.86 7.88 -4.88
C MET A 32 -19.19 6.44 -5.22
N SER A 33 -18.60 5.48 -4.51
CA SER A 33 -18.92 4.08 -4.73
C SER A 33 -20.37 3.77 -4.41
N LEU A 34 -20.91 4.36 -3.34
CA LEU A 34 -22.31 4.19 -3.01
C LEU A 34 -23.21 4.74 -4.11
N ILE A 35 -22.87 5.92 -4.64
CA ILE A 35 -23.66 6.49 -5.73
C ILE A 35 -23.61 5.58 -6.96
N ILE A 36 -22.41 5.10 -7.29
CA ILE A 36 -22.25 4.21 -8.45
C ILE A 36 -23.09 2.95 -8.26
N ARG A 37 -22.99 2.33 -7.09
CA ARG A 37 -23.64 1.06 -6.83
C ARG A 37 -25.14 1.23 -6.62
N LEU A 38 -25.60 2.44 -6.33
CA LEU A 38 -27.03 2.72 -6.23
C LEU A 38 -27.63 2.97 -7.61
N GLU A 39 -26.94 3.72 -8.46
CA GLU A 39 -27.40 3.91 -9.83
C GLU A 39 -27.36 2.60 -10.60
N LEU A 40 -26.35 1.77 -10.37
CA LEU A 40 -26.11 0.54 -11.11
C LEU A 40 -26.86 -0.64 -10.51
N ALA A 41 -27.92 -0.40 -9.74
CA ALA A 41 -28.68 -1.45 -9.08
C ALA A 41 -29.79 -2.03 -9.94
N ALA A 42 -30.38 -1.24 -10.83
CA ALA A 42 -31.45 -1.71 -11.69
C ALA A 42 -31.28 -1.07 -13.05
N PRO A 43 -31.61 -1.77 -14.13
CA PRO A 43 -31.43 -1.20 -15.47
C PRO A 43 -32.30 0.03 -15.68
N GLY A 44 -31.78 0.97 -16.44
CA GLY A 44 -32.43 2.24 -16.65
C GLY A 44 -31.82 3.34 -15.79
N SER A 45 -31.90 4.57 -16.30
CA SER A 45 -31.37 5.72 -15.59
C SER A 45 -32.26 6.01 -14.37
N GLN A 46 -31.81 5.59 -13.19
CA GLN A 46 -32.60 5.67 -11.98
C GLN A 46 -32.34 6.96 -11.21
N TYR A 47 -31.11 7.18 -10.78
CA TYR A 47 -30.75 8.33 -9.97
C TYR A 47 -30.05 9.43 -10.74
N LEU A 48 -29.18 9.07 -11.67
CA LEU A 48 -28.58 10.03 -12.59
C LEU A 48 -29.41 10.05 -13.87
N HIS A 49 -29.96 11.20 -14.21
CA HIS A 49 -30.88 11.29 -15.34
C HIS A 49 -30.11 11.13 -16.64
N GLY A 50 -29.94 9.89 -17.10
CA GLY A 50 -29.00 9.64 -18.17
C GLY A 50 -27.61 9.97 -17.69
N ASN A 51 -26.92 10.83 -18.44
CA ASN A 51 -25.65 11.41 -18.01
C ASN A 51 -24.63 10.33 -17.68
N SER A 52 -24.26 9.55 -18.69
CA SER A 52 -23.21 8.56 -18.52
C SER A 52 -21.86 9.22 -18.26
N GLN A 53 -21.67 10.46 -18.70
CA GLN A 53 -20.45 11.19 -18.39
C GLN A 53 -20.30 11.38 -16.89
N LEU A 54 -21.39 11.68 -16.20
CA LEU A 54 -21.34 11.81 -14.74
C LEU A 54 -20.97 10.48 -14.08
N PHE A 55 -21.50 9.37 -14.59
CA PHE A 55 -21.14 8.06 -14.03
C PHE A 55 -19.66 7.77 -14.23
N ASN A 56 -19.13 8.07 -15.42
CA ASN A 56 -17.70 7.88 -15.66
C ASN A 56 -16.86 8.77 -14.76
N VAL A 57 -17.29 10.02 -14.56
CA VAL A 57 -16.58 10.92 -13.67
C VAL A 57 -16.56 10.36 -12.25
N LEU A 58 -17.69 9.83 -11.80
CA LEU A 58 -17.75 9.22 -10.47
C LEU A 58 -16.84 8.01 -10.38
N VAL A 59 -16.77 7.20 -11.43
CA VAL A 59 -15.87 6.04 -11.41
C VAL A 59 -14.42 6.48 -11.28
N VAL A 60 -14.02 7.48 -12.06
CA VAL A 60 -12.65 8.00 -11.96
C VAL A 60 -12.39 8.54 -10.57
N GLY A 61 -13.31 9.35 -10.03
CA GLY A 61 -13.10 9.91 -8.71
C GLY A 61 -13.01 8.85 -7.64
N HIS A 62 -13.87 7.83 -7.70
CA HIS A 62 -13.83 6.74 -6.74
C HIS A 62 -12.50 6.02 -6.79
N ALA A 63 -12.05 5.63 -7.99
CA ALA A 63 -10.80 4.89 -8.11
C ALA A 63 -9.61 5.70 -7.61
N VAL A 64 -9.52 6.96 -8.04
CA VAL A 64 -8.42 7.81 -7.60
C VAL A 64 -8.45 8.09 -6.11
N LEU A 65 -9.63 8.36 -5.55
CA LEU A 65 -9.75 8.65 -4.13
C LEU A 65 -9.37 7.45 -3.29
N MET A 66 -9.81 6.25 -3.69
CA MET A 66 -9.38 5.04 -2.99
C MET A 66 -7.89 4.77 -3.12
N ILE A 67 -7.31 4.92 -4.31
CA ILE A 67 -5.95 4.46 -4.54
C ILE A 67 -4.93 5.51 -4.08
N PHE A 68 -4.97 6.69 -4.69
CA PHE A 68 -3.95 7.70 -4.48
C PHE A 68 -4.21 8.58 -3.27
N PHE A 69 -5.38 8.51 -2.65
CA PHE A 69 -5.70 9.39 -1.55
C PHE A 69 -6.21 8.69 -0.29
N LEU A 70 -6.46 7.39 -0.32
CA LEU A 70 -6.83 6.65 0.88
C LEU A 70 -5.79 5.60 1.25
N VAL A 71 -5.46 4.70 0.32
CA VAL A 71 -4.57 3.59 0.65
C VAL A 71 -3.15 4.08 0.87
N MET A 72 -2.67 5.00 0.01
CA MET A 72 -1.27 5.40 0.11
C MET A 72 -1.01 6.39 1.24
N PRO A 73 -1.82 7.45 1.43
CA PRO A 73 -1.59 8.31 2.61
C PRO A 73 -1.67 7.55 3.92
N ALA A 74 -2.50 6.51 3.99
CA ALA A 74 -2.66 5.78 5.25
C ALA A 74 -1.55 4.75 5.44
N LEU A 75 -1.33 3.89 4.45
CA LEU A 75 -0.31 2.86 4.55
C LEU A 75 1.09 3.48 4.49
N ILE A 76 1.42 4.12 3.37
CA ILE A 76 2.75 4.67 3.15
C ILE A 76 2.95 5.90 4.03
N GLY A 77 2.01 6.83 3.97
CA GLY A 77 2.14 8.07 4.71
C GLY A 77 1.95 7.91 6.21
N GLY A 78 0.74 7.58 6.63
CA GLY A 78 0.43 7.55 8.05
C GLY A 78 1.23 6.52 8.82
N PHE A 79 0.96 5.24 8.56
CA PHE A 79 1.65 4.17 9.28
C PHE A 79 3.14 4.18 9.00
N GLY A 80 3.53 4.38 7.74
CA GLY A 80 4.95 4.39 7.40
C GLY A 80 5.72 5.48 8.09
N ASN A 81 5.15 6.70 8.12
CA ASN A 81 5.84 7.81 8.78
C ASN A 81 5.78 7.69 10.30
N TYR A 82 4.73 7.12 10.86
CA TYR A 82 4.64 7.05 12.32
C TYR A 82 5.50 5.94 12.89
N LEU A 83 5.62 4.81 12.20
CA LEU A 83 6.24 3.61 12.77
C LEU A 83 7.68 3.39 12.34
N LEU A 84 8.04 3.74 11.10
CA LEU A 84 9.38 3.47 10.60
C LEU A 84 10.45 4.11 11.48
N PRO A 85 10.34 5.39 11.84
CA PRO A 85 11.30 5.93 12.82
C PRO A 85 11.23 5.24 14.16
N LEU A 86 10.03 4.84 14.59
CA LEU A 86 9.86 4.22 15.90
C LEU A 86 10.39 2.79 15.92
N MET A 87 10.11 2.02 14.87
CA MET A 87 10.56 0.63 14.83
C MET A 87 12.06 0.50 14.73
N ILE A 88 12.73 1.42 14.01
CA ILE A 88 14.18 1.36 13.87
C ILE A 88 14.91 2.19 14.91
N GLY A 89 14.18 2.85 15.81
CA GLY A 89 14.82 3.67 16.82
C GLY A 89 15.31 5.01 16.35
N ALA A 90 14.93 5.43 15.15
CA ALA A 90 15.30 6.75 14.67
C ALA A 90 14.60 7.83 15.47
N THR A 91 15.37 8.85 15.85
CA THR A 91 14.82 9.93 16.68
C THR A 91 13.74 10.70 15.92
N ASP A 92 14.00 10.99 14.65
CA ASP A 92 13.07 11.72 13.80
C ASP A 92 13.49 11.49 12.36
N THR A 93 12.50 11.35 11.46
CA THR A 93 12.79 10.98 10.09
C THR A 93 13.71 12.01 9.43
N ALA A 94 14.62 11.52 8.59
CA ALA A 94 15.48 12.39 7.81
C ALA A 94 14.64 13.20 6.83
N PHE A 95 15.20 14.31 6.37
CA PHE A 95 14.54 15.19 5.41
C PHE A 95 13.15 15.55 5.91
N PRO A 96 13.00 16.10 7.12
CA PRO A 96 11.64 16.29 7.67
C PRO A 96 10.80 17.27 6.89
N ARG A 97 11.41 18.32 6.32
CA ARG A 97 10.66 19.27 5.51
C ARG A 97 10.11 18.62 4.25
N ILE A 98 10.86 17.69 3.66
CA ILE A 98 10.35 16.92 2.53
C ILE A 98 9.14 16.07 2.96
N ASN A 99 9.24 15.48 4.16
CA ASN A 99 8.11 14.72 4.70
C ASN A 99 6.88 15.60 4.88
N ASN A 100 7.07 16.85 5.27
CA ASN A 100 5.94 17.76 5.41
C ASN A 100 5.37 18.16 4.06
N ILE A 101 6.23 18.46 3.09
CA ILE A 101 5.76 18.92 1.79
C ILE A 101 5.03 17.83 1.03
N ALA A 102 5.39 16.55 1.21
CA ALA A 102 4.63 15.48 0.58
C ALA A 102 3.17 15.49 1.05
N PHE A 103 2.98 15.49 2.38
CA PHE A 103 1.63 15.56 2.90
C PHE A 103 0.92 16.81 2.39
N TRP A 104 1.60 17.95 2.39
CA TRP A 104 0.92 19.19 2.06
C TRP A 104 0.63 19.35 0.57
N VAL A 105 1.31 18.59 -0.30
CA VAL A 105 0.90 18.59 -1.70
C VAL A 105 -0.18 17.55 -1.96
N LEU A 106 -0.42 16.64 -1.02
CA LEU A 106 -1.57 15.74 -1.19
C LEU A 106 -2.93 16.46 -1.26
N PRO A 107 -3.37 17.21 -0.24
CA PRO A 107 -4.74 17.77 -0.28
C PRO A 107 -4.95 18.78 -1.38
N MET A 108 -3.88 19.36 -1.92
CA MET A 108 -4.00 20.25 -3.06
C MET A 108 -4.23 19.48 -4.35
N GLY A 109 -3.63 18.30 -4.46
CA GLY A 109 -4.08 17.37 -5.48
C GLY A 109 -5.55 17.03 -5.31
N LEU A 110 -6.01 16.89 -4.07
CA LEU A 110 -7.45 16.70 -3.84
C LEU A 110 -8.25 17.89 -4.36
N VAL A 111 -7.79 19.10 -4.07
CA VAL A 111 -8.52 20.31 -4.47
C VAL A 111 -8.64 20.37 -5.99
N CYS A 112 -7.54 20.11 -6.69
CA CYS A 112 -7.59 20.17 -8.15
C CYS A 112 -8.36 19.00 -8.76
N LEU A 113 -8.34 17.82 -8.15
CA LEU A 113 -9.19 16.73 -8.62
C LEU A 113 -10.67 17.08 -8.45
N VAL A 114 -11.04 17.64 -7.30
CA VAL A 114 -12.43 18.02 -7.08
C VAL A 114 -12.86 19.08 -8.08
N THR A 115 -12.03 20.13 -8.27
CA THR A 115 -12.40 21.15 -9.23
C THR A 115 -12.38 20.62 -10.66
N SER A 116 -11.64 19.56 -10.95
CA SER A 116 -11.78 18.87 -12.23
C SER A 116 -13.15 18.23 -12.35
N THR A 117 -13.63 17.64 -11.26
CA THR A 117 -14.99 17.08 -11.26
C THR A 117 -16.03 18.18 -11.44
N LEU A 118 -15.75 19.39 -10.94
CA LEU A 118 -16.74 20.47 -10.97
C LEU A 118 -16.74 21.23 -12.30
N VAL A 119 -15.61 21.27 -12.99
CA VAL A 119 -15.51 22.04 -14.24
C VAL A 119 -16.30 21.34 -15.34
N GLU A 120 -16.36 21.97 -16.52
CA GLU A 120 -17.38 21.82 -17.54
C GLU A 120 -18.01 20.43 -17.65
N SER A 121 -17.19 19.38 -17.74
CA SER A 121 -17.76 18.05 -17.88
C SER A 121 -17.17 17.00 -16.95
N GLY A 122 -15.96 17.18 -16.46
CA GLY A 122 -15.35 16.17 -15.61
C GLY A 122 -14.57 15.14 -16.41
N ALA A 123 -13.62 14.46 -15.77
CA ALA A 123 -12.83 13.45 -16.44
C ALA A 123 -13.60 12.14 -16.47
N GLY A 124 -13.95 11.69 -17.67
CA GLY A 124 -14.70 10.45 -17.82
C GLY A 124 -13.93 9.39 -18.61
N THR A 125 -12.65 9.25 -18.30
CA THR A 125 -11.76 8.35 -19.04
C THR A 125 -11.44 7.08 -18.26
N GLY A 126 -11.93 6.94 -17.03
CA GLY A 126 -11.48 5.90 -16.14
C GLY A 126 -10.26 6.34 -15.34
N TRP A 127 -9.90 5.52 -14.36
CA TRP A 127 -8.70 5.84 -13.59
C TRP A 127 -7.46 5.73 -14.46
N THR A 128 -7.42 4.75 -15.37
CA THR A 128 -6.52 4.83 -16.50
C THR A 128 -7.02 5.91 -17.44
N VAL A 129 -6.11 6.67 -18.02
CA VAL A 129 -6.47 7.92 -18.69
C VAL A 129 -6.15 7.74 -20.18
N TYR A 130 -6.42 6.54 -20.68
CA TYR A 130 -6.08 6.16 -22.06
C TYR A 130 -6.47 7.25 -23.06
N PRO A 131 -5.60 7.61 -23.99
CA PRO A 131 -6.03 8.34 -25.18
C PRO A 131 -6.58 7.38 -26.21
N PRO A 132 -7.25 7.86 -27.27
CA PRO A 132 -7.58 9.26 -27.60
C PRO A 132 -8.86 9.73 -26.93
N LEU A 133 -9.42 8.90 -26.06
CA LEU A 133 -10.56 9.34 -25.26
C LEU A 133 -10.16 10.49 -24.35
N SER A 134 -8.94 10.47 -23.83
CA SER A 134 -8.42 11.54 -22.99
C SER A 134 -7.70 12.63 -23.78
N SER A 135 -7.66 12.53 -25.10
CA SER A 135 -7.03 13.55 -25.92
C SER A 135 -7.92 14.80 -25.90
N ILE A 136 -7.49 15.85 -26.60
CA ILE A 136 -8.26 17.10 -26.60
C ILE A 136 -9.50 17.01 -27.46
N GLN A 137 -9.56 16.06 -28.40
CA GLN A 137 -10.75 15.90 -29.22
C GLN A 137 -11.94 15.36 -28.45
N ALA A 138 -11.76 14.29 -27.69
CA ALA A 138 -12.86 13.61 -27.00
C ALA A 138 -13.18 14.24 -25.65
N HIS A 139 -12.17 14.73 -24.94
CA HIS A 139 -12.37 15.43 -23.67
C HIS A 139 -11.81 16.84 -23.80
N SER A 140 -12.70 17.81 -23.95
CA SER A 140 -12.33 19.22 -23.89
C SER A 140 -12.52 19.74 -22.47
N GLY A 141 -12.03 20.94 -22.20
CA GLY A 141 -12.11 21.51 -20.88
C GLY A 141 -10.91 21.13 -20.04
N PRO A 142 -10.77 21.78 -18.89
CA PRO A 142 -9.54 21.59 -18.09
C PRO A 142 -9.62 20.45 -17.09
N SER A 143 -10.68 19.63 -17.17
CA SER A 143 -10.87 18.59 -16.17
C SER A 143 -9.78 17.53 -16.24
N VAL A 144 -9.48 17.04 -17.45
CA VAL A 144 -8.44 16.02 -17.59
C VAL A 144 -7.08 16.58 -17.20
N ASP A 145 -6.82 17.85 -17.53
CA ASP A 145 -5.58 18.48 -17.11
C ASP A 145 -5.48 18.55 -15.59
N LEU A 146 -6.58 18.90 -14.92
CA LEU A 146 -6.56 18.97 -13.46
C LEU A 146 -6.40 17.60 -12.83
N ALA A 147 -6.99 16.56 -13.41
CA ALA A 147 -6.74 15.20 -12.92
C ALA A 147 -5.29 14.79 -13.13
N ILE A 148 -4.71 15.14 -14.28
CA ILE A 148 -3.29 14.95 -14.52
C ILE A 148 -2.44 15.65 -13.47
N PHE A 149 -2.80 16.88 -13.11
CA PHE A 149 -2.05 17.60 -12.09
C PHE A 149 -2.22 17.00 -10.71
N ALA A 150 -3.41 16.47 -10.40
CA ALA A 150 -3.59 15.75 -9.14
C ALA A 150 -2.70 14.51 -9.08
N LEU A 151 -2.63 13.77 -10.19
CA LEU A 151 -1.73 12.63 -10.25
C LEU A 151 -0.28 13.04 -10.13
N HIS A 152 0.10 14.17 -10.73
CA HIS A 152 1.45 14.68 -10.57
C HIS A 152 1.76 15.04 -9.12
N LEU A 153 0.80 15.69 -8.44
CA LEU A 153 1.02 16.08 -7.05
C LEU A 153 1.16 14.87 -6.14
N THR A 154 0.29 13.87 -6.32
CA THR A 154 0.42 12.67 -5.51
C THR A 154 1.67 11.86 -5.87
N SER A 155 2.12 11.90 -7.13
CA SER A 155 3.38 11.28 -7.48
C SER A 155 4.56 11.97 -6.81
N ILE A 156 4.52 13.31 -6.77
CA ILE A 156 5.55 14.06 -6.05
C ILE A 156 5.57 13.65 -4.57
N SER A 157 4.39 13.59 -3.96
CA SER A 157 4.31 13.22 -2.55
C SER A 157 4.86 11.83 -2.31
N SER A 158 4.45 10.86 -3.14
CA SER A 158 4.89 9.48 -2.95
C SER A 158 6.39 9.34 -3.18
N LEU A 159 6.93 10.00 -4.20
CA LEU A 159 8.36 9.89 -4.49
C LEU A 159 9.19 10.53 -3.38
N LEU A 160 8.77 11.69 -2.89
CA LEU A 160 9.49 12.33 -1.79
C LEU A 160 9.44 11.47 -0.54
N GLY A 161 8.27 10.90 -0.23
CA GLY A 161 8.17 9.99 0.90
C GLY A 161 9.04 8.75 0.74
N ALA A 162 9.14 8.24 -0.49
CA ALA A 162 9.98 7.07 -0.74
C ALA A 162 11.46 7.40 -0.50
N ILE A 163 11.91 8.56 -0.99
CA ILE A 163 13.29 8.96 -0.75
C ILE A 163 13.53 9.12 0.75
N ASN A 164 12.60 9.77 1.44
CA ASN A 164 12.75 9.94 2.89
C ASN A 164 12.83 8.61 3.60
N PHE A 165 11.95 7.66 3.25
CA PHE A 165 11.96 6.36 3.92
C PHE A 165 13.25 5.61 3.64
N ILE A 166 13.72 5.63 2.40
CA ILE A 166 14.96 4.95 2.04
C ILE A 166 16.12 5.50 2.86
N VAL A 167 16.27 6.83 2.88
CA VAL A 167 17.36 7.43 3.63
C VAL A 167 17.23 7.18 5.13
N THR A 168 16.03 7.28 5.69
CA THR A 168 15.84 7.06 7.12
C THR A 168 16.22 5.63 7.51
N THR A 169 15.72 4.64 6.78
CA THR A 169 15.98 3.26 7.14
C THR A 169 17.37 2.78 6.76
N LEU A 170 18.07 3.50 5.88
CA LEU A 170 19.43 3.10 5.56
C LEU A 170 20.46 3.78 6.45
N ASN A 171 20.19 5.02 6.86
CA ASN A 171 21.17 5.80 7.59
C ASN A 171 20.86 5.91 9.08
N MET A 172 19.59 6.09 9.44
CA MET A 172 19.21 6.47 10.79
C MET A 172 18.80 5.28 11.65
N ARG A 173 19.23 4.08 11.30
CA ARG A 173 18.97 2.94 12.17
C ARG A 173 19.72 3.11 13.48
N THR A 174 19.13 2.57 14.55
CA THR A 174 19.75 2.67 15.87
C THR A 174 21.05 1.89 15.89
N ASN A 175 21.81 2.03 16.97
CA ASN A 175 23.18 1.56 16.99
C ASN A 175 23.29 0.03 16.95
N GLY A 176 22.24 -0.68 17.33
CA GLY A 176 22.30 -2.13 17.33
C GLY A 176 21.75 -2.84 16.11
N MET A 177 20.98 -2.15 15.27
CA MET A 177 20.27 -2.80 14.16
C MET A 177 21.15 -2.85 12.92
N THR A 178 21.48 -4.05 12.48
CA THR A 178 21.86 -4.27 11.11
C THR A 178 20.60 -4.42 10.25
N MET A 179 20.78 -4.42 8.93
CA MET A 179 19.64 -4.52 8.03
C MET A 179 18.89 -5.83 8.21
N HIS A 180 19.59 -6.89 8.61
CA HIS A 180 18.96 -8.19 8.82
C HIS A 180 18.08 -8.25 10.06
N LYS A 181 18.25 -7.32 11.00
CA LYS A 181 17.50 -7.32 12.24
C LYS A 181 16.31 -6.36 12.20
N LEU A 182 16.00 -5.80 11.04
CA LEU A 182 14.91 -4.85 10.91
C LEU A 182 13.56 -5.57 11.05
N PRO A 183 12.57 -4.90 11.61
CA PRO A 183 11.21 -5.47 11.63
C PRO A 183 10.64 -5.57 10.22
N LEU A 184 9.68 -6.49 10.07
CA LEU A 184 9.15 -6.80 8.76
C LEU A 184 8.42 -5.62 8.12
N PHE A 185 7.70 -4.83 8.92
CA PHE A 185 7.03 -3.64 8.39
C PHE A 185 8.04 -2.65 7.83
N VAL A 186 9.19 -2.52 8.48
CA VAL A 186 10.25 -1.64 7.98
C VAL A 186 10.75 -2.12 6.64
N TRP A 187 10.98 -3.43 6.50
CA TRP A 187 11.40 -3.99 5.22
C TRP A 187 10.35 -3.76 4.14
N SER A 188 9.07 -3.95 4.47
CA SER A 188 8.01 -3.74 3.50
C SER A 188 7.98 -2.29 3.02
N ILE A 189 8.09 -1.35 3.96
CA ILE A 189 8.10 0.07 3.60
C ILE A 189 9.32 0.41 2.75
N PHE A 190 10.48 -0.15 3.08
CA PHE A 190 11.70 0.10 2.31
C PHE A 190 11.56 -0.40 0.87
N ILE A 191 11.04 -1.62 0.71
CA ILE A 191 10.86 -2.19 -0.62
C ILE A 191 9.81 -1.39 -1.40
N THR A 192 8.74 -0.99 -0.73
CA THR A 192 7.71 -0.17 -1.38
C THR A 192 8.29 1.18 -1.81
N ALA A 193 9.18 1.75 -1.00
CA ALA A 193 9.82 3.01 -1.37
C ALA A 193 10.65 2.84 -2.64
N PHE A 194 11.41 1.75 -2.73
CA PHE A 194 12.15 1.52 -3.98
C PHE A 194 11.21 1.30 -5.17
N LEU A 195 10.10 0.58 -4.96
CA LEU A 195 9.13 0.42 -6.04
C LEU A 195 8.58 1.76 -6.52
N LEU A 196 8.22 2.64 -5.57
CA LEU A 196 7.76 3.97 -5.95
C LEU A 196 8.83 4.74 -6.70
N LEU A 197 10.07 4.67 -6.21
CA LEU A 197 11.18 5.37 -6.85
C LEU A 197 11.39 4.93 -8.29
N LEU A 198 11.28 3.63 -8.55
CA LEU A 198 11.51 3.11 -9.89
C LEU A 198 10.27 3.12 -10.77
N SER A 199 9.09 3.40 -10.21
CA SER A 199 7.84 3.39 -10.97
C SER A 199 7.34 4.78 -11.32
N LEU A 200 7.29 5.69 -10.35
CA LEU A 200 6.68 6.99 -10.60
C LEU A 200 7.30 7.79 -11.75
N PRO A 201 8.61 7.76 -12.01
CA PRO A 201 9.13 8.51 -13.17
C PRO A 201 8.47 8.13 -14.50
N VAL A 202 8.19 6.85 -14.72
CA VAL A 202 7.56 6.43 -15.97
C VAL A 202 6.15 6.98 -16.07
N LEU A 203 5.38 6.90 -14.97
CA LEU A 203 4.05 7.48 -14.96
C LEU A 203 4.09 8.98 -15.22
N SER A 204 5.04 9.67 -14.59
CA SER A 204 5.16 11.11 -14.81
C SER A 204 5.47 11.43 -16.27
N ALA A 205 6.38 10.68 -16.88
CA ALA A 205 6.71 10.92 -18.28
C ALA A 205 5.49 10.70 -19.18
N GLY A 206 4.80 9.57 -18.99
CA GLY A 206 3.64 9.28 -19.82
C GLY A 206 2.52 10.28 -19.66
N ILE A 207 2.22 10.65 -18.41
CA ILE A 207 1.13 11.59 -18.15
C ILE A 207 1.50 12.98 -18.65
N THR A 208 2.76 13.39 -18.51
CA THR A 208 3.17 14.68 -19.04
C THR A 208 3.09 14.71 -20.56
N MET A 209 3.47 13.62 -21.23
CA MET A 209 3.31 13.57 -22.68
C MET A 209 1.85 13.61 -23.09
N LEU A 210 0.98 12.96 -22.32
CA LEU A 210 -0.45 13.06 -22.58
C LEU A 210 -0.94 14.50 -22.44
N LEU A 211 -0.48 15.20 -21.41
CA LEU A 211 -0.88 16.59 -21.22
C LEU A 211 -0.37 17.46 -22.36
N LEU A 212 0.87 17.23 -22.80
CA LEU A 212 1.41 17.97 -23.94
C LEU A 212 0.60 17.71 -25.20
N ASP A 213 0.21 16.46 -25.43
CA ASP A 213 -0.66 16.16 -26.58
C ASP A 213 -1.98 16.90 -26.46
N ARG A 214 -2.55 16.95 -25.26
CA ARG A 214 -3.82 17.62 -25.06
C ARG A 214 -3.73 19.10 -25.36
N ASN A 215 -2.69 19.78 -24.87
CA ASN A 215 -2.70 21.24 -24.83
C ASN A 215 -1.59 21.91 -25.62
N PHE A 216 -0.52 21.20 -25.99
CA PHE A 216 0.57 21.81 -26.73
C PHE A 216 0.62 21.32 -28.17
N ASN A 217 -0.48 20.73 -28.66
CA ASN A 217 -0.69 20.41 -30.08
C ASN A 217 0.31 19.35 -30.56
N THR A 218 1.18 18.87 -29.69
CA THR A 218 2.13 17.83 -30.05
C THR A 218 1.42 16.49 -30.13
N SER A 219 2.10 15.50 -30.70
CA SER A 219 1.50 14.19 -30.98
C SER A 219 2.42 13.08 -30.49
N PHE A 220 2.26 12.69 -29.23
CA PHE A 220 2.89 11.48 -28.72
C PHE A 220 2.00 10.26 -28.91
N PHE A 221 0.68 10.45 -28.75
CA PHE A 221 -0.29 9.38 -28.92
C PHE A 221 -1.35 9.69 -29.97
N GLU A 222 -1.18 10.76 -30.75
CA GLU A 222 -2.15 11.11 -31.78
C GLU A 222 -1.90 10.27 -33.02
N VAL A 223 -2.92 9.52 -33.45
CA VAL A 223 -2.78 8.70 -34.65
C VAL A 223 -2.60 9.59 -35.88
N SER A 224 -3.12 10.81 -35.83
CA SER A 224 -2.91 11.78 -36.90
C SER A 224 -1.61 12.52 -36.62
N GLY A 225 -0.50 11.90 -37.03
CA GLY A 225 0.81 12.45 -36.75
C GLY A 225 1.84 11.38 -36.47
N GLY A 226 1.38 10.14 -36.28
CA GLY A 226 2.26 9.01 -36.09
C GLY A 226 2.27 8.41 -34.70
N GLY A 227 1.42 8.90 -33.79
CA GLY A 227 1.40 8.40 -32.44
C GLY A 227 0.71 7.07 -32.30
N ASP A 228 0.76 6.53 -31.08
CA ASP A 228 0.14 5.25 -30.78
C ASP A 228 -0.29 5.24 -29.32
N PRO A 229 -1.59 5.11 -29.01
CA PRO A 229 -2.01 5.01 -27.61
C PRO A 229 -1.45 3.80 -26.88
N ILE A 230 -1.01 2.77 -27.61
CA ILE A 230 -0.38 1.62 -26.99
C ILE A 230 0.89 2.01 -26.24
N LEU A 231 1.58 3.06 -26.69
CA LEU A 231 2.72 3.58 -25.92
C LEU A 231 2.27 4.08 -24.55
N TYR A 232 1.15 4.82 -24.51
CA TYR A 232 0.61 5.26 -23.24
C TYR A 232 0.21 4.08 -22.37
N GLU A 233 -0.40 3.06 -22.98
CA GLU A 233 -0.77 1.87 -22.22
C GLU A 233 0.47 1.23 -21.59
N HIS A 234 1.54 1.10 -22.37
CA HIS A 234 2.78 0.52 -21.86
C HIS A 234 3.30 1.31 -20.68
N LEU A 235 3.43 2.63 -20.85
CA LEU A 235 3.98 3.45 -19.77
C LEU A 235 3.10 3.39 -18.52
N PHE A 236 1.80 3.56 -18.69
CA PHE A 236 0.90 3.59 -17.54
C PHE A 236 0.91 2.26 -16.80
N TRP A 237 0.92 1.14 -17.51
CA TRP A 237 0.89 -0.14 -16.80
C TRP A 237 2.24 -0.51 -16.20
N PHE A 238 3.35 -0.13 -16.87
CA PHE A 238 4.66 -0.23 -16.24
C PHE A 238 4.69 0.51 -14.91
N PHE A 239 3.96 1.63 -14.81
CA PHE A 239 3.79 2.26 -13.50
C PHE A 239 2.82 1.48 -12.63
N GLY A 240 1.69 1.04 -13.19
CA GLY A 240 0.52 0.74 -12.38
C GLY A 240 0.55 -0.63 -11.73
N HIS A 241 1.27 -1.57 -12.33
CA HIS A 241 1.29 -2.87 -11.66
C HIS A 241 2.22 -2.83 -10.45
N PRO A 242 3.41 -2.25 -10.57
CA PRO A 242 4.17 -1.93 -9.35
C PRO A 242 3.37 -1.06 -8.40
N GLU A 243 2.42 -0.27 -8.90
CA GLU A 243 1.59 0.54 -8.00
C GLU A 243 0.69 -0.35 -7.14
N VAL A 244 0.09 -1.38 -7.72
CA VAL A 244 -0.76 -2.25 -6.90
C VAL A 244 0.09 -3.04 -5.92
N TYR A 245 1.31 -3.44 -6.32
CA TYR A 245 2.14 -4.09 -5.31
C TYR A 245 2.61 -3.11 -4.23
N ILE A 246 2.79 -1.84 -4.58
CA ILE A 246 3.03 -0.79 -3.60
C ILE A 246 1.87 -0.71 -2.62
N LEU A 247 0.64 -0.83 -3.13
CA LEU A 247 -0.53 -0.82 -2.26
C LEU A 247 -0.57 -2.02 -1.33
N ILE A 248 -0.12 -3.19 -1.81
CA ILE A 248 -0.34 -4.41 -1.04
C ILE A 248 0.81 -4.78 -0.09
N ILE A 249 2.04 -4.41 -0.39
CA ILE A 249 3.19 -4.87 0.38
C ILE A 249 3.17 -4.36 1.82
N PRO A 250 2.88 -3.07 2.09
CA PRO A 250 2.72 -2.65 3.49
C PRO A 250 1.62 -3.40 4.22
N GLY A 251 0.57 -3.82 3.52
CA GLY A 251 -0.40 -4.71 4.12
C GLY A 251 0.22 -6.02 4.57
N PHE A 252 1.10 -6.58 3.73
CA PHE A 252 1.86 -7.76 4.12
C PHE A 252 2.69 -7.51 5.37
N GLY A 253 3.34 -6.36 5.45
CA GLY A 253 4.13 -6.02 6.64
C GLY A 253 3.30 -5.90 7.89
N ILE A 254 2.13 -5.28 7.78
CA ILE A 254 1.25 -5.10 8.94
C ILE A 254 0.69 -6.45 9.40
N ILE A 255 0.29 -7.30 8.44
CA ILE A 255 -0.31 -8.58 8.79
C ILE A 255 0.70 -9.47 9.51
N SER A 256 1.97 -9.41 9.12
CA SER A 256 2.98 -10.20 9.81
C SER A 256 3.08 -9.80 11.29
N HIS A 257 3.11 -8.50 11.55
CA HIS A 257 3.18 -8.03 12.93
C HIS A 257 1.94 -8.45 13.72
N VAL A 258 0.76 -8.27 13.13
CA VAL A 258 -0.47 -8.62 13.84
C VAL A 258 -0.52 -10.13 14.14
N VAL A 259 -0.15 -10.96 13.18
CA VAL A 259 -0.14 -12.40 13.40
C VAL A 259 0.87 -12.77 14.47
N SER A 260 2.07 -12.20 14.42
CA SER A 260 3.10 -12.55 15.39
C SER A 260 2.73 -12.10 16.80
N THR A 261 1.99 -11.01 16.93
CA THR A 261 1.63 -10.51 18.26
C THR A 261 0.36 -11.13 18.82
N TYR A 262 -0.56 -11.60 17.96
CA TYR A 262 -1.79 -12.22 18.44
C TYR A 262 -1.76 -13.73 18.36
N SER A 263 -0.66 -14.32 17.90
CA SER A 263 -0.43 -15.76 18.04
C SER A 263 0.64 -16.06 19.08
N LYS A 264 1.33 -15.04 19.58
CA LYS A 264 2.35 -15.18 20.62
C LYS A 264 3.46 -16.15 20.21
N LYS A 265 3.86 -16.09 18.93
CA LYS A 265 5.04 -16.79 18.45
C LYS A 265 5.53 -16.07 17.22
N PRO A 266 6.85 -16.02 17.00
CA PRO A 266 7.40 -15.15 15.95
C PRO A 266 7.03 -15.64 14.56
N VAL A 267 7.29 -14.77 13.59
CA VAL A 267 6.93 -15.05 12.19
C VAL A 267 7.75 -16.22 11.67
N PHE A 268 7.10 -17.10 10.92
CA PHE A 268 7.73 -18.31 10.40
C PHE A 268 8.57 -17.94 9.16
N GLY A 269 9.88 -17.88 9.33
CA GLY A 269 10.76 -17.53 8.22
C GLY A 269 10.75 -16.06 7.88
N GLU A 270 11.22 -15.22 8.81
CA GLU A 270 11.22 -13.77 8.59
C GLU A 270 12.13 -13.37 7.43
N ILE A 271 13.31 -13.99 7.36
CA ILE A 271 14.22 -13.71 6.25
C ILE A 271 13.59 -14.12 4.94
N SER A 272 12.85 -15.24 4.92
CA SER A 272 12.10 -15.62 3.74
C SER A 272 11.00 -14.61 3.44
N MET A 273 10.42 -13.99 4.47
CA MET A 273 9.46 -12.91 4.23
C MET A 273 10.10 -11.75 3.48
N VAL A 274 11.29 -11.34 3.94
CA VAL A 274 11.99 -10.25 3.27
C VAL A 274 12.33 -10.62 1.84
N TYR A 275 12.82 -11.85 1.63
CA TYR A 275 13.15 -12.30 0.28
C TYR A 275 11.92 -12.36 -0.61
N ALA A 276 10.79 -12.83 -0.09
CA ALA A 276 9.55 -12.89 -0.86
C ALA A 276 9.06 -11.50 -1.24
N MET A 277 9.08 -10.54 -0.31
CA MET A 277 8.68 -9.19 -0.67
C MET A 277 9.62 -8.59 -1.71
N ALA A 278 10.92 -8.82 -1.57
CA ALA A 278 11.86 -8.31 -2.56
C ALA A 278 11.61 -8.93 -3.94
N SER A 279 11.36 -10.25 -3.98
CA SER A 279 11.09 -10.91 -5.25
C SER A 279 9.79 -10.40 -5.86
N ILE A 280 8.77 -10.17 -5.04
CA ILE A 280 7.50 -9.63 -5.54
C ILE A 280 7.71 -8.25 -6.13
N GLY A 281 8.46 -7.38 -5.42
CA GLY A 281 8.73 -6.07 -5.95
C GLY A 281 9.53 -6.09 -7.23
N LEU A 282 10.53 -6.98 -7.33
CA LEU A 282 11.31 -7.08 -8.54
C LEU A 282 10.49 -7.61 -9.71
N LEU A 283 9.63 -8.60 -9.45
CA LEU A 283 8.82 -9.20 -10.50
C LEU A 283 7.63 -8.33 -10.91
N GLY A 284 7.25 -7.34 -10.10
CA GLY A 284 6.18 -6.45 -10.49
C GLY A 284 6.52 -5.63 -11.72
N PHE A 285 7.81 -5.40 -11.95
CA PHE A 285 8.26 -4.61 -13.09
C PHE A 285 8.34 -5.41 -14.39
N LEU A 286 8.22 -6.73 -14.32
CA LEU A 286 8.43 -7.59 -15.47
C LEU A 286 7.14 -8.15 -16.06
N VAL A 287 5.98 -7.80 -15.50
CA VAL A 287 4.72 -8.44 -15.85
C VAL A 287 3.65 -7.41 -16.25
N TRP A 288 4.04 -6.17 -16.49
CA TRP A 288 3.10 -5.08 -16.65
C TRP A 288 2.15 -5.25 -17.84
N SER A 289 2.51 -6.08 -18.82
CA SER A 289 1.77 -6.13 -20.08
C SER A 289 0.65 -7.17 -20.06
N HIS A 290 0.29 -7.69 -18.89
CA HIS A 290 -0.86 -8.58 -18.83
C HIS A 290 -2.17 -7.84 -18.66
N HIS A 291 -2.12 -6.52 -18.48
CA HIS A 291 -3.31 -5.68 -18.50
C HIS A 291 -3.74 -5.33 -19.91
N MET A 292 -2.95 -5.71 -20.91
CA MET A 292 -3.13 -5.29 -22.29
C MET A 292 -2.91 -6.47 -23.23
N TYR A 293 -3.47 -7.63 -22.87
CA TYR A 293 -3.44 -8.81 -23.70
C TYR A 293 -4.31 -8.68 -24.95
N ILE A 294 -5.17 -7.67 -25.01
CA ILE A 294 -6.19 -7.57 -26.04
C ILE A 294 -5.71 -6.69 -27.18
N VAL A 295 -4.74 -5.82 -26.89
CA VAL A 295 -4.30 -4.82 -27.86
C VAL A 295 -3.68 -5.42 -29.11
N GLY A 296 -3.37 -6.71 -29.10
CA GLY A 296 -2.85 -7.36 -30.29
C GLY A 296 -1.35 -7.60 -30.25
N LEU A 297 -0.84 -8.01 -29.09
CA LEU A 297 0.56 -8.37 -28.97
C LEU A 297 0.81 -9.71 -29.66
N ASP A 298 2.08 -9.98 -29.93
CA ASP A 298 2.46 -11.24 -30.55
C ASP A 298 2.20 -12.40 -29.59
N ALA A 299 2.12 -13.61 -30.15
CA ALA A 299 1.89 -14.78 -29.34
C ALA A 299 3.03 -15.02 -28.35
N ASP A 300 4.27 -14.80 -28.79
CA ASP A 300 5.42 -15.00 -27.91
C ASP A 300 5.42 -14.01 -26.76
N THR A 301 5.04 -12.75 -27.01
CA THR A 301 5.00 -11.76 -25.93
C THR A 301 3.99 -12.15 -24.86
N ARG A 302 2.78 -12.54 -25.28
CA ARG A 302 1.76 -12.96 -24.33
C ARG A 302 2.17 -14.24 -23.62
N ALA A 303 2.83 -15.15 -24.32
CA ALA A 303 3.31 -16.39 -23.70
C ALA A 303 4.36 -16.11 -22.63
N TYR A 304 5.26 -15.17 -22.88
CA TYR A 304 6.22 -14.79 -21.84
C TYR A 304 5.53 -14.11 -20.67
N PHE A 305 4.58 -13.22 -20.97
CA PHE A 305 4.00 -12.41 -19.90
C PHE A 305 3.06 -13.21 -19.01
N THR A 306 2.36 -14.21 -19.55
CA THR A 306 1.57 -15.06 -18.67
C THR A 306 2.46 -15.85 -17.72
N SER A 307 3.59 -16.37 -18.20
CA SER A 307 4.52 -17.07 -17.33
C SER A 307 5.07 -16.13 -16.25
N ALA A 308 5.47 -14.93 -16.66
CA ALA A 308 6.02 -13.98 -15.70
C ALA A 308 4.99 -13.59 -14.64
N THR A 309 3.72 -13.41 -15.05
CA THR A 309 2.69 -13.07 -14.09
C THR A 309 2.39 -14.24 -13.16
N MET A 310 2.45 -15.47 -13.67
CA MET A 310 2.22 -16.64 -12.84
C MET A 310 3.35 -16.85 -11.84
N ILE A 311 4.58 -16.46 -12.18
CA ILE A 311 5.70 -16.64 -11.27
C ILE A 311 5.48 -15.92 -9.95
N ILE A 312 4.81 -14.77 -9.97
CA ILE A 312 4.56 -14.00 -8.75
C ILE A 312 3.76 -14.77 -7.71
N ALA A 313 3.04 -15.82 -8.13
CA ALA A 313 2.27 -16.60 -7.17
C ALA A 313 3.14 -17.40 -6.21
N ILE A 314 4.42 -17.56 -6.51
CA ILE A 314 5.32 -18.35 -5.68
C ILE A 314 5.71 -17.58 -4.42
N PRO A 315 6.27 -16.35 -4.52
CA PRO A 315 6.57 -15.61 -3.28
C PRO A 315 5.33 -15.28 -2.46
N THR A 316 4.23 -14.95 -3.15
CA THR A 316 2.98 -14.69 -2.45
C THR A 316 2.46 -15.93 -1.76
N GLY A 317 2.57 -17.09 -2.42
CA GLY A 317 2.19 -18.33 -1.77
C GLY A 317 3.05 -18.65 -0.57
N ILE A 318 4.36 -18.36 -0.67
CA ILE A 318 5.25 -18.54 0.48
C ILE A 318 4.82 -17.66 1.63
N LYS A 319 4.49 -16.40 1.36
CA LYS A 319 4.06 -15.50 2.43
C LYS A 319 2.77 -15.99 3.07
N ILE A 320 1.78 -16.38 2.25
CA ILE A 320 0.54 -16.88 2.80
C ILE A 320 0.76 -18.11 3.65
N PHE A 321 1.50 -19.10 3.16
CA PHE A 321 1.74 -20.32 3.90
C PHE A 321 2.55 -20.09 5.17
N SER A 322 3.49 -19.15 5.16
CA SER A 322 4.23 -18.84 6.38
C SER A 322 3.36 -18.13 7.41
N TRP A 323 2.40 -17.33 6.97
CA TRP A 323 1.47 -16.74 7.94
C TRP A 323 0.62 -17.80 8.62
N LEU A 324 0.11 -18.78 7.86
CA LEU A 324 -0.60 -19.90 8.47
C LEU A 324 0.30 -20.71 9.39
N ALA A 325 1.56 -20.92 9.00
CA ALA A 325 2.50 -21.61 9.88
C ALA A 325 2.73 -20.83 11.17
N THR A 326 2.80 -19.50 11.08
CA THR A 326 2.94 -18.67 12.27
C THR A 326 1.72 -18.76 13.17
N ILE A 327 0.52 -18.74 12.59
CA ILE A 327 -0.69 -18.88 13.39
C ILE A 327 -0.75 -20.26 14.02
N HIS A 328 -0.26 -21.28 13.32
CA HIS A 328 -0.29 -22.65 13.83
C HIS A 328 0.59 -22.77 15.06
N GLY A 329 0.11 -23.49 16.07
CA GLY A 329 0.88 -23.73 17.27
C GLY A 329 0.98 -22.57 18.22
N GLY A 330 0.08 -21.59 18.12
CA GLY A 330 0.13 -20.44 19.00
C GLY A 330 -1.06 -20.36 19.94
N SER A 331 -1.19 -19.23 20.63
CA SER A 331 -2.32 -18.94 21.51
C SER A 331 -3.06 -17.77 20.90
N ILE A 332 -4.07 -18.06 20.08
CA ILE A 332 -4.73 -17.04 19.27
C ILE A 332 -5.63 -16.21 20.18
N ARG A 333 -5.27 -14.94 20.36
CA ARG A 333 -6.11 -13.98 21.06
C ARG A 333 -6.98 -13.31 19.99
N LEU A 334 -8.20 -13.83 19.82
CA LEU A 334 -9.06 -13.41 18.72
C LEU A 334 -9.61 -12.00 19.00
N ALA A 335 -8.72 -11.03 18.92
CA ALA A 335 -9.09 -9.63 18.99
C ALA A 335 -9.40 -9.14 17.59
N THR A 336 -9.81 -7.88 17.47
CA THR A 336 -10.23 -7.31 16.20
C THR A 336 -9.11 -7.33 15.15
N PRO A 337 -7.88 -6.90 15.49
CA PRO A 337 -6.80 -6.99 14.48
C PRO A 337 -6.55 -8.40 13.99
N MET A 338 -6.63 -9.41 14.87
CA MET A 338 -6.41 -10.79 14.42
C MET A 338 -7.56 -11.27 13.52
N LEU A 339 -8.79 -10.87 13.83
CA LEU A 339 -9.90 -11.18 12.94
C LEU A 339 -9.68 -10.58 11.57
N TYR A 340 -9.24 -9.31 11.53
CA TYR A 340 -8.96 -8.67 10.25
C TYR A 340 -7.82 -9.35 9.51
N ALA A 341 -6.79 -9.80 10.23
CA ALA A 341 -5.68 -10.50 9.58
C ALA A 341 -6.11 -11.84 8.98
N ILE A 342 -6.96 -12.58 9.70
CA ILE A 342 -7.44 -13.85 9.19
C ILE A 342 -8.31 -13.65 7.95
N ALA A 343 -9.21 -12.66 8.00
CA ALA A 343 -10.01 -12.32 6.83
C ALA A 343 -9.14 -11.88 5.67
N PHE A 344 -8.10 -11.09 5.95
CA PHE A 344 -7.12 -10.74 4.94
C PHE A 344 -6.54 -11.98 4.28
N LEU A 345 -6.07 -12.93 5.08
CA LEU A 345 -5.48 -14.14 4.53
C LEU A 345 -6.45 -14.82 3.56
N PHE A 346 -7.66 -15.09 4.04
CA PHE A 346 -8.61 -15.87 3.24
C PHE A 346 -8.99 -15.13 1.95
N LEU A 347 -9.41 -13.86 2.09
CA LEU A 347 -9.94 -13.15 0.93
C LEU A 347 -8.85 -12.71 -0.03
N PHE A 348 -7.64 -12.45 0.47
CA PHE A 348 -6.52 -12.20 -0.43
C PHE A 348 -6.12 -13.45 -1.18
N THR A 349 -6.21 -14.63 -0.56
CA THR A 349 -5.98 -15.85 -1.31
C THR A 349 -7.01 -16.01 -2.42
N MET A 350 -8.28 -15.72 -2.12
CA MET A 350 -9.31 -15.78 -3.16
C MET A 350 -9.00 -14.82 -4.31
N GLY A 351 -8.64 -13.57 -3.97
CA GLY A 351 -8.34 -12.61 -5.00
C GLY A 351 -7.13 -12.98 -5.83
N GLY A 352 -6.08 -13.48 -5.17
CA GLY A 352 -4.90 -13.92 -5.90
C GLY A 352 -5.17 -15.12 -6.80
N LEU A 353 -6.06 -16.02 -6.36
CA LEU A 353 -6.43 -17.14 -7.22
C LEU A 353 -7.18 -16.64 -8.45
N THR A 354 -8.10 -15.69 -8.28
CA THR A 354 -8.76 -15.10 -9.43
C THR A 354 -7.76 -14.41 -10.35
N GLY A 355 -6.75 -13.75 -9.78
CA GLY A 355 -5.73 -13.11 -10.60
C GLY A 355 -4.89 -14.11 -11.38
N VAL A 356 -4.54 -15.23 -10.74
CA VAL A 356 -3.84 -16.30 -11.45
C VAL A 356 -4.68 -16.84 -12.60
N ALA A 357 -5.98 -17.01 -12.37
CA ALA A 357 -6.87 -17.37 -13.48
C ALA A 357 -6.90 -16.28 -14.54
N LEU A 358 -6.68 -15.02 -14.15
CA LEU A 358 -6.65 -13.89 -15.07
C LEU A 358 -5.31 -13.73 -15.77
N ALA A 359 -4.23 -14.26 -15.19
CA ALA A 359 -2.89 -14.10 -15.76
C ALA A 359 -2.70 -14.82 -17.07
N ASN A 360 -3.59 -15.75 -17.42
CA ASN A 360 -3.47 -16.49 -18.66
C ASN A 360 -3.89 -15.62 -19.84
N ALA A 361 -3.04 -15.58 -20.87
CA ALA A 361 -3.34 -14.78 -22.05
C ALA A 361 -4.50 -15.34 -22.85
N SER A 362 -4.91 -16.58 -22.57
CA SER A 362 -6.07 -17.17 -23.23
C SER A 362 -7.37 -16.93 -22.47
N LEU A 363 -7.34 -17.02 -21.13
CA LEU A 363 -8.53 -16.71 -20.34
C LEU A 363 -8.81 -15.22 -20.28
N ASP A 364 -7.78 -14.39 -20.35
CA ASP A 364 -7.99 -12.95 -20.34
C ASP A 364 -8.79 -12.47 -21.55
N VAL A 365 -8.86 -13.26 -22.61
CA VAL A 365 -9.70 -12.92 -23.74
C VAL A 365 -11.16 -12.87 -23.32
N ALA A 366 -11.61 -13.85 -22.51
CA ALA A 366 -12.99 -13.90 -22.07
C ALA A 366 -13.26 -13.00 -20.88
N PHE A 367 -12.23 -12.52 -20.18
CA PHE A 367 -12.42 -11.78 -18.94
C PHE A 367 -12.00 -10.33 -19.00
N HIS A 368 -11.32 -9.88 -20.06
CA HIS A 368 -10.79 -8.53 -20.08
C HIS A 368 -11.90 -7.50 -20.10
N ASP A 369 -11.77 -6.50 -19.22
CA ASP A 369 -12.71 -5.39 -19.10
C ASP A 369 -14.14 -5.88 -18.84
N THR A 370 -14.26 -6.95 -18.08
CA THR A 370 -15.54 -7.42 -17.56
C THR A 370 -15.59 -7.18 -16.06
N TYR A 371 -16.66 -7.63 -15.41
CA TYR A 371 -16.78 -7.50 -13.97
C TYR A 371 -16.07 -8.61 -13.22
N TYR A 372 -15.54 -9.62 -13.93
CA TYR A 372 -14.61 -10.54 -13.30
C TYR A 372 -13.34 -9.83 -12.86
N VAL A 373 -12.84 -8.92 -13.70
CA VAL A 373 -11.67 -8.12 -13.35
C VAL A 373 -11.97 -7.23 -12.15
N VAL A 374 -13.14 -6.59 -12.11
CA VAL A 374 -13.45 -5.76 -10.95
C VAL A 374 -13.61 -6.61 -9.71
N GLY A 375 -14.18 -7.81 -9.81
CA GLY A 375 -14.22 -8.70 -8.67
C GLY A 375 -12.83 -9.02 -8.16
N HIS A 376 -11.93 -9.38 -9.07
CA HIS A 376 -10.56 -9.70 -8.68
C HIS A 376 -9.87 -8.53 -7.99
N PHE A 377 -9.84 -7.37 -8.66
CA PHE A 377 -9.04 -6.31 -8.06
C PHE A 377 -9.74 -5.64 -6.90
N HIS A 378 -11.06 -5.72 -6.80
CA HIS A 378 -11.71 -5.26 -5.57
C HIS A 378 -11.44 -6.20 -4.42
N TYR A 379 -11.47 -7.52 -4.63
CA TYR A 379 -11.00 -8.42 -3.58
C TYR A 379 -9.60 -8.05 -3.13
N VAL A 380 -8.63 -8.08 -4.04
CA VAL A 380 -7.25 -7.86 -3.60
C VAL A 380 -7.08 -6.47 -3.00
N LEU A 381 -7.50 -5.42 -3.71
CA LEU A 381 -7.32 -4.06 -3.20
C LEU A 381 -8.10 -3.84 -1.91
N SER A 382 -9.43 -3.89 -1.99
CA SER A 382 -10.27 -3.64 -0.84
C SER A 382 -9.83 -4.48 0.36
N MET A 383 -9.81 -5.81 0.20
CA MET A 383 -9.46 -6.65 1.33
C MET A 383 -8.05 -6.36 1.80
N GLY A 384 -7.05 -6.69 0.97
CA GLY A 384 -5.66 -6.64 1.41
C GLY A 384 -5.14 -5.26 1.76
N ALA A 385 -5.90 -4.21 1.47
CA ALA A 385 -5.51 -2.86 1.86
C ALA A 385 -6.38 -2.27 2.95
N ILE A 386 -7.70 -2.25 2.75
CA ILE A 386 -8.60 -1.71 3.75
C ILE A 386 -8.60 -2.56 5.01
N PHE A 387 -8.65 -3.89 4.89
CA PHE A 387 -8.57 -4.74 6.07
C PHE A 387 -7.23 -4.61 6.76
N SER A 388 -6.15 -4.46 6.00
CA SER A 388 -4.84 -4.23 6.61
C SER A 388 -4.82 -2.90 7.36
N LEU A 389 -5.45 -1.86 6.79
CA LEU A 389 -5.55 -0.58 7.47
C LEU A 389 -6.37 -0.69 8.75
N PHE A 390 -7.48 -1.43 8.69
CA PHE A 390 -8.30 -1.63 9.88
C PHE A 390 -7.53 -2.37 10.96
N ALA A 391 -6.80 -3.42 10.58
CA ALA A 391 -5.99 -4.15 11.54
C ALA A 391 -4.90 -3.26 12.12
N GLY A 392 -4.21 -2.49 11.28
CA GLY A 392 -3.18 -1.59 11.77
C GLY A 392 -3.71 -0.53 12.71
N TYR A 393 -4.88 0.04 12.38
CA TYR A 393 -5.49 1.02 13.27
C TYR A 393 -5.88 0.39 14.59
N TYR A 394 -6.63 -0.72 14.55
CA TYR A 394 -7.08 -1.36 15.78
C TYR A 394 -5.91 -1.95 16.57
N TYR A 395 -4.74 -2.05 15.95
CA TYR A 395 -3.54 -2.59 16.56
C TYR A 395 -2.66 -1.50 17.19
N TRP A 396 -2.56 -0.33 16.56
CA TRP A 396 -1.64 0.70 16.99
C TRP A 396 -2.30 1.94 17.58
N SER A 397 -3.60 2.15 17.35
CA SER A 397 -4.27 3.36 17.82
C SER A 397 -4.21 3.52 19.34
N PRO A 398 -4.41 2.50 20.17
CA PRO A 398 -4.24 2.70 21.61
C PRO A 398 -2.83 3.09 22.00
N GLN A 399 -1.83 2.85 21.14
CA GLN A 399 -0.47 3.27 21.43
C GLN A 399 -0.21 4.69 20.92
N ILE A 400 -0.77 5.02 19.74
CA ILE A 400 -0.63 6.36 19.17
C ILE A 400 -1.40 7.42 19.92
N LEU A 401 -2.61 7.12 20.38
CA LEU A 401 -3.51 8.11 20.94
C LEU A 401 -3.63 8.05 22.45
N GLY A 402 -3.22 6.95 23.08
CA GLY A 402 -3.50 6.80 24.50
C GLY A 402 -4.97 6.65 24.81
N LEU A 403 -5.79 6.35 23.81
CA LEU A 403 -7.23 6.22 23.95
C LEU A 403 -7.64 4.87 23.39
N ASN A 404 -8.41 4.11 24.16
CA ASN A 404 -8.69 2.73 23.83
C ASN A 404 -10.14 2.61 23.32
N TYR A 405 -10.30 1.88 22.23
CA TYR A 405 -11.59 1.81 21.53
C TYR A 405 -12.47 0.69 22.07
N ASN A 406 -13.76 0.82 21.81
CA ASN A 406 -14.71 -0.22 22.17
C ASN A 406 -14.48 -1.46 21.31
N GLU A 407 -14.53 -2.64 21.94
CA GLU A 407 -14.20 -3.88 21.28
C GLU A 407 -15.40 -4.60 20.69
N LYS A 408 -16.54 -4.57 21.39
CA LYS A 408 -17.76 -5.16 20.84
C LYS A 408 -18.17 -4.46 19.55
N LEU A 409 -18.15 -3.13 19.56
CA LEU A 409 -18.50 -2.37 18.35
C LEU A 409 -17.49 -2.62 17.24
N ALA A 410 -16.22 -2.78 17.60
CA ALA A 410 -15.20 -3.09 16.60
C ALA A 410 -15.46 -4.43 15.94
N GLN A 411 -15.83 -5.45 16.72
CA GLN A 411 -16.14 -6.75 16.14
C GLN A 411 -17.41 -6.72 15.30
N ILE A 412 -18.43 -5.99 15.74
CA ILE A 412 -19.63 -5.83 14.93
C ILE A 412 -19.28 -5.16 13.61
N GLN A 413 -18.46 -4.11 13.64
CA GLN A 413 -18.02 -3.44 12.43
C GLN A 413 -17.27 -4.38 11.51
N PHE A 414 -16.37 -5.19 12.07
CA PHE A 414 -15.62 -6.15 11.26
C PHE A 414 -16.56 -7.12 10.56
N TRP A 415 -17.50 -7.70 11.31
CA TRP A 415 -18.42 -8.66 10.71
C TRP A 415 -19.28 -8.00 9.64
N LEU A 416 -19.77 -6.79 9.90
CA LEU A 416 -20.61 -6.10 8.93
C LEU A 416 -19.86 -5.80 7.65
N ILE A 417 -18.64 -5.29 7.76
CA ILE A 417 -17.88 -4.99 6.54
C ILE A 417 -17.48 -6.28 5.83
N PHE A 418 -17.17 -7.34 6.57
CA PHE A 418 -16.81 -8.61 5.95
C PHE A 418 -17.96 -9.14 5.10
N ILE A 419 -19.16 -9.25 5.69
CA ILE A 419 -20.30 -9.76 4.95
C ILE A 419 -20.71 -8.80 3.82
N GLY A 420 -20.68 -7.49 4.05
CA GLY A 420 -21.07 -6.56 3.00
C GLY A 420 -20.13 -6.58 1.81
N ALA A 421 -18.82 -6.59 2.09
CA ALA A 421 -17.86 -6.64 1.00
C ALA A 421 -17.94 -7.95 0.24
N ASN A 422 -18.15 -9.07 0.95
CA ASN A 422 -18.34 -10.33 0.23
C ASN A 422 -19.59 -10.28 -0.64
N VAL A 423 -20.69 -9.74 -0.11
CA VAL A 423 -21.93 -9.68 -0.87
C VAL A 423 -21.79 -8.76 -2.09
N ILE A 424 -21.01 -7.70 -1.98
CA ILE A 424 -20.89 -6.78 -3.10
C ILE A 424 -19.91 -7.30 -4.15
N PHE A 425 -18.87 -8.01 -3.73
CA PHE A 425 -17.79 -8.35 -4.67
C PHE A 425 -17.85 -9.79 -5.18
N PHE A 426 -18.64 -10.67 -4.59
CA PHE A 426 -18.67 -12.02 -5.12
C PHE A 426 -19.56 -12.14 -6.36
N PRO A 427 -20.77 -11.57 -6.38
CA PRO A 427 -21.57 -11.62 -7.62
C PRO A 427 -20.94 -10.90 -8.80
N MET A 428 -19.97 -10.02 -8.57
CA MET A 428 -19.26 -9.40 -9.68
C MET A 428 -18.55 -10.43 -10.53
N HIS A 429 -18.06 -11.51 -9.91
CA HIS A 429 -17.45 -12.60 -10.67
C HIS A 429 -18.47 -13.27 -11.60
N PHE A 430 -19.68 -13.53 -11.11
CA PHE A 430 -20.71 -14.12 -11.95
C PHE A 430 -21.09 -13.17 -13.08
N LEU A 431 -21.22 -11.88 -12.79
CA LEU A 431 -21.55 -10.91 -13.82
C LEU A 431 -20.46 -10.87 -14.89
N GLY A 432 -19.18 -10.89 -14.46
CA GLY A 432 -18.10 -10.85 -15.43
C GLY A 432 -18.01 -12.11 -16.27
N ILE A 433 -18.19 -13.28 -15.65
CA ILE A 433 -18.12 -14.51 -16.42
C ILE A 433 -19.31 -14.66 -17.36
N ASN A 434 -20.46 -14.08 -17.02
CA ASN A 434 -21.60 -14.11 -17.91
C ASN A 434 -21.46 -13.15 -19.08
N GLY A 435 -20.53 -12.18 -19.00
CA GLY A 435 -20.26 -11.31 -20.13
C GLY A 435 -20.69 -9.87 -19.94
N MET A 436 -20.62 -9.37 -18.70
CA MET A 436 -21.01 -7.99 -18.42
C MET A 436 -19.79 -7.08 -18.60
N PRO A 437 -19.84 -6.10 -19.48
CA PRO A 437 -18.69 -5.21 -19.68
C PRO A 437 -18.49 -4.29 -18.49
N ARG A 438 -17.26 -3.80 -18.37
CA ARG A 438 -16.87 -2.90 -17.30
C ARG A 438 -17.01 -1.45 -17.75
N ARG A 439 -17.23 -0.57 -16.78
CA ARG A 439 -17.38 0.87 -17.01
C ARG A 439 -18.65 1.19 -17.81
N ILE A 440 -19.75 0.55 -17.46
CA ILE A 440 -21.05 0.83 -18.08
C ILE A 440 -22.02 1.28 -16.99
N PRO A 441 -22.68 2.43 -17.14
CA PRO A 441 -23.72 2.82 -16.19
C PRO A 441 -25.02 2.06 -16.37
N ASP A 442 -25.28 1.53 -17.56
CA ASP A 442 -26.49 0.77 -17.82
C ASP A 442 -26.10 -0.50 -18.56
N TYR A 443 -26.86 -1.55 -18.32
CA TYR A 443 -26.52 -2.89 -18.79
C TYR A 443 -27.77 -3.51 -19.37
N PRO A 444 -27.63 -4.56 -20.19
CA PRO A 444 -28.80 -5.35 -20.56
C PRO A 444 -29.48 -5.89 -19.31
N ASP A 445 -30.81 -5.89 -19.33
CA ASP A 445 -31.58 -6.20 -18.14
C ASP A 445 -31.46 -7.65 -17.71
N ALA A 446 -30.60 -8.44 -18.35
CA ALA A 446 -30.31 -9.79 -17.89
C ALA A 446 -29.23 -9.84 -16.81
N PHE A 447 -28.50 -8.75 -16.59
CA PHE A 447 -27.51 -8.68 -15.53
C PHE A 447 -28.06 -8.06 -14.26
N ALA A 448 -29.36 -7.75 -14.21
CA ALA A 448 -29.92 -7.01 -13.09
C ALA A 448 -29.81 -7.79 -11.78
N GLY A 449 -30.11 -9.09 -11.81
CA GLY A 449 -30.21 -9.85 -10.56
C GLY A 449 -29.04 -9.64 -9.63
N TRP A 450 -27.85 -10.06 -10.04
CA TRP A 450 -26.68 -9.87 -9.19
C TRP A 450 -26.42 -8.39 -8.93
N ASN A 451 -26.59 -7.53 -9.94
CA ASN A 451 -26.39 -6.10 -9.72
C ASN A 451 -27.32 -5.57 -8.65
N TYR A 452 -28.43 -6.25 -8.39
CA TYR A 452 -29.25 -5.87 -7.26
C TYR A 452 -28.60 -6.25 -5.94
N VAL A 453 -28.24 -7.53 -5.78
CA VAL A 453 -27.76 -7.99 -4.48
C VAL A 453 -26.42 -7.34 -4.14
N ALA A 454 -25.55 -7.15 -5.14
CA ALA A 454 -24.32 -6.40 -4.90
C ALA A 454 -24.62 -5.00 -4.39
N SER A 455 -25.64 -4.34 -4.93
CA SER A 455 -26.01 -3.02 -4.46
C SER A 455 -26.47 -3.06 -3.00
N ILE A 456 -27.00 -4.21 -2.55
CA ILE A 456 -27.31 -4.36 -1.15
C ILE A 456 -26.03 -4.37 -0.32
N GLY A 457 -25.00 -5.08 -0.80
CA GLY A 457 -23.77 -5.23 -0.06
C GLY A 457 -23.11 -3.91 0.31
N SER A 458 -23.06 -2.96 -0.62
CA SER A 458 -22.51 -1.65 -0.30
C SER A 458 -23.23 -1.02 0.89
N PHE A 459 -24.56 -1.09 0.92
CA PHE A 459 -25.31 -0.50 2.01
C PHE A 459 -24.95 -1.14 3.35
N ILE A 460 -24.40 -2.35 3.32
CA ILE A 460 -23.86 -2.93 4.55
C ILE A 460 -22.49 -2.35 4.84
N ALA A 461 -21.59 -2.40 3.85
CA ALA A 461 -20.21 -1.99 4.09
C ALA A 461 -20.13 -0.55 4.57
N THR A 462 -20.77 0.38 3.85
CA THR A 462 -20.82 1.76 4.29
C THR A 462 -21.36 1.89 5.70
N LEU A 463 -22.39 1.11 6.04
CA LEU A 463 -22.92 1.16 7.41
C LEU A 463 -21.83 0.81 8.41
N SER A 464 -21.06 -0.25 8.15
CA SER A 464 -19.93 -0.55 9.02
C SER A 464 -18.96 0.62 9.08
N LEU A 465 -18.68 1.24 7.92
CA LEU A 465 -17.86 2.44 7.91
C LEU A 465 -18.43 3.49 8.85
N PHE A 466 -19.75 3.71 8.80
CA PHE A 466 -20.38 4.65 9.72
C PHE A 466 -20.13 4.23 11.17
N LEU A 467 -20.30 2.94 11.47
CA LEU A 467 -19.99 2.47 12.81
C LEU A 467 -18.53 2.74 13.16
N PHE A 468 -17.63 2.52 12.21
CA PHE A 468 -16.23 2.85 12.43
C PHE A 468 -16.09 4.31 12.81
N ILE A 469 -16.78 5.20 12.09
CA ILE A 469 -16.76 6.62 12.42
C ILE A 469 -17.30 6.88 13.82
N TYR A 470 -18.31 6.14 14.26
CA TYR A 470 -18.72 6.25 15.64
C TYR A 470 -17.66 5.72 16.60
N ILE A 471 -17.02 4.61 16.24
CA ILE A 471 -16.00 4.01 17.11
C ILE A 471 -14.90 5.02 17.39
N LEU A 472 -14.40 5.67 16.34
CA LEU A 472 -13.43 6.74 16.51
C LEU A 472 -13.92 7.75 17.54
N TYR A 473 -15.16 8.22 17.38
CA TYR A 473 -15.72 9.14 18.35
C TYR A 473 -15.71 8.53 19.74
N ASP A 474 -16.17 7.29 19.86
CA ASP A 474 -16.15 6.62 21.16
C ASP A 474 -14.73 6.45 21.67
N GLN A 475 -13.77 6.31 20.75
CA GLN A 475 -12.38 6.24 21.16
C GLN A 475 -11.86 7.61 21.58
N LEU A 476 -12.32 8.67 20.92
CA LEU A 476 -11.70 9.98 21.11
C LEU A 476 -12.30 10.73 22.29
N VAL A 477 -13.44 10.27 22.81
CA VAL A 477 -14.05 10.91 23.97
C VAL A 477 -14.17 9.99 25.17
N ASN A 478 -14.07 8.67 24.97
CA ASN A 478 -14.28 7.70 26.04
C ASN A 478 -13.10 6.73 26.11
N GLY A 479 -11.96 7.12 25.55
CA GLY A 479 -10.81 6.22 25.54
C GLY A 479 -10.30 5.92 26.94
N LEU A 480 -10.14 6.96 27.76
CA LEU A 480 -9.74 6.75 29.14
C LEU A 480 -10.81 5.99 29.93
N ASN A 481 -12.08 6.35 29.70
CA ASN A 481 -13.17 5.61 30.33
C ASN A 481 -13.19 4.16 29.86
N ASN A 482 -12.88 3.93 28.57
CA ASN A 482 -12.78 2.56 28.09
C ASN A 482 -11.66 1.81 28.80
N LYS A 483 -10.54 2.48 29.09
CA LYS A 483 -9.49 1.84 29.87
C LYS A 483 -9.98 1.48 31.27
N VAL A 484 -10.67 2.40 31.93
CA VAL A 484 -11.02 2.15 33.33
C VAL A 484 -12.11 1.08 33.46
N ASN A 485 -13.03 0.98 32.50
CA ASN A 485 -14.07 -0.04 32.56
C ASN A 485 -13.64 -1.26 31.77
N ASN A 486 -14.56 -2.20 31.55
CA ASN A 486 -14.28 -3.47 30.92
C ASN A 486 -14.87 -3.55 29.51
N LYS A 487 -14.91 -2.41 28.81
CA LYS A 487 -15.46 -2.38 27.45
C LYS A 487 -14.42 -2.53 26.37
N SER A 488 -13.13 -2.65 26.73
CA SER A 488 -12.06 -2.70 25.74
C SER A 488 -11.06 -3.77 26.11
N VAL A 489 -10.08 -3.97 25.23
CA VAL A 489 -8.97 -4.90 25.46
C VAL A 489 -7.74 -4.05 25.75
N ILE A 490 -7.23 -4.15 26.97
CA ILE A 490 -6.12 -3.29 27.38
C ILE A 490 -4.78 -3.89 26.96
N TYR A 491 -4.61 -5.19 27.18
CA TYR A 491 -3.37 -5.89 26.88
C TYR A 491 -3.55 -6.71 25.60
N ASN A 492 -2.67 -6.49 24.62
CA ASN A 492 -2.74 -7.28 23.40
C ASN A 492 -2.13 -8.66 23.57
N LYS A 493 -1.38 -8.90 24.64
CA LYS A 493 -0.80 -10.20 24.95
C LYS A 493 -1.19 -10.58 26.37
N ALA A 494 -1.85 -11.72 26.50
CA ALA A 494 -2.29 -12.22 27.80
C ALA A 494 -1.13 -12.91 28.51
N PRO A 495 -1.20 -13.04 29.83
CA PRO A 495 -0.15 -13.77 30.55
C PRO A 495 -0.04 -15.21 30.10
N ASP A 496 1.18 -15.74 30.12
CA ASP A 496 1.41 -17.13 29.76
C ASP A 496 0.80 -18.05 30.82
N PHE A 497 0.63 -19.32 30.45
CA PHE A 497 -0.09 -20.24 31.33
C PHE A 497 0.84 -20.85 32.37
N VAL A 498 1.75 -20.05 32.94
CA VAL A 498 2.41 -20.36 34.19
C VAL A 498 2.53 -19.08 34.99
N GLU A 499 2.30 -17.96 34.31
CA GLU A 499 2.71 -16.64 34.79
C GLU A 499 1.63 -16.03 35.66
N SER A 500 2.01 -15.65 36.87
CA SER A 500 1.07 -15.04 37.79
C SER A 500 0.65 -13.65 37.33
N ASN A 501 -0.42 -13.13 37.92
CA ASN A 501 -0.91 -11.81 37.54
C ASN A 501 0.07 -10.71 37.93
N THR A 502 0.74 -10.84 39.08
CA THR A 502 1.69 -9.81 39.49
C THR A 502 2.96 -9.86 38.65
N ILE A 503 3.44 -11.06 38.31
CA ILE A 503 4.60 -11.19 37.45
C ILE A 503 4.32 -10.56 36.10
N PHE A 504 3.10 -10.72 35.58
CA PHE A 504 2.73 -10.04 34.34
C PHE A 504 2.62 -8.54 34.55
N ASN A 505 2.05 -8.12 35.68
CA ASN A 505 1.85 -6.69 35.92
C ASN A 505 3.18 -5.95 36.00
N LEU A 506 4.24 -6.63 36.42
CA LEU A 506 5.55 -5.99 36.40
C LEU A 506 6.24 -6.11 35.03
N ASN A 507 5.69 -6.90 34.12
CA ASN A 507 6.25 -7.08 32.77
C ASN A 507 5.14 -7.07 31.73
N THR A 508 4.26 -6.07 31.81
CA THR A 508 3.02 -6.07 31.03
C THR A 508 3.24 -6.16 29.52
N VAL A 509 4.34 -5.64 29.01
CA VAL A 509 4.56 -5.56 27.56
C VAL A 509 5.66 -6.55 27.21
N LYS A 510 5.35 -7.47 26.29
CA LYS A 510 6.30 -8.45 25.76
C LYS A 510 6.21 -8.39 24.24
N SER A 511 6.97 -7.48 23.65
CA SER A 511 6.87 -7.20 22.22
C SER A 511 8.25 -7.33 21.57
N SER A 512 8.22 -7.54 20.24
CA SER A 512 9.42 -7.69 19.44
C SER A 512 9.83 -6.39 18.77
N SER A 513 9.15 -5.28 19.07
CA SER A 513 9.43 -4.01 18.43
C SER A 513 9.37 -2.90 19.48
N ILE A 514 10.08 -1.81 19.20
CA ILE A 514 10.16 -0.71 20.14
C ILE A 514 8.82 -0.01 20.33
N GLU A 515 7.95 -0.05 19.30
CA GLU A 515 6.75 0.77 19.28
C GLU A 515 5.90 0.58 20.53
N PHE A 516 5.83 -0.63 21.07
CA PHE A 516 4.94 -0.92 22.18
C PHE A 516 5.57 -0.64 23.53
N LEU A 517 6.87 -0.40 23.58
CA LEU A 517 7.53 0.03 24.82
C LEU A 517 7.37 1.51 25.08
N LEU A 518 7.00 2.29 24.07
CA LEU A 518 6.81 3.71 24.22
C LEU A 518 5.56 3.99 25.07
N THR A 519 5.56 5.15 25.71
CA THR A 519 4.48 5.48 26.64
C THR A 519 3.20 5.81 25.89
N SER A 520 2.15 6.10 26.66
CA SER A 520 0.98 6.79 26.13
C SER A 520 1.46 8.04 25.40
N PRO A 521 0.65 8.59 24.50
CA PRO A 521 1.14 9.00 23.17
C PRO A 521 2.59 9.48 23.23
N PRO A 522 3.46 8.89 22.41
CA PRO A 522 4.91 9.03 22.62
C PRO A 522 5.35 10.49 22.57
N ALA A 523 6.41 10.77 23.30
CA ALA A 523 6.94 12.12 23.42
C ALA A 523 7.21 12.72 22.05
N VAL A 524 7.18 14.05 21.98
CA VAL A 524 7.30 14.74 20.70
C VAL A 524 8.62 14.38 20.02
N HIS A 525 9.66 14.10 20.80
CA HIS A 525 10.93 13.56 20.28
C HIS A 525 11.48 12.59 21.32
N SER A 526 11.22 11.30 21.09
CA SER A 526 11.71 10.25 21.96
C SER A 526 13.12 9.84 21.53
N PHE A 527 13.63 8.78 22.16
CA PHE A 527 14.98 8.28 21.91
C PHE A 527 16.03 9.37 22.13
N ASN A 528 15.99 9.96 23.32
CA ASN A 528 17.03 10.92 23.70
C ASN A 528 18.40 10.25 23.68
N THR A 529 18.61 9.28 24.56
CA THR A 529 19.74 8.38 24.44
C THR A 529 19.39 7.25 23.48
N PRO A 530 20.22 7.00 22.46
CA PRO A 530 19.82 6.07 21.39
C PRO A 530 19.49 4.69 21.94
N ALA A 531 18.45 4.08 21.38
CA ALA A 531 18.04 2.75 21.79
C ALA A 531 19.12 1.74 21.39
N VAL A 532 19.48 0.87 22.32
CA VAL A 532 20.56 -0.07 22.12
C VAL A 532 19.99 -1.47 21.93
N GLN A 533 20.70 -2.29 21.16
CA GLN A 533 20.27 -3.63 20.83
C GLN A 533 21.48 -4.53 20.61
N SER A 534 21.36 -5.78 21.02
CA SER A 534 22.42 -6.77 20.83
C SER A 534 22.22 -7.54 19.54
N ASP B 1 -25.11 -17.31 -25.87
CA ASP B 1 -25.54 -16.47 -26.96
C ASP B 1 -26.04 -15.13 -26.45
N VAL B 2 -26.93 -15.18 -25.45
CA VAL B 2 -27.51 -14.00 -24.84
C VAL B 2 -27.43 -14.17 -23.33
N PRO B 3 -27.14 -13.11 -22.56
CA PRO B 3 -27.08 -13.27 -21.11
C PRO B 3 -28.41 -13.66 -20.51
N THR B 4 -28.34 -14.45 -19.43
CA THR B 4 -29.47 -15.00 -18.69
C THR B 4 -29.46 -14.46 -17.27
N PRO B 5 -30.63 -14.10 -16.72
CA PRO B 5 -30.66 -13.57 -15.35
C PRO B 5 -30.14 -14.59 -14.33
N TYR B 6 -29.43 -14.07 -13.33
CA TYR B 6 -28.90 -14.87 -12.23
C TYR B 6 -28.04 -16.03 -12.74
N ALA B 7 -27.25 -15.76 -13.76
CA ALA B 7 -26.34 -16.75 -14.31
C ALA B 7 -24.96 -16.61 -13.69
N CYS B 8 -24.28 -17.75 -13.55
CA CYS B 8 -22.98 -17.77 -12.89
C CYS B 8 -21.89 -18.39 -13.76
N TYR B 9 -22.15 -18.65 -15.04
CA TYR B 9 -21.21 -19.34 -15.89
C TYR B 9 -21.18 -18.65 -17.25
N PHE B 10 -20.34 -19.18 -18.15
CA PHE B 10 -20.20 -18.62 -19.48
C PHE B 10 -21.51 -18.76 -20.26
N GLN B 11 -21.64 -17.93 -21.29
CA GLN B 11 -22.70 -18.14 -22.26
C GLN B 11 -22.37 -19.34 -23.14
N ASP B 12 -23.41 -19.90 -23.76
CA ASP B 12 -23.22 -21.10 -24.57
C ASP B 12 -22.28 -20.81 -25.74
N SER B 13 -21.31 -21.69 -25.93
CA SER B 13 -20.28 -21.49 -26.94
C SER B 13 -20.83 -21.75 -28.35
N ALA B 14 -20.19 -21.13 -29.33
CA ALA B 14 -20.50 -21.38 -30.73
C ALA B 14 -19.26 -21.51 -31.59
N THR B 15 -18.07 -21.27 -31.04
CA THR B 15 -16.82 -21.38 -31.78
C THR B 15 -15.86 -22.24 -30.98
N PRO B 16 -14.90 -22.88 -31.64
CA PRO B 16 -13.89 -23.66 -30.88
C PRO B 16 -13.12 -22.84 -29.88
N ASN B 17 -12.92 -21.54 -30.12
CA ASN B 17 -12.19 -20.71 -29.18
C ASN B 17 -12.91 -20.63 -27.84
N GLN B 18 -14.23 -20.42 -27.85
CA GLN B 18 -14.97 -20.25 -26.61
C GLN B 18 -14.99 -21.54 -25.80
N GLU B 19 -15.21 -22.68 -26.45
CA GLU B 19 -15.20 -23.93 -25.72
C GLU B 19 -13.80 -24.30 -25.26
N GLY B 20 -12.77 -23.96 -26.03
CA GLY B 20 -11.40 -24.19 -25.57
C GLY B 20 -11.07 -23.38 -24.34
N ILE B 21 -11.42 -22.09 -24.33
CA ILE B 21 -11.15 -21.27 -23.16
C ILE B 21 -12.03 -21.68 -21.98
N LEU B 22 -13.24 -22.18 -22.24
CA LEU B 22 -14.07 -22.71 -21.17
C LEU B 22 -13.43 -23.93 -20.53
N GLU B 23 -12.92 -24.85 -21.35
CA GLU B 23 -12.21 -26.01 -20.81
C GLU B 23 -10.96 -25.60 -20.04
N LEU B 24 -10.22 -24.62 -20.56
CA LEU B 24 -9.05 -24.13 -19.84
C LEU B 24 -9.43 -23.51 -18.51
N HIS B 25 -10.52 -22.74 -18.48
CA HIS B 25 -10.98 -22.14 -17.23
C HIS B 25 -11.36 -23.20 -16.22
N ASP B 26 -12.07 -24.24 -16.65
CA ASP B 26 -12.43 -25.31 -15.73
C ASP B 26 -11.21 -26.05 -15.21
N ASN B 27 -10.25 -26.33 -16.11
CA ASN B 27 -9.03 -27.01 -15.69
C ASN B 27 -8.24 -26.18 -14.69
N ILE B 28 -8.15 -24.88 -14.91
CA ILE B 28 -7.46 -24.00 -13.97
C ILE B 28 -8.21 -23.93 -12.65
N MET B 29 -9.54 -23.82 -12.69
CA MET B 29 -10.34 -23.75 -11.48
C MET B 29 -10.24 -25.03 -10.66
N PHE B 30 -9.97 -26.17 -11.29
CA PHE B 30 -9.74 -27.39 -10.52
C PHE B 30 -8.62 -27.21 -9.50
N TYR B 31 -7.45 -26.73 -9.97
CA TYR B 31 -6.32 -26.55 -9.08
C TYR B 31 -6.50 -25.34 -8.17
N LEU B 32 -7.14 -24.28 -8.68
CA LEU B 32 -7.47 -23.16 -7.81
C LEU B 32 -8.36 -23.60 -6.65
N LEU B 33 -9.27 -24.54 -6.91
CA LEU B 33 -10.14 -25.03 -5.86
C LEU B 33 -9.42 -25.95 -4.90
N VAL B 34 -8.50 -26.79 -5.39
CA VAL B 34 -7.75 -27.60 -4.42
C VAL B 34 -6.92 -26.70 -3.51
N ILE B 35 -6.28 -25.67 -4.06
CA ILE B 35 -5.53 -24.72 -3.23
C ILE B 35 -6.42 -23.93 -2.27
N LEU B 36 -7.58 -23.45 -2.74
CA LEU B 36 -8.48 -22.71 -1.86
C LEU B 36 -9.00 -23.60 -0.74
N GLY B 37 -9.34 -24.86 -1.05
CA GLY B 37 -9.77 -25.77 -0.01
C GLY B 37 -8.68 -26.04 1.01
N LEU B 38 -7.44 -26.23 0.55
CA LEU B 38 -6.33 -26.41 1.48
C LEU B 38 -6.19 -25.21 2.41
N VAL B 39 -6.14 -24.00 1.84
CA VAL B 39 -5.93 -22.80 2.65
C VAL B 39 -7.08 -22.61 3.62
N SER B 40 -8.32 -22.75 3.15
CA SER B 40 -9.48 -22.56 4.00
C SER B 40 -9.54 -23.58 5.13
N TRP B 41 -9.26 -24.85 4.84
CA TRP B 41 -9.28 -25.86 5.90
C TRP B 41 -8.18 -25.62 6.91
N MET B 42 -6.98 -25.26 6.45
CA MET B 42 -5.91 -24.96 7.38
C MET B 42 -6.27 -23.79 8.29
N LEU B 43 -6.80 -22.72 7.70
CA LEU B 43 -7.21 -21.57 8.51
C LEU B 43 -8.28 -21.96 9.52
N TYR B 44 -9.30 -22.70 9.05
CA TYR B 44 -10.38 -23.18 9.91
C TYR B 44 -9.84 -23.96 11.11
N THR B 45 -9.10 -25.04 10.84
CA THR B 45 -8.64 -25.90 11.92
C THR B 45 -7.63 -25.21 12.81
N ILE B 46 -6.72 -24.40 12.26
CA ILE B 46 -5.75 -23.71 13.09
C ILE B 46 -6.45 -22.73 14.03
N VAL B 47 -7.39 -21.94 13.50
CA VAL B 47 -8.06 -20.97 14.35
C VAL B 47 -8.85 -21.67 15.44
N MET B 48 -9.69 -22.64 15.07
CA MET B 48 -10.51 -23.29 16.11
C MET B 48 -9.72 -24.20 17.03
N THR B 49 -8.50 -24.59 16.68
CA THR B 49 -7.72 -25.42 17.60
C THR B 49 -6.85 -24.58 18.52
N TYR B 50 -6.25 -23.52 18.01
CA TYR B 50 -5.29 -22.73 18.76
C TYR B 50 -5.87 -21.42 19.30
N SER B 51 -7.16 -21.18 19.11
CA SER B 51 -7.81 -20.11 19.84
C SER B 51 -8.10 -20.49 21.29
N LYS B 52 -7.90 -21.76 21.63
CA LYS B 52 -8.07 -22.28 22.98
C LYS B 52 -6.82 -23.03 23.43
N ASN B 53 -5.66 -22.61 22.92
CA ASN B 53 -4.38 -23.20 23.29
C ASN B 53 -3.71 -22.32 24.32
N PRO B 54 -3.46 -22.80 25.54
CA PRO B 54 -2.85 -21.94 26.56
C PRO B 54 -1.36 -21.73 26.35
N ILE B 55 -0.68 -22.72 25.78
CA ILE B 55 0.78 -22.71 25.63
C ILE B 55 1.09 -22.58 24.15
N ALA B 56 1.83 -21.52 23.79
CA ALA B 56 2.20 -21.27 22.41
C ALA B 56 3.57 -21.84 22.12
N TYR B 57 3.69 -22.62 21.05
CA TYR B 57 4.95 -23.20 20.62
C TYR B 57 5.80 -22.10 19.99
N LYS B 58 6.39 -21.27 20.86
CA LYS B 58 7.11 -20.08 20.44
C LYS B 58 8.52 -20.38 19.95
N TYR B 59 8.91 -21.63 19.80
CA TYR B 59 10.25 -22.00 19.37
C TYR B 59 10.28 -22.67 18.01
N ILE B 60 9.19 -22.60 17.25
CA ILE B 60 9.14 -23.16 15.90
C ILE B 60 9.21 -21.99 14.94
N LYS B 61 10.36 -21.80 14.30
CA LYS B 61 10.58 -20.63 13.46
C LYS B 61 10.90 -20.97 12.01
N HIS B 62 11.87 -21.83 11.74
CA HIS B 62 12.38 -22.00 10.39
C HIS B 62 11.71 -23.16 9.64
N GLY B 63 11.86 -24.39 10.13
CA GLY B 63 11.27 -25.54 9.46
C GLY B 63 11.58 -25.69 7.99
N GLN B 64 12.83 -26.01 7.65
CA GLN B 64 13.29 -25.97 6.26
C GLN B 64 12.53 -26.91 5.33
N THR B 65 12.11 -28.09 5.82
CA THR B 65 11.49 -29.07 4.94
C THR B 65 10.19 -28.54 4.35
N ILE B 66 9.28 -28.05 5.20
CA ILE B 66 8.04 -27.49 4.69
C ILE B 66 8.30 -26.22 3.90
N GLU B 67 9.36 -25.48 4.24
CA GLU B 67 9.74 -24.32 3.45
C GLU B 67 10.01 -24.70 1.99
N VAL B 68 10.84 -25.72 1.78
CA VAL B 68 11.15 -26.10 0.41
C VAL B 68 9.92 -26.74 -0.26
N ILE B 69 9.08 -27.46 0.52
CA ILE B 69 7.90 -28.07 -0.07
C ILE B 69 6.94 -27.01 -0.60
N TRP B 70 6.63 -25.98 0.20
CA TRP B 70 5.77 -24.96 -0.39
C TRP B 70 6.53 -23.94 -1.22
N THR B 71 7.85 -24.05 -1.34
CA THR B 71 8.52 -23.26 -2.36
C THR B 71 8.42 -23.92 -3.73
N ILE B 72 8.41 -25.26 -3.78
CA ILE B 72 8.36 -25.96 -5.06
C ILE B 72 6.98 -26.47 -5.44
N PHE B 73 5.99 -26.37 -4.55
CA PHE B 73 4.64 -26.83 -4.87
C PHE B 73 3.89 -25.85 -5.78
N PRO B 74 3.86 -24.55 -5.47
CA PRO B 74 3.22 -23.61 -6.41
C PRO B 74 3.84 -23.63 -7.80
N ALA B 75 5.16 -23.85 -7.91
CA ALA B 75 5.78 -23.88 -9.23
C ALA B 75 5.24 -25.03 -10.08
N VAL B 76 5.12 -26.23 -9.49
CA VAL B 76 4.58 -27.35 -10.26
C VAL B 76 3.11 -27.14 -10.57
N ILE B 77 2.33 -26.54 -9.65
CA ILE B 77 0.94 -26.24 -9.99
C ILE B 77 0.87 -25.26 -11.17
N LEU B 78 1.72 -24.24 -11.16
CA LEU B 78 1.72 -23.27 -12.25
C LEU B 78 2.12 -23.91 -13.58
N LEU B 79 3.13 -24.78 -13.58
CA LEU B 79 3.49 -25.47 -14.82
C LEU B 79 2.34 -26.34 -15.31
N ILE B 80 1.67 -27.04 -14.39
CA ILE B 80 0.56 -27.91 -14.77
C ILE B 80 -0.54 -27.10 -15.44
N ILE B 81 -0.92 -25.97 -14.83
CA ILE B 81 -2.00 -25.17 -15.39
C ILE B 81 -1.53 -24.21 -16.47
N ALA B 82 -0.24 -24.18 -16.78
CA ALA B 82 0.28 -23.37 -17.86
C ALA B 82 0.58 -24.15 -19.14
N PHE B 83 0.70 -25.48 -19.05
CA PHE B 83 0.81 -26.26 -20.29
C PHE B 83 -0.41 -26.08 -21.19
N PRO B 84 -1.65 -26.34 -20.73
CA PRO B 84 -2.80 -26.11 -21.62
C PRO B 84 -2.98 -24.66 -21.99
N SER B 85 -2.56 -23.72 -21.15
CA SER B 85 -2.62 -22.31 -21.51
C SER B 85 -1.80 -22.03 -22.75
N PHE B 86 -0.57 -22.55 -22.80
CA PHE B 86 0.27 -22.37 -23.98
C PHE B 86 -0.30 -23.11 -25.18
N ILE B 87 -0.82 -24.32 -24.96
CA ILE B 87 -1.41 -25.07 -26.07
C ILE B 87 -2.54 -24.26 -26.72
N LEU B 88 -3.46 -23.76 -25.90
CA LEU B 88 -4.58 -22.98 -26.42
C LEU B 88 -4.12 -21.66 -27.03
N LEU B 89 -3.14 -20.99 -26.40
CA LEU B 89 -2.67 -19.71 -26.92
C LEU B 89 -2.06 -19.86 -28.30
N TYR B 90 -1.26 -20.92 -28.50
CA TYR B 90 -0.64 -21.13 -29.80
C TYR B 90 -1.58 -21.80 -30.80
N LEU B 91 -2.69 -22.39 -30.32
CA LEU B 91 -3.64 -22.99 -31.26
C LEU B 91 -4.63 -21.97 -31.78
N CYS B 92 -5.13 -21.08 -30.93
CA CYS B 92 -6.10 -20.07 -31.35
C CYS B 92 -5.45 -18.87 -32.03
N ASP B 93 -4.14 -18.71 -31.93
CA ASP B 93 -3.45 -17.60 -32.57
C ASP B 93 -3.27 -17.81 -34.07
N GLU B 94 -3.27 -19.06 -34.54
CA GLU B 94 -3.00 -19.33 -35.93
C GLU B 94 -4.11 -18.79 -36.83
N VAL B 95 -3.72 -18.23 -37.97
CA VAL B 95 -4.65 -17.85 -39.01
C VAL B 95 -4.49 -18.87 -40.13
N ILE B 96 -5.47 -19.76 -40.25
CA ILE B 96 -5.39 -20.88 -41.19
C ILE B 96 -6.46 -20.66 -42.26
N SER B 97 -6.07 -20.01 -43.35
CA SER B 97 -6.85 -19.88 -44.58
C SER B 97 -8.29 -19.46 -44.32
N PRO B 98 -8.54 -18.21 -43.92
CA PRO B 98 -9.92 -17.77 -43.74
C PRO B 98 -10.67 -17.72 -45.06
N ALA B 99 -11.80 -18.41 -45.11
CA ALA B 99 -12.66 -18.43 -46.28
C ALA B 99 -13.49 -17.16 -46.41
N MET B 100 -13.44 -16.29 -45.41
CA MET B 100 -14.16 -15.04 -45.44
C MET B 100 -13.39 -14.04 -44.60
N THR B 101 -13.34 -12.79 -45.05
CA THR B 101 -12.69 -11.72 -44.30
C THR B 101 -13.59 -10.50 -44.34
N ILE B 102 -13.86 -9.92 -43.17
CA ILE B 102 -14.80 -8.80 -43.04
C ILE B 102 -14.29 -7.85 -41.96
N LYS B 103 -14.51 -6.56 -42.17
CA LYS B 103 -14.00 -5.52 -41.28
C LYS B 103 -15.12 -4.99 -40.39
N ALA B 104 -14.74 -4.60 -39.18
CA ALA B 104 -15.65 -3.99 -38.20
C ALA B 104 -14.97 -2.75 -37.63
N ILE B 105 -15.38 -1.58 -38.10
CA ILE B 105 -14.78 -0.32 -37.66
C ILE B 105 -15.70 0.30 -36.61
N GLY B 106 -15.14 0.60 -35.44
CA GLY B 106 -15.92 1.16 -34.37
C GLY B 106 -15.90 2.68 -34.35
N TYR B 107 -17.01 3.31 -34.74
CA TYR B 107 -17.12 4.76 -34.67
C TYR B 107 -17.77 5.15 -33.35
N GLN B 108 -17.84 6.45 -33.08
CA GLN B 108 -18.28 6.91 -31.78
C GLN B 108 -19.71 6.46 -31.52
N TRP B 109 -19.84 5.44 -30.69
CA TRP B 109 -21.12 4.92 -30.23
C TRP B 109 -21.90 4.26 -31.36
N TYR B 110 -21.18 3.65 -32.30
CA TYR B 110 -21.79 2.71 -33.24
C TYR B 110 -20.69 1.90 -33.92
N TRP B 111 -21.12 0.87 -34.64
CA TRP B 111 -20.24 0.03 -35.43
C TRP B 111 -20.56 0.15 -36.92
N LYS B 112 -19.56 -0.15 -37.74
CA LYS B 112 -19.72 -0.18 -39.19
C LYS B 112 -19.07 -1.45 -39.72
N TYR B 113 -19.89 -2.35 -40.25
CA TYR B 113 -19.39 -3.60 -40.79
C TYR B 113 -19.23 -3.48 -42.30
N GLU B 114 -18.20 -4.15 -42.83
CA GLU B 114 -17.82 -4.02 -44.23
C GLU B 114 -17.35 -5.39 -44.73
N TYR B 115 -18.14 -5.99 -45.61
CA TYR B 115 -17.79 -7.28 -46.20
C TYR B 115 -16.99 -7.07 -47.48
N SER B 116 -15.69 -6.80 -47.29
CA SER B 116 -14.83 -6.44 -48.40
C SER B 116 -14.70 -7.55 -49.44
N ASP B 117 -14.84 -8.81 -49.03
CA ASP B 117 -14.63 -9.92 -49.96
C ASP B 117 -15.82 -10.14 -50.90
N PHE B 118 -17.01 -9.68 -50.52
CA PHE B 118 -18.23 -9.99 -51.25
C PHE B 118 -18.75 -8.76 -51.99
N ILE B 119 -19.83 -8.96 -52.74
CA ILE B 119 -20.35 -7.97 -53.67
C ILE B 119 -21.77 -7.61 -53.26
N ASN B 120 -22.24 -6.47 -53.79
CA ASN B 120 -23.63 -6.06 -53.64
C ASN B 120 -24.38 -6.11 -54.96
N ASP B 121 -23.87 -5.43 -55.98
CA ASP B 121 -24.41 -5.53 -57.33
C ASP B 121 -23.41 -6.20 -58.27
N SER B 122 -22.19 -5.67 -58.35
CA SER B 122 -21.11 -6.31 -59.10
C SER B 122 -19.79 -5.80 -58.53
N GLY B 123 -19.17 -6.58 -57.66
CA GLY B 123 -17.86 -6.27 -57.10
C GLY B 123 -17.83 -5.29 -55.96
N GLU B 124 -18.72 -4.29 -55.98
CA GLU B 124 -18.68 -3.21 -55.00
C GLU B 124 -18.86 -3.75 -53.59
N THR B 125 -18.12 -3.16 -52.66
CA THR B 125 -18.09 -3.63 -51.28
C THR B 125 -19.42 -3.36 -50.57
N VAL B 126 -19.83 -4.32 -49.76
CA VAL B 126 -21.03 -4.21 -48.93
C VAL B 126 -20.63 -3.63 -47.59
N GLU B 127 -21.43 -2.69 -47.08
CA GLU B 127 -21.17 -2.15 -45.75
C GLU B 127 -22.45 -1.60 -45.17
N PHE B 128 -22.51 -1.55 -43.84
CA PHE B 128 -23.66 -1.00 -43.16
C PHE B 128 -23.29 -0.63 -41.73
N GLU B 129 -23.95 0.40 -41.21
CA GLU B 129 -23.81 0.80 -39.82
C GLU B 129 -24.81 0.04 -38.96
N SER B 130 -24.40 -0.28 -37.73
CA SER B 130 -25.21 -1.03 -36.78
C SER B 130 -25.47 -0.15 -35.58
N TYR B 131 -26.54 0.64 -35.64
CA TYR B 131 -26.94 1.48 -34.52
C TYR B 131 -27.75 0.69 -33.53
N VAL B 132 -27.62 1.05 -32.25
CA VAL B 132 -28.44 0.45 -31.21
C VAL B 132 -29.85 1.00 -31.31
N ILE B 133 -30.84 0.13 -31.14
CA ILE B 133 -32.24 0.58 -31.18
C ILE B 133 -32.54 1.39 -29.92
N PRO B 134 -33.04 2.62 -30.04
CA PRO B 134 -33.32 3.43 -28.85
C PRO B 134 -34.43 2.82 -28.02
N ASP B 135 -34.40 3.14 -26.73
CA ASP B 135 -35.40 2.61 -25.81
C ASP B 135 -36.80 3.08 -26.17
N GLU B 136 -36.93 4.30 -26.69
CA GLU B 136 -38.23 4.79 -27.14
C GLU B 136 -38.68 4.12 -28.43
N LEU B 137 -37.76 3.55 -29.20
CA LEU B 137 -38.07 2.91 -30.47
C LEU B 137 -38.09 1.39 -30.38
N LEU B 138 -38.13 0.84 -29.17
CA LEU B 138 -38.17 -0.60 -29.00
C LEU B 138 -39.60 -1.11 -29.08
N GLU B 139 -39.82 -2.12 -29.91
CA GLU B 139 -41.09 -2.83 -29.91
C GLU B 139 -41.05 -3.95 -28.88
N GLU B 140 -42.21 -4.28 -28.34
CA GLU B 140 -42.30 -5.20 -27.22
C GLU B 140 -41.76 -6.58 -27.61
N GLY B 141 -40.66 -6.98 -26.99
CA GLY B 141 -40.04 -8.25 -27.29
C GLY B 141 -38.55 -8.14 -27.52
N GLN B 142 -38.11 -7.00 -28.04
CA GLN B 142 -36.69 -6.79 -28.32
C GLN B 142 -35.92 -6.54 -27.03
N LEU B 143 -34.62 -6.82 -27.06
CA LEU B 143 -33.79 -6.72 -25.87
C LEU B 143 -33.23 -5.31 -25.74
N ARG B 144 -33.41 -4.71 -24.57
CA ARG B 144 -32.92 -3.36 -24.33
C ARG B 144 -31.39 -3.34 -24.28
N LEU B 145 -30.79 -2.31 -24.90
CA LEU B 145 -29.35 -2.11 -24.92
C LEU B 145 -28.59 -3.31 -25.50
N LEU B 146 -29.28 -4.19 -26.21
CA LEU B 146 -28.64 -5.38 -26.74
C LEU B 146 -29.00 -5.68 -28.19
N ASP B 147 -30.13 -5.20 -28.70
CA ASP B 147 -30.57 -5.48 -30.06
C ASP B 147 -30.36 -4.23 -30.90
N THR B 148 -29.69 -4.39 -32.04
CA THR B 148 -29.29 -3.26 -32.87
C THR B 148 -30.28 -3.04 -34.01
N ASP B 149 -30.11 -1.90 -34.70
CA ASP B 149 -31.00 -1.57 -35.82
C ASP B 149 -30.85 -2.57 -36.96
N THR B 150 -29.61 -2.90 -37.32
CA THR B 150 -29.33 -3.88 -38.35
C THR B 150 -28.36 -4.91 -37.80
N SER B 151 -28.61 -6.18 -38.14
CA SER B 151 -27.81 -7.28 -37.61
C SER B 151 -26.68 -7.63 -38.57
N MET B 152 -25.59 -8.14 -38.00
CA MET B 152 -24.42 -8.55 -38.77
C MET B 152 -24.59 -10.01 -39.19
N VAL B 153 -24.97 -10.24 -40.44
CA VAL B 153 -25.32 -11.58 -40.91
C VAL B 153 -24.06 -12.29 -41.38
N VAL B 154 -23.89 -13.54 -40.94
CA VAL B 154 -22.66 -14.30 -41.14
C VAL B 154 -22.99 -15.75 -41.47
N PRO B 155 -22.34 -16.35 -42.47
CA PRO B 155 -22.57 -17.77 -42.75
C PRO B 155 -22.01 -18.66 -41.65
N VAL B 156 -22.59 -19.84 -41.53
CA VAL B 156 -22.18 -20.79 -40.50
C VAL B 156 -21.16 -21.76 -41.09
N ASP B 157 -20.31 -22.29 -40.21
CA ASP B 157 -19.32 -23.32 -40.58
C ASP B 157 -18.34 -22.83 -41.64
N THR B 158 -17.91 -21.58 -41.52
CA THR B 158 -16.89 -21.04 -42.42
C THR B 158 -15.88 -20.25 -41.59
N HIS B 159 -14.62 -20.30 -42.01
CA HIS B 159 -13.57 -19.55 -41.33
C HIS B 159 -13.69 -18.08 -41.68
N ILE B 160 -13.77 -17.23 -40.65
CA ILE B 160 -14.04 -15.81 -40.81
C ILE B 160 -12.97 -15.04 -40.08
N ARG B 161 -12.37 -14.08 -40.77
CA ARG B 161 -11.37 -13.18 -40.20
C ARG B 161 -12.02 -11.82 -39.99
N PHE B 162 -12.26 -11.48 -38.72
CA PHE B 162 -12.75 -10.15 -38.36
C PHE B 162 -11.54 -9.23 -38.22
N VAL B 163 -11.48 -8.23 -39.09
CA VAL B 163 -10.46 -7.19 -39.03
C VAL B 163 -11.11 -5.98 -38.37
N VAL B 164 -10.77 -5.73 -37.12
CA VAL B 164 -11.37 -4.66 -36.33
C VAL B 164 -10.37 -3.52 -36.24
N THR B 165 -10.87 -2.30 -36.42
CA THR B 165 -10.10 -1.08 -36.24
C THR B 165 -11.05 -0.01 -35.73
N ALA B 166 -10.54 1.20 -35.55
CA ALA B 166 -11.38 2.28 -35.05
C ALA B 166 -11.10 3.57 -35.79
N ALA B 167 -11.83 4.63 -35.45
CA ALA B 167 -11.63 5.91 -36.10
C ALA B 167 -11.31 7.03 -35.14
N ASP B 168 -11.93 7.06 -33.96
CA ASP B 168 -11.74 8.16 -33.02
C ASP B 168 -11.08 7.71 -31.72
N VAL B 169 -11.64 6.73 -31.02
CA VAL B 169 -11.04 6.25 -29.77
C VAL B 169 -10.92 4.74 -29.84
N ILE B 170 -10.46 4.12 -28.75
CA ILE B 170 -10.24 2.68 -28.74
C ILE B 170 -11.55 1.97 -28.46
N HIS B 171 -12.07 1.25 -29.45
CA HIS B 171 -13.33 0.53 -29.35
C HIS B 171 -13.07 -0.96 -29.37
N ASP B 172 -13.59 -1.69 -28.39
CA ASP B 172 -13.31 -3.11 -28.29
C ASP B 172 -14.43 -3.95 -28.91
N PHE B 173 -14.07 -4.77 -29.89
CA PHE B 173 -14.98 -5.71 -30.53
C PHE B 173 -14.99 -6.96 -29.66
N ALA B 174 -16.10 -7.18 -28.95
CA ALA B 174 -16.18 -8.26 -27.98
C ALA B 174 -17.52 -8.98 -28.11
N ILE B 175 -17.46 -10.26 -28.49
CA ILE B 175 -18.60 -11.16 -28.41
C ILE B 175 -18.18 -12.33 -27.54
N PRO B 176 -18.79 -12.51 -26.36
CA PRO B 176 -18.38 -13.59 -25.47
C PRO B 176 -18.85 -14.96 -25.91
N SER B 177 -20.04 -15.08 -26.52
CA SER B 177 -20.52 -16.37 -26.96
C SER B 177 -19.64 -16.96 -28.06
N LEU B 178 -19.13 -16.14 -28.96
CA LEU B 178 -18.15 -16.58 -29.95
C LEU B 178 -16.74 -16.63 -29.39
N GLY B 179 -16.54 -16.15 -28.16
CA GLY B 179 -15.23 -16.18 -27.55
C GLY B 179 -14.21 -15.29 -28.23
N ILE B 180 -14.61 -14.11 -28.69
CA ILE B 180 -13.68 -13.17 -29.32
C ILE B 180 -13.75 -11.86 -28.57
N LYS B 181 -12.58 -11.28 -28.30
CA LYS B 181 -12.50 -9.96 -27.67
C LYS B 181 -11.17 -9.35 -28.10
N VAL B 182 -11.23 -8.47 -29.09
CA VAL B 182 -10.05 -7.80 -29.62
C VAL B 182 -10.35 -6.31 -29.71
N ASP B 183 -9.43 -5.48 -29.26
CA ASP B 183 -9.70 -4.05 -29.23
C ASP B 183 -9.47 -3.43 -30.60
N ALA B 184 -9.72 -2.13 -30.69
CA ALA B 184 -9.61 -1.37 -31.92
C ALA B 184 -8.98 -0.03 -31.58
N THR B 185 -7.68 0.04 -31.72
CA THR B 185 -6.94 1.28 -31.68
C THR B 185 -7.04 1.96 -33.06
N PRO B 186 -7.22 3.27 -33.12
CA PRO B 186 -7.34 3.94 -34.42
C PRO B 186 -6.12 3.79 -35.31
N GLY B 187 -4.96 3.48 -34.74
CA GLY B 187 -3.75 3.41 -35.54
C GLY B 187 -3.64 2.16 -36.39
N ARG B 188 -3.92 1.00 -35.79
CA ARG B 188 -3.60 -0.28 -36.40
C ARG B 188 -4.80 -1.22 -36.45
N LEU B 189 -4.75 -2.14 -37.40
CA LEU B 189 -5.76 -3.18 -37.56
C LEU B 189 -5.51 -4.32 -36.58
N ASN B 190 -6.57 -5.09 -36.33
CA ASN B 190 -6.48 -6.27 -35.46
C ASN B 190 -7.34 -7.37 -36.04
N GLN B 191 -6.72 -8.49 -36.41
CA GLN B 191 -7.45 -9.60 -37.00
C GLN B 191 -7.66 -10.71 -35.98
N VAL B 192 -8.84 -11.32 -36.06
CA VAL B 192 -9.20 -12.46 -35.21
C VAL B 192 -9.93 -13.47 -36.08
N SER B 193 -9.76 -14.75 -35.74
CA SER B 193 -10.32 -15.84 -36.53
C SER B 193 -11.45 -16.50 -35.76
N ALA B 194 -12.51 -16.87 -36.48
CA ALA B 194 -13.67 -17.46 -35.84
C ALA B 194 -14.31 -18.48 -36.79
N LEU B 195 -14.92 -19.50 -36.20
CA LEU B 195 -15.74 -20.46 -36.92
C LEU B 195 -16.98 -20.74 -36.08
N ILE B 196 -18.13 -20.29 -36.55
CA ILE B 196 -19.40 -20.47 -35.83
C ILE B 196 -19.95 -21.84 -36.19
N GLN B 197 -20.30 -22.62 -35.17
CA GLN B 197 -20.69 -24.01 -35.35
C GLN B 197 -22.20 -24.21 -35.38
N ARG B 198 -22.99 -23.22 -34.96
CA ARG B 198 -24.44 -23.36 -34.95
C ARG B 198 -25.08 -22.03 -35.29
N GLU B 199 -26.20 -22.10 -36.02
CA GLU B 199 -26.92 -20.90 -36.38
C GLU B 199 -27.59 -20.28 -35.15
N GLY B 200 -27.92 -19.01 -35.27
CA GLY B 200 -28.59 -18.32 -34.20
C GLY B 200 -28.15 -16.87 -34.13
N VAL B 201 -28.29 -16.29 -32.94
CA VAL B 201 -27.92 -14.90 -32.70
C VAL B 201 -26.94 -14.86 -31.54
N PHE B 202 -26.02 -13.90 -31.60
CA PHE B 202 -24.95 -13.77 -30.62
C PHE B 202 -24.78 -12.30 -30.30
N TYR B 203 -24.91 -11.97 -29.01
CA TYR B 203 -24.86 -10.59 -28.58
C TYR B 203 -23.57 -10.33 -27.80
N GLY B 204 -22.99 -9.16 -28.05
CA GLY B 204 -21.80 -8.72 -27.32
C GLY B 204 -21.86 -7.22 -27.18
N ALA B 205 -20.84 -6.67 -26.52
CA ALA B 205 -20.78 -5.24 -26.31
C ALA B 205 -19.34 -4.77 -26.48
N CYS B 206 -19.15 -3.47 -26.44
CA CYS B 206 -17.82 -2.92 -26.48
C CYS B 206 -17.11 -3.01 -25.11
N SER B 207 -16.03 -3.75 -24.96
CA SER B 207 -15.24 -3.91 -23.73
C SER B 207 -14.11 -2.88 -23.66
N GLU B 208 -14.44 -1.61 -23.82
CA GLU B 208 -13.48 -0.53 -23.70
C GLU B 208 -14.22 0.80 -23.62
N LEU B 209 -13.82 1.62 -22.66
CA LEU B 209 -14.49 2.90 -22.47
C LEU B 209 -14.28 3.80 -23.69
N CYS B 210 -15.35 4.42 -24.17
CA CYS B 210 -15.35 5.25 -25.32
C CYS B 210 -16.23 6.51 -25.11
N GLY B 211 -16.61 6.88 -23.90
CA GLY B 211 -17.36 8.08 -23.65
C GLY B 211 -18.75 7.80 -23.12
N THR B 212 -19.65 8.74 -23.42
CA THR B 212 -21.01 8.64 -22.91
C THR B 212 -21.75 7.43 -23.46
N GLY B 213 -21.57 7.14 -24.74
CA GLY B 213 -22.31 6.05 -25.36
C GLY B 213 -21.58 4.73 -25.40
N HIS B 214 -20.77 4.45 -24.38
CA HIS B 214 -20.10 3.17 -24.28
C HIS B 214 -21.09 2.05 -23.99
N ALA B 215 -22.09 2.31 -23.14
CA ALA B 215 -23.05 1.28 -22.77
C ALA B 215 -23.98 0.94 -23.92
N ASN B 216 -24.44 1.95 -24.66
CA ASN B 216 -25.41 1.74 -25.73
C ASN B 216 -24.71 1.63 -27.09
N MET B 217 -23.89 0.59 -27.21
CA MET B 217 -23.22 0.26 -28.47
C MET B 217 -22.92 -1.24 -28.49
N PRO B 218 -23.92 -2.05 -28.78
CA PRO B 218 -23.73 -3.51 -28.79
C PRO B 218 -23.38 -4.03 -30.18
N ILE B 219 -23.10 -5.33 -30.23
CA ILE B 219 -22.73 -6.05 -31.44
C ILE B 219 -23.67 -7.24 -31.54
N LYS B 220 -24.34 -7.36 -32.67
CA LYS B 220 -25.29 -8.45 -32.91
C LYS B 220 -24.81 -9.22 -34.14
N ILE B 221 -24.40 -10.47 -33.93
CA ILE B 221 -23.95 -11.34 -35.01
C ILE B 221 -24.97 -12.46 -35.18
N GLU B 222 -25.57 -12.52 -36.36
CA GLU B 222 -26.61 -13.50 -36.68
C GLU B 222 -25.99 -14.50 -37.66
N ALA B 223 -25.76 -15.72 -37.19
CA ALA B 223 -25.18 -16.76 -38.03
C ALA B 223 -26.31 -17.57 -38.66
N VAL B 224 -26.33 -17.61 -39.98
CA VAL B 224 -27.37 -18.30 -40.73
C VAL B 224 -26.73 -19.30 -41.68
N SER B 225 -27.57 -20.05 -42.38
CA SER B 225 -27.10 -21.03 -43.35
C SER B 225 -26.49 -20.34 -44.57
N LEU B 226 -25.63 -21.08 -45.26
CA LEU B 226 -24.91 -20.49 -46.39
C LEU B 226 -25.82 -20.04 -47.53
N PRO B 227 -26.79 -20.83 -48.00
CA PRO B 227 -27.71 -20.28 -49.02
C PRO B 227 -28.48 -19.07 -48.53
N LYS B 228 -28.91 -19.06 -47.27
CA LYS B 228 -29.60 -17.90 -46.74
C LYS B 228 -28.67 -16.72 -46.61
N PHE B 229 -27.40 -16.95 -46.26
CA PHE B 229 -26.43 -15.86 -46.22
C PHE B 229 -26.21 -15.27 -47.60
N LEU B 230 -26.12 -16.12 -48.63
CA LEU B 230 -25.98 -15.61 -49.99
C LEU B 230 -27.21 -14.83 -50.42
N GLU B 231 -28.40 -15.31 -50.08
CA GLU B 231 -29.62 -14.58 -50.40
C GLU B 231 -29.64 -13.21 -49.72
N TRP B 232 -29.27 -13.16 -48.44
CA TRP B 232 -29.21 -11.88 -47.74
C TRP B 232 -28.17 -10.95 -48.35
N LEU B 233 -27.01 -11.50 -48.71
CA LEU B 233 -25.95 -10.68 -49.30
C LEU B 233 -26.38 -10.10 -50.64
N ASN B 234 -27.08 -10.90 -51.46
CA ASN B 234 -27.58 -10.39 -52.73
C ASN B 234 -28.68 -9.35 -52.52
N GLU B 235 -29.53 -9.55 -51.50
CA GLU B 235 -30.54 -8.55 -51.19
C GLU B 235 -29.90 -7.30 -50.58
N GLN B 236 -28.75 -7.44 -49.92
CA GLN B 236 -28.04 -6.32 -49.33
C GLN B 236 -27.57 -5.33 -50.39
N MET C 1 35.31 14.16 27.33
CA MET C 1 34.86 15.20 28.25
C MET C 1 34.17 14.60 29.46
N THR C 2 33.83 15.45 30.42
CA THR C 2 33.11 14.99 31.61
C THR C 2 31.64 14.76 31.25
N HIS C 3 30.89 14.18 32.18
CA HIS C 3 29.47 13.95 32.00
C HIS C 3 28.69 15.26 32.01
N LEU C 4 29.14 16.21 32.83
CA LEU C 4 28.53 17.53 32.90
C LEU C 4 28.44 18.21 31.55
N GLU C 5 29.48 18.08 30.72
CA GLU C 5 29.49 18.71 29.41
C GLU C 5 28.80 17.86 28.35
N ARG C 6 28.98 16.54 28.40
CA ARG C 6 28.35 15.67 27.42
C ARG C 6 26.83 15.65 27.59
N SER C 7 26.32 16.04 28.75
CA SER C 7 24.89 16.14 28.97
C SER C 7 24.25 17.32 28.25
N ARG C 8 25.05 18.20 27.65
CA ARG C 8 24.55 19.44 27.07
C ARG C 8 24.50 19.41 25.55
N HIS C 9 24.41 18.24 24.92
CA HIS C 9 24.46 18.15 23.47
C HIS C 9 23.42 17.14 23.01
N GLN C 10 23.50 16.78 21.72
CA GLN C 10 22.40 16.10 21.03
C GLN C 10 22.25 14.63 21.38
N GLN C 11 23.35 13.93 21.64
CA GLN C 11 23.44 12.48 21.90
C GLN C 11 23.30 11.64 20.65
N HIS C 12 23.06 12.23 19.48
CA HIS C 12 22.96 11.50 18.23
C HIS C 12 23.30 12.45 17.10
N PRO C 13 23.99 11.96 16.05
CA PRO C 13 24.46 12.87 15.00
C PRO C 13 23.35 13.53 14.19
N PHE C 14 22.14 13.00 14.26
CA PHE C 14 21.09 13.37 13.32
C PHE C 14 20.53 14.77 13.64
N HIS C 15 20.02 15.41 12.60
CA HIS C 15 19.69 16.84 12.62
C HIS C 15 18.21 17.02 12.93
N MET C 16 17.92 17.78 13.98
CA MET C 16 16.55 18.17 14.34
C MET C 16 16.23 19.48 13.64
N VAL C 17 15.47 19.40 12.56
CA VAL C 17 15.06 20.60 11.83
C VAL C 17 14.05 21.36 12.66
N MET C 18 14.22 22.68 12.73
CA MET C 18 13.24 23.52 13.37
C MET C 18 12.02 23.67 12.47
N PRO C 19 10.84 23.93 13.05
CA PRO C 19 9.64 24.12 12.23
C PRO C 19 9.83 25.23 11.21
N SER C 20 9.34 25.01 9.99
CA SER C 20 9.54 25.95 8.90
C SER C 20 8.30 26.01 8.02
N PRO C 21 8.04 27.16 7.37
CA PRO C 21 6.86 27.27 6.51
C PRO C 21 7.08 26.85 5.06
N TRP C 22 8.31 26.58 4.66
CA TRP C 22 8.66 26.35 3.26
C TRP C 22 7.93 25.16 2.65
N PRO C 23 7.78 24.01 3.34
CA PRO C 23 6.99 22.93 2.74
C PRO C 23 5.59 23.34 2.33
N ILE C 24 4.80 23.89 3.26
CA ILE C 24 3.43 24.26 2.93
C ILE C 24 3.38 25.42 1.94
N VAL C 25 4.34 26.34 2.03
CA VAL C 25 4.38 27.46 1.08
C VAL C 25 4.66 26.97 -0.33
N VAL C 26 5.63 26.07 -0.49
CA VAL C 26 5.91 25.49 -1.79
C VAL C 26 4.72 24.69 -2.30
N SER C 27 4.03 23.99 -1.39
CA SER C 27 2.84 23.25 -1.80
C SER C 27 1.76 24.20 -2.32
N PHE C 28 1.53 25.31 -1.63
CA PHE C 28 0.54 26.28 -2.09
C PHE C 28 0.93 26.87 -3.44
N ALA C 29 2.22 27.20 -3.60
CA ALA C 29 2.68 27.74 -4.88
C ALA C 29 2.51 26.74 -6.01
N LEU C 30 2.82 25.46 -5.75
CA LEU C 30 2.67 24.43 -6.75
C LEU C 30 1.20 24.22 -7.12
N LEU C 31 0.31 24.24 -6.13
CA LEU C 31 -1.11 24.15 -6.40
C LEU C 31 -1.59 25.33 -7.25
N SER C 32 -1.15 26.54 -6.90
CA SER C 32 -1.56 27.71 -7.66
C SER C 32 -1.02 27.63 -9.09
N LEU C 33 0.20 27.14 -9.26
CA LEU C 33 0.77 26.97 -10.59
C LEU C 33 -0.06 25.99 -11.42
N ALA C 34 -0.37 24.83 -10.84
CA ALA C 34 -1.16 23.83 -11.56
C ALA C 34 -2.54 24.37 -11.92
N LEU C 35 -3.20 25.03 -10.97
CA LEU C 35 -4.53 25.56 -11.20
C LEU C 35 -4.51 26.65 -12.26
N SER C 36 -3.52 27.54 -12.20
CA SER C 36 -3.43 28.63 -13.17
C SER C 36 -3.13 28.11 -14.57
N THR C 37 -2.23 27.13 -14.69
CA THR C 37 -1.92 26.60 -16.00
C THR C 37 -3.06 25.73 -16.54
N ALA C 38 -3.88 25.15 -15.66
CA ALA C 38 -5.07 24.45 -16.13
C ALA C 38 -6.18 25.39 -16.56
N LEU C 39 -6.31 26.55 -15.93
CA LEU C 39 -7.31 27.53 -16.33
C LEU C 39 -6.82 28.48 -17.43
N THR C 40 -5.53 28.45 -17.77
CA THR C 40 -4.99 29.32 -18.82
C THR C 40 -4.88 28.63 -20.16
N MET C 41 -4.54 27.33 -20.19
CA MET C 41 -4.50 26.61 -21.44
C MET C 41 -5.89 26.41 -22.05
N HIS C 42 -6.95 26.70 -21.29
CA HIS C 42 -8.31 26.53 -21.79
C HIS C 42 -9.08 27.85 -21.79
N GLY C 43 -8.38 28.99 -21.76
CA GLY C 43 -9.02 30.26 -22.03
C GLY C 43 -9.78 30.88 -20.89
N TYR C 44 -9.84 30.22 -19.74
CA TYR C 44 -10.50 30.82 -18.58
C TYR C 44 -9.70 31.95 -17.96
N ILE C 45 -8.42 32.08 -18.32
CA ILE C 45 -7.57 33.18 -17.88
C ILE C 45 -7.03 33.87 -19.12
N GLY C 46 -7.20 35.19 -19.18
CA GLY C 46 -6.96 35.92 -20.42
C GLY C 46 -5.52 35.99 -20.86
N ASN C 47 -4.58 35.89 -19.94
CA ASN C 47 -3.16 36.06 -20.27
C ASN C 47 -2.34 35.08 -19.45
N MET C 48 -1.05 35.00 -19.77
CA MET C 48 -0.15 34.06 -19.15
C MET C 48 0.64 34.65 -17.99
N ASN C 49 0.27 35.84 -17.52
CA ASN C 49 1.01 36.47 -16.43
C ASN C 49 0.84 35.70 -15.13
N MET C 50 -0.31 35.07 -14.92
CA MET C 50 -0.55 34.36 -13.66
C MET C 50 0.36 33.14 -13.53
N VAL C 51 0.58 32.42 -14.62
CA VAL C 51 1.51 31.29 -14.60
C VAL C 51 2.92 31.78 -14.27
N TYR C 52 3.32 32.92 -14.84
CA TYR C 52 4.62 33.50 -14.53
C TYR C 52 4.73 33.85 -13.05
N LEU C 53 3.68 34.46 -12.49
CA LEU C 53 3.70 34.81 -11.06
C LEU C 53 3.80 33.56 -10.19
N ALA C 54 3.06 32.51 -10.54
CA ALA C 54 3.13 31.28 -9.76
C ALA C 54 4.50 30.64 -9.85
N LEU C 55 5.11 30.63 -11.03
CA LEU C 55 6.46 30.08 -11.18
C LEU C 55 7.46 30.89 -10.37
N PHE C 56 7.32 32.23 -10.37
CA PHE C 56 8.20 33.08 -9.59
C PHE C 56 8.04 32.80 -8.10
N VAL C 57 6.80 32.64 -7.62
CA VAL C 57 6.58 32.33 -6.22
C VAL C 57 7.21 31.00 -5.85
N LEU C 58 7.04 29.98 -6.71
CA LEU C 58 7.64 28.69 -6.46
C LEU C 58 9.17 28.78 -6.40
N LEU C 59 9.76 29.54 -7.33
CA LEU C 59 11.21 29.70 -7.36
C LEU C 59 11.71 30.39 -6.11
N THR C 60 11.02 31.47 -5.68
CA THR C 60 11.45 32.18 -4.49
C THR C 60 11.29 31.33 -3.23
N SER C 61 10.22 30.53 -3.16
CA SER C 61 10.05 29.62 -2.04
C SER C 61 11.17 28.59 -1.98
N SER C 62 11.54 28.04 -3.13
CA SER C 62 12.66 27.09 -3.18
C SER C 62 13.96 27.78 -2.78
N ILE C 63 14.16 29.02 -3.22
CA ILE C 63 15.36 29.76 -2.84
C ILE C 63 15.41 29.99 -1.33
N LEU C 64 14.28 30.34 -0.72
CA LEU C 64 14.27 30.54 0.72
C LEU C 64 14.52 29.23 1.47
N TRP C 65 13.98 28.13 0.95
CA TRP C 65 14.23 26.81 1.53
C TRP C 65 15.72 26.49 1.49
N PHE C 66 16.38 26.74 0.35
CA PHE C 66 17.79 26.46 0.25
C PHE C 66 18.62 27.44 1.09
N ARG C 67 18.06 28.61 1.38
CA ARG C 67 18.72 29.64 2.20
C ARG C 67 18.70 29.16 3.62
N ASP C 68 17.62 28.51 4.01
CA ASP C 68 17.55 27.89 5.34
C ASP C 68 18.49 26.70 5.44
N ILE C 69 18.55 25.85 4.41
CA ILE C 69 19.38 24.66 4.53
C ILE C 69 20.87 25.02 4.55
N VAL C 70 21.29 26.03 3.78
CA VAL C 70 22.68 26.46 3.86
C VAL C 70 22.98 27.19 5.16
N ALA C 71 22.00 27.89 5.74
CA ALA C 71 22.21 28.48 7.06
C ALA C 71 22.43 27.39 8.11
N GLU C 72 21.64 26.32 8.05
CA GLU C 72 21.86 25.21 8.98
C GLU C 72 23.20 24.54 8.76
N ALA C 73 23.58 24.30 7.50
CA ALA C 73 24.82 23.58 7.23
C ALA C 73 26.05 24.41 7.61
N THR C 74 26.05 25.69 7.25
CA THR C 74 27.23 26.52 7.42
C THR C 74 27.24 27.25 8.76
N TYR C 75 26.17 27.92 9.15
CA TYR C 75 26.25 28.79 10.34
C TYR C 75 25.75 28.16 11.62
N LEU C 76 24.95 27.12 11.57
CA LEU C 76 24.61 26.40 12.78
C LEU C 76 25.43 25.14 12.98
N GLY C 77 26.10 24.65 11.94
CA GLY C 77 26.92 23.46 12.05
C GLY C 77 26.17 22.20 12.41
N ASP C 78 24.95 22.04 11.91
CA ASP C 78 24.14 20.88 12.23
C ASP C 78 24.44 19.68 11.35
N HIS C 79 25.22 19.86 10.29
CA HIS C 79 25.48 18.78 9.33
C HIS C 79 26.71 18.00 9.80
N THR C 80 26.46 16.92 10.53
CA THR C 80 27.52 16.01 10.94
C THR C 80 27.73 14.97 9.83
N MET C 81 28.51 13.93 10.10
CA MET C 81 28.83 12.95 9.06
C MET C 81 27.58 12.19 8.61
N ALA C 82 26.74 11.79 9.57
CA ALA C 82 25.54 11.03 9.22
C ALA C 82 24.59 11.85 8.37
N VAL C 83 24.41 13.12 8.72
CA VAL C 83 23.53 13.99 7.93
C VAL C 83 24.07 14.17 6.52
N ARG C 84 25.39 14.34 6.39
CA ARG C 84 26.00 14.48 5.07
C ARG C 84 25.79 13.22 4.23
N LYS C 85 25.99 12.05 4.83
CA LYS C 85 25.78 10.80 4.10
C LYS C 85 24.33 10.65 3.68
N GLY C 86 23.40 11.01 4.57
CA GLY C 86 21.99 10.92 4.22
C GLY C 86 21.61 11.84 3.08
N ILE C 87 22.12 13.07 3.10
CA ILE C 87 21.85 14.01 2.02
C ILE C 87 22.42 13.51 0.69
N ASN C 88 23.65 12.99 0.71
CA ASN C 88 24.24 12.47 -0.52
C ASN C 88 23.43 11.30 -1.06
N LEU C 89 22.99 10.41 -0.18
CA LEU C 89 22.18 9.27 -0.61
C LEU C 89 20.85 9.73 -1.19
N GLY C 90 20.20 10.70 -0.55
CA GLY C 90 18.94 11.21 -1.07
C GLY C 90 19.10 11.86 -2.44
N PHE C 91 20.19 12.59 -2.64
CA PHE C 91 20.42 13.16 -3.96
C PHE C 91 20.70 12.09 -5.00
N LEU C 92 21.38 11.00 -4.62
CA LEU C 92 21.54 9.88 -5.55
C LEU C 92 20.19 9.29 -5.94
N MET C 93 19.29 9.14 -4.98
CA MET C 93 17.96 8.62 -5.30
C MET C 93 17.20 9.58 -6.24
N PHE C 94 17.31 10.88 -5.99
CA PHE C 94 16.64 11.85 -6.87
C PHE C 94 17.22 11.81 -8.29
N VAL C 95 18.54 11.68 -8.40
CA VAL C 95 19.18 11.53 -9.71
C VAL C 95 18.70 10.27 -10.40
N LEU C 96 18.55 9.18 -9.64
CA LEU C 96 18.01 7.94 -10.23
C LEU C 96 16.60 8.16 -10.76
N SER C 97 15.77 8.92 -10.03
CA SER C 97 14.43 9.21 -10.50
C SER C 97 14.47 10.00 -11.81
N GLU C 98 15.35 10.99 -11.90
CA GLU C 98 15.48 11.75 -13.15
C GLU C 98 15.95 10.85 -14.29
N VAL C 99 16.87 9.92 -14.00
CA VAL C 99 17.34 8.99 -15.02
C VAL C 99 16.19 8.11 -15.52
N LEU C 100 15.32 7.68 -14.61
CA LEU C 100 14.17 6.88 -15.04
C LEU C 100 13.17 7.70 -15.85
N ILE C 101 13.02 9.00 -15.55
CA ILE C 101 12.20 9.85 -16.41
C ILE C 101 12.78 9.89 -17.82
N PHE C 102 14.09 10.10 -17.91
CA PHE C 102 14.75 10.09 -19.22
C PHE C 102 14.62 8.74 -19.91
N ALA C 103 14.64 7.65 -19.15
CA ALA C 103 14.46 6.32 -19.73
C ALA C 103 13.05 6.15 -20.28
N GLY C 104 12.04 6.70 -19.61
CA GLY C 104 10.69 6.69 -20.17
C GLY C 104 10.61 7.46 -21.48
N LEU C 105 11.28 8.62 -21.54
CA LEU C 105 11.32 9.36 -22.81
C LEU C 105 12.04 8.57 -23.90
N PHE C 106 13.14 7.89 -23.55
CA PHE C 106 13.84 7.05 -24.50
C PHE C 106 12.97 5.90 -24.97
N TRP C 107 12.17 5.32 -24.06
CA TRP C 107 11.22 4.29 -24.44
C TRP C 107 10.20 4.81 -25.45
N ALA C 108 9.70 6.03 -25.21
CA ALA C 108 8.78 6.63 -26.18
C ALA C 108 9.44 6.80 -27.54
N TYR C 109 10.69 7.25 -27.56
CA TYR C 109 11.42 7.42 -28.86
C TYR C 109 11.57 6.07 -29.54
N PHE C 110 12.02 5.06 -28.80
CA PHE C 110 12.27 3.76 -29.42
C PHE C 110 10.99 3.12 -29.92
N HIS C 111 9.88 3.29 -29.19
CA HIS C 111 8.60 2.78 -29.67
C HIS C 111 8.16 3.52 -30.93
N SER C 112 8.41 4.82 -30.99
CA SER C 112 7.96 5.61 -32.17
C SER C 112 8.85 5.30 -33.38
N ALA C 113 10.10 4.91 -33.15
CA ALA C 113 11.02 4.68 -34.25
C ALA C 113 11.02 3.24 -34.76
N MET C 114 11.13 2.26 -33.85
CA MET C 114 11.24 0.86 -34.25
C MET C 114 10.02 0.35 -34.99
N SER C 115 8.82 0.79 -34.61
CA SER C 115 7.62 0.46 -35.36
C SER C 115 7.06 1.74 -35.98
N PRO C 116 7.59 2.16 -37.12
CA PRO C 116 7.14 3.44 -37.71
C PRO C 116 5.71 3.33 -38.21
N ASP C 117 4.91 4.33 -37.88
CA ASP C 117 3.53 4.37 -38.34
C ASP C 117 3.48 4.49 -39.85
N VAL C 118 2.46 3.86 -40.45
CA VAL C 118 2.30 3.91 -41.90
C VAL C 118 2.05 5.33 -42.38
N THR C 119 1.47 6.19 -41.55
CA THR C 119 1.27 7.59 -41.91
C THR C 119 2.56 8.39 -41.86
N LEU C 120 3.62 7.86 -41.26
CA LEU C 120 4.90 8.55 -41.20
C LEU C 120 5.77 8.30 -42.42
N GLY C 121 5.48 7.25 -43.19
CA GLY C 121 6.27 6.92 -44.36
C GLY C 121 7.08 5.66 -44.19
N ALA C 122 6.92 5.01 -43.03
CA ALA C 122 7.61 3.76 -42.72
C ALA C 122 9.14 3.93 -42.76
N CYS C 123 9.59 5.13 -42.38
CA CYS C 123 11.04 5.43 -42.30
C CYS C 123 11.28 6.51 -41.23
N TRP C 124 12.40 6.44 -40.50
CA TRP C 124 12.74 7.42 -39.43
C TRP C 124 14.03 8.13 -39.79
N PRO C 125 14.06 9.48 -39.83
CA PRO C 125 12.89 10.29 -39.53
C PRO C 125 11.81 10.19 -40.62
N PRO C 126 10.54 10.48 -40.30
CA PRO C 126 9.43 10.43 -41.26
C PRO C 126 9.69 11.33 -42.45
N VAL C 127 9.05 10.98 -43.57
CA VAL C 127 9.18 11.74 -44.80
C VAL C 127 8.66 13.15 -44.57
N GLY C 128 9.40 14.14 -45.08
CA GLY C 128 9.08 15.53 -44.91
C GLY C 128 9.89 16.23 -43.85
N ILE C 129 10.56 15.47 -42.98
CA ILE C 129 11.38 16.04 -41.92
C ILE C 129 12.85 15.81 -42.27
N GLU C 130 13.62 16.89 -42.31
CA GLU C 130 15.06 16.80 -42.45
C GLU C 130 15.71 16.96 -41.08
N ALA C 131 16.43 15.93 -40.66
CA ALA C 131 16.96 15.89 -39.31
C ALA C 131 18.16 16.83 -39.17
N VAL C 132 18.36 17.30 -37.94
CA VAL C 132 19.49 18.18 -37.64
C VAL C 132 20.79 17.41 -37.77
N GLN C 133 21.75 17.98 -38.49
CA GLN C 133 23.04 17.32 -38.68
C GLN C 133 23.77 17.19 -37.34
N PRO C 134 24.19 15.98 -36.97
CA PRO C 134 24.81 15.80 -35.66
C PRO C 134 26.18 16.42 -35.55
N THR C 135 26.92 16.54 -36.65
CA THR C 135 28.33 16.88 -36.59
C THR C 135 28.60 18.37 -36.38
N GLU C 136 27.65 19.26 -36.69
CA GLU C 136 27.99 20.67 -36.68
C GLU C 136 27.92 21.31 -35.29
N LEU C 137 26.70 21.46 -34.75
CA LEU C 137 26.52 22.05 -33.43
C LEU C 137 26.60 21.02 -32.30
N PRO C 138 25.88 19.88 -32.40
CA PRO C 138 25.91 18.92 -31.27
C PRO C 138 27.28 18.38 -30.95
N LEU C 139 28.18 18.28 -31.93
CA LEU C 139 29.55 17.88 -31.62
C LEU C 139 30.22 18.89 -30.70
N LEU C 140 30.05 20.18 -31.00
CA LEU C 140 30.57 21.22 -30.11
C LEU C 140 29.91 21.13 -28.74
N ASN C 141 28.61 20.88 -28.70
CA ASN C 141 27.92 20.78 -27.42
C ASN C 141 28.48 19.66 -26.57
N THR C 142 28.65 18.48 -27.15
CA THR C 142 29.15 17.35 -26.37
C THR C 142 30.62 17.53 -25.99
N ILE C 143 31.43 18.14 -26.85
CA ILE C 143 32.83 18.32 -26.48
C ILE C 143 32.95 19.35 -25.36
N ILE C 144 32.18 20.45 -25.39
CA ILE C 144 32.24 21.39 -24.29
C ILE C 144 31.65 20.82 -23.01
N LEU C 145 30.69 19.89 -23.11
CA LEU C 145 30.17 19.26 -21.90
C LEU C 145 31.19 18.32 -21.25
N LEU C 146 31.88 17.51 -22.06
CA LEU C 146 32.98 16.72 -21.50
C LEU C 146 34.06 17.61 -20.92
N SER C 147 34.36 18.73 -21.58
CA SER C 147 35.32 19.68 -21.02
C SER C 147 34.84 20.23 -19.69
N SER C 148 33.55 20.53 -19.56
CA SER C 148 33.02 21.04 -18.30
C SER C 148 33.14 20.00 -17.19
N GLY C 149 32.87 18.73 -17.52
CA GLY C 149 33.04 17.69 -16.52
C GLY C 149 34.48 17.54 -16.05
N ALA C 150 35.42 17.52 -17.00
CA ALA C 150 36.82 17.47 -16.61
C ALA C 150 37.22 18.67 -15.78
N THR C 151 36.74 19.85 -16.14
CA THR C 151 37.09 21.07 -15.43
C THR C 151 36.51 21.10 -14.02
N VAL C 152 35.28 20.62 -13.84
CA VAL C 152 34.71 20.61 -12.49
C VAL C 152 35.45 19.58 -11.63
N THR C 153 35.88 18.46 -12.21
CA THR C 153 36.73 17.55 -11.46
C THR C 153 38.05 18.21 -11.05
N TYR C 154 38.67 18.95 -11.98
CA TYR C 154 39.88 19.68 -11.68
C TYR C 154 39.67 20.67 -10.53
N SER C 155 38.57 21.42 -10.59
CA SER C 155 38.28 22.40 -9.54
C SER C 155 38.02 21.73 -8.19
N HIS C 156 37.33 20.59 -8.20
CA HIS C 156 37.09 19.87 -6.95
C HIS C 156 38.39 19.37 -6.34
N HIS C 157 39.28 18.80 -7.16
CA HIS C 157 40.57 18.35 -6.64
C HIS C 157 41.41 19.52 -6.14
N ALA C 158 41.34 20.67 -6.83
CA ALA C 158 42.08 21.84 -6.35
C ALA C 158 41.51 22.38 -5.05
N LEU C 159 40.19 22.31 -4.88
CA LEU C 159 39.58 22.72 -3.61
C LEU C 159 40.02 21.80 -2.48
N ILE C 160 40.03 20.49 -2.73
CA ILE C 160 40.51 19.56 -1.69
C ILE C 160 41.98 19.80 -1.39
N ALA C 161 42.79 20.08 -2.42
CA ALA C 161 44.22 20.33 -2.20
C ALA C 161 44.48 21.60 -1.41
N GLY C 162 43.51 22.51 -1.35
CA GLY C 162 43.65 23.73 -0.58
C GLY C 162 43.95 24.98 -1.40
N ASN C 163 43.97 24.88 -2.72
CA ASN C 163 44.26 26.03 -3.57
C ASN C 163 42.95 26.70 -3.97
N ARG C 164 42.73 27.93 -3.50
CA ARG C 164 41.46 28.60 -3.74
C ARG C 164 41.35 29.10 -5.18
N ASN C 165 42.43 29.67 -5.71
CA ASN C 165 42.37 30.32 -7.02
C ASN C 165 42.05 29.34 -8.13
N LYS C 166 42.70 28.17 -8.14
CA LYS C 166 42.44 27.19 -9.18
C LYS C 166 41.02 26.65 -9.08
N ALA C 167 40.55 26.41 -7.85
CA ALA C 167 39.18 25.92 -7.68
C ALA C 167 38.16 26.92 -8.20
N LEU C 168 38.34 28.20 -7.83
CA LEU C 168 37.41 29.23 -8.30
C LEU C 168 37.46 29.37 -9.82
N SER C 169 38.66 29.36 -10.40
CA SER C 169 38.78 29.48 -11.85
C SER C 169 38.11 28.32 -12.57
N GLY C 170 38.34 27.09 -12.09
CA GLY C 170 37.73 25.94 -12.71
C GLY C 170 36.22 25.96 -12.61
N LEU C 171 35.69 26.30 -11.42
CA LEU C 171 34.24 26.35 -11.25
C LEU C 171 33.62 27.43 -12.13
N LEU C 172 34.27 28.60 -12.21
CA LEU C 172 33.73 29.67 -13.04
C LEU C 172 33.73 29.27 -14.51
N ILE C 173 34.82 28.68 -15.00
CA ILE C 173 34.90 28.36 -16.42
C ILE C 173 33.97 27.20 -16.77
N THR C 174 33.72 26.28 -15.84
CA THR C 174 32.76 25.23 -16.14
C THR C 174 31.32 25.76 -16.09
N PHE C 175 31.04 26.74 -15.22
CA PHE C 175 29.75 27.40 -15.26
C PHE C 175 29.55 28.10 -16.60
N TRP C 176 30.59 28.77 -17.10
CA TRP C 176 30.50 29.42 -18.40
C TRP C 176 30.35 28.41 -19.52
N LEU C 177 31.02 27.26 -19.43
CA LEU C 177 30.86 26.23 -20.46
C LEU C 177 29.43 25.72 -20.49
N ILE C 178 28.83 25.51 -19.33
CA ILE C 178 27.44 25.04 -19.29
C ILE C 178 26.47 26.10 -19.80
N VAL C 179 26.72 27.37 -19.51
CA VAL C 179 25.85 28.49 -19.98
C VAL C 179 26.05 28.69 -21.47
N ILE C 180 27.20 28.33 -22.03
CA ILE C 180 27.41 28.31 -23.47
C ILE C 180 26.70 27.14 -24.11
N PHE C 181 26.69 25.98 -23.46
CA PHE C 181 25.90 24.85 -23.96
C PHE C 181 24.43 25.22 -24.02
N VAL C 182 23.92 25.88 -22.99
CA VAL C 182 22.51 26.29 -22.98
C VAL C 182 22.23 27.25 -24.13
N THR C 183 23.11 28.24 -24.33
CA THR C 183 22.94 29.19 -25.42
C THR C 183 22.97 28.50 -26.78
N CYS C 184 23.89 27.56 -26.97
CA CYS C 184 23.98 26.85 -28.25
C CYS C 184 22.78 25.97 -28.50
N GLN C 185 22.25 25.31 -27.46
CA GLN C 185 21.05 24.51 -27.63
C GLN C 185 19.84 25.39 -27.96
N TYR C 186 19.74 26.56 -27.32
CA TYR C 186 18.69 27.50 -27.68
C TYR C 186 18.83 27.98 -29.12
N ILE C 187 20.06 28.26 -29.55
CA ILE C 187 20.31 28.64 -30.94
C ILE C 187 19.84 27.53 -31.88
N GLU C 188 20.20 26.29 -31.57
CA GLU C 188 19.79 25.16 -32.40
C GLU C 188 18.26 25.04 -32.43
N TYR C 189 17.60 25.36 -31.31
CA TYR C 189 16.15 25.44 -31.32
C TYR C 189 15.64 26.50 -32.29
N THR C 190 16.28 27.68 -32.31
CA THR C 190 15.75 28.78 -33.12
C THR C 190 15.76 28.43 -34.60
N ASN C 191 16.91 28.01 -35.14
CA ASN C 191 17.02 27.69 -36.56
C ASN C 191 16.93 26.18 -36.73
N ALA C 192 15.71 25.66 -36.58
CA ALA C 192 15.45 24.25 -36.72
C ALA C 192 14.40 24.04 -37.80
N ALA C 193 14.55 22.95 -38.56
CA ALA C 193 13.64 22.69 -39.67
C ALA C 193 12.28 22.21 -39.19
N PHE C 194 12.21 21.59 -38.02
CA PHE C 194 10.97 21.01 -37.53
C PHE C 194 10.71 21.49 -36.11
N THR C 195 9.44 21.44 -35.71
CA THR C 195 8.95 21.95 -34.43
C THR C 195 8.39 20.78 -33.64
N ILE C 196 8.26 20.98 -32.31
CA ILE C 196 7.74 19.95 -31.42
C ILE C 196 6.37 19.44 -31.82
N SER C 197 5.63 20.19 -32.63
CA SER C 197 4.29 19.80 -33.04
C SER C 197 4.27 19.08 -34.38
N ASP C 198 5.42 18.83 -34.99
CA ASP C 198 5.48 18.19 -36.32
C ASP C 198 5.69 16.69 -36.17
N GLY C 199 4.68 16.05 -35.59
CA GLY C 199 4.67 14.61 -35.50
C GLY C 199 5.44 14.05 -34.32
N VAL C 200 5.46 12.72 -34.25
CA VAL C 200 6.11 12.03 -33.14
C VAL C 200 7.61 12.26 -33.10
N TYR C 201 8.23 12.37 -34.27
CA TYR C 201 9.70 12.57 -34.33
C TYR C 201 10.02 13.85 -33.56
N GLY C 202 9.47 14.97 -33.99
CA GLY C 202 9.71 16.23 -33.32
C GLY C 202 9.24 16.21 -31.88
N SER C 203 8.10 15.58 -31.63
CA SER C 203 7.57 15.48 -30.27
C SER C 203 8.60 14.90 -29.31
N VAL C 204 9.03 13.67 -29.58
CA VAL C 204 9.97 12.98 -28.69
C VAL C 204 11.34 13.65 -28.70
N PHE C 205 11.80 14.13 -29.87
CA PHE C 205 13.10 14.78 -29.94
C PHE C 205 13.16 16.00 -29.03
N TYR C 206 12.19 16.90 -29.17
CA TYR C 206 12.18 18.08 -28.31
C TYR C 206 11.81 17.75 -26.88
N ALA C 207 11.02 16.70 -26.62
CA ALA C 207 10.77 16.32 -25.24
C ALA C 207 12.07 15.97 -24.53
N GLY C 208 12.86 15.06 -25.12
CA GLY C 208 14.13 14.68 -24.50
C GLY C 208 15.09 15.85 -24.42
N THR C 209 15.25 16.58 -25.53
CA THR C 209 16.22 17.67 -25.55
C THR C 209 15.84 18.80 -24.61
N GLY C 210 14.55 19.12 -24.48
CA GLY C 210 14.13 20.16 -23.56
C GLY C 210 14.17 19.73 -22.11
N LEU C 211 13.92 18.46 -21.82
CA LEU C 211 14.15 17.99 -20.46
C LEU C 211 15.62 18.12 -20.09
N HIS C 212 16.52 17.73 -20.99
CA HIS C 212 17.94 17.92 -20.72
C HIS C 212 18.29 19.41 -20.63
N PHE C 213 17.62 20.25 -21.41
CA PHE C 213 17.83 21.70 -21.34
C PHE C 213 17.46 22.24 -19.97
N LEU C 214 16.31 21.83 -19.44
CA LEU C 214 15.90 22.26 -18.11
C LEU C 214 16.86 21.76 -17.05
N HIS C 215 17.32 20.51 -17.18
CA HIS C 215 18.32 20.00 -16.24
C HIS C 215 19.62 20.78 -16.32
N MET C 216 20.04 21.20 -17.52
CA MET C 216 21.25 22.01 -17.64
C MET C 216 21.06 23.39 -17.04
N VAL C 217 19.87 23.99 -17.18
CA VAL C 217 19.61 25.27 -16.52
C VAL C 217 19.70 25.10 -15.00
N MET C 218 19.11 24.03 -14.46
CA MET C 218 19.21 23.78 -13.03
C MET C 218 20.66 23.57 -12.60
N LEU C 219 21.43 22.85 -13.42
CA LEU C 219 22.84 22.61 -13.12
C LEU C 219 23.65 23.91 -13.14
N ALA C 220 23.35 24.81 -14.09
CA ALA C 220 24.02 26.09 -14.11
C ALA C 220 23.68 26.90 -12.86
N ALA C 221 22.42 26.83 -12.41
CA ALA C 221 22.06 27.50 -11.17
C ALA C 221 22.83 26.93 -9.98
N MET C 222 22.96 25.60 -9.93
CA MET C 222 23.72 24.97 -8.84
C MET C 222 25.19 25.37 -8.89
N LEU C 223 25.78 25.43 -10.09
CA LEU C 223 27.16 25.87 -10.19
C LEU C 223 27.32 27.33 -9.77
N GLY C 224 26.35 28.18 -10.11
CA GLY C 224 26.42 29.56 -9.69
C GLY C 224 26.35 29.72 -8.18
N VAL C 225 25.44 28.98 -7.54
CA VAL C 225 25.33 29.09 -6.08
C VAL C 225 26.57 28.50 -5.41
N ASN C 226 27.14 27.43 -5.99
CA ASN C 226 28.38 26.88 -5.46
C ASN C 226 29.54 27.86 -5.61
N TYR C 227 29.59 28.58 -6.73
CA TYR C 227 30.62 29.60 -6.88
C TYR C 227 30.45 30.71 -5.87
N TRP C 228 29.24 31.17 -5.60
CA TRP C 228 29.05 32.17 -4.53
C TRP C 228 29.54 31.61 -3.21
N ARG C 229 29.11 30.40 -2.89
CA ARG C 229 29.47 29.88 -1.58
C ARG C 229 30.98 29.70 -1.42
N MET C 230 31.64 29.14 -2.43
CA MET C 230 33.09 28.99 -2.39
C MET C 230 33.80 30.33 -2.36
N ARG C 231 33.27 31.33 -3.06
CA ARG C 231 33.90 32.64 -3.07
C ARG C 231 33.88 33.27 -1.69
N ASN C 232 32.77 33.13 -0.96
CA ASN C 232 32.62 33.72 0.37
C ASN C 232 32.95 32.75 1.49
N TYR C 233 33.84 31.79 1.22
CA TYR C 233 34.43 30.92 2.24
C TYR C 233 33.39 30.06 2.94
N HIS C 234 32.27 29.76 2.27
CA HIS C 234 31.32 28.80 2.82
C HIS C 234 31.85 27.38 2.71
N LEU C 235 32.41 27.02 1.56
CA LEU C 235 32.91 25.67 1.33
C LEU C 235 34.29 25.51 1.94
N THR C 236 34.43 24.54 2.85
CA THR C 236 35.71 24.23 3.46
C THR C 236 36.41 23.15 2.64
N ALA C 237 37.67 22.90 2.98
CA ALA C 237 38.47 21.92 2.26
C ALA C 237 37.98 20.50 2.42
N GLY C 238 37.21 20.21 3.47
CA GLY C 238 36.80 18.85 3.73
C GLY C 238 35.32 18.65 3.97
N HIS C 239 34.56 19.73 4.05
CA HIS C 239 33.12 19.68 4.30
C HIS C 239 32.40 20.45 3.22
N HIS C 240 31.94 19.75 2.19
CA HIS C 240 31.12 20.34 1.15
C HIS C 240 30.24 19.25 0.55
N VAL C 241 28.92 19.42 0.65
CA VAL C 241 27.99 18.41 0.17
C VAL C 241 27.34 18.90 -1.12
N GLY C 242 26.96 20.17 -1.14
CA GLY C 242 26.32 20.72 -2.32
C GLY C 242 27.22 20.70 -3.54
N TYR C 243 28.53 20.84 -3.32
CA TYR C 243 29.46 20.86 -4.45
C TYR C 243 29.71 19.43 -4.97
N GLU C 244 29.83 18.45 -4.07
CA GLU C 244 29.81 17.06 -4.50
C GLU C 244 28.49 16.72 -5.18
N THR C 245 27.39 17.28 -4.67
CA THR C 245 26.09 17.12 -5.29
C THR C 245 26.11 17.61 -6.74
N THR C 246 26.62 18.81 -6.98
CA THR C 246 26.62 19.34 -8.34
C THR C 246 27.62 18.61 -9.23
N ILE C 247 28.69 18.05 -8.66
CA ILE C 247 29.61 17.24 -9.46
C ILE C 247 28.94 15.94 -9.91
N ILE C 248 28.26 15.25 -9.00
CA ILE C 248 27.53 14.06 -9.39
C ILE C 248 26.45 14.39 -10.42
N TYR C 249 25.74 15.50 -10.22
CA TYR C 249 24.74 15.93 -11.20
C TYR C 249 25.37 16.21 -12.56
N THR C 250 26.51 16.89 -12.59
CA THR C 250 27.17 17.19 -13.85
C THR C 250 27.58 15.91 -14.57
N HIS C 251 28.16 14.96 -13.84
CA HIS C 251 28.60 13.74 -14.51
C HIS C 251 27.43 12.89 -15.00
N VAL C 252 26.38 12.73 -14.18
CA VAL C 252 25.25 11.92 -14.63
C VAL C 252 24.54 12.60 -15.79
N LEU C 253 24.49 13.94 -15.79
CA LEU C 253 23.82 14.64 -16.87
C LEU C 253 24.65 14.61 -18.15
N ASP C 254 25.98 14.59 -18.03
CA ASP C 254 26.83 14.40 -19.19
C ASP C 254 26.65 13.01 -19.77
N VAL C 255 26.53 11.99 -18.92
CA VAL C 255 26.24 10.65 -19.43
C VAL C 255 24.89 10.59 -20.12
N ILE C 256 23.88 11.22 -19.54
CA ILE C 256 22.56 11.29 -20.16
C ILE C 256 22.64 11.97 -21.51
N TRP C 257 23.39 13.07 -21.59
CA TRP C 257 23.55 13.76 -22.88
C TRP C 257 24.30 12.91 -23.89
N LEU C 258 25.28 12.11 -23.45
CA LEU C 258 25.98 11.24 -24.39
C LEU C 258 25.02 10.21 -24.97
N PHE C 259 24.22 9.58 -24.11
CA PHE C 259 23.21 8.63 -24.61
C PHE C 259 22.22 9.32 -25.54
N LEU C 260 21.77 10.51 -25.16
CA LEU C 260 20.81 11.26 -25.96
C LEU C 260 21.39 11.62 -27.32
N TYR C 261 22.64 12.08 -27.34
CA TYR C 261 23.34 12.36 -28.58
C TYR C 261 23.38 11.13 -29.47
N VAL C 262 23.86 10.01 -28.93
CA VAL C 262 23.99 8.82 -29.77
C VAL C 262 22.65 8.41 -30.34
N VAL C 263 21.63 8.30 -29.49
CA VAL C 263 20.34 7.75 -29.91
C VAL C 263 19.63 8.71 -30.87
N PHE C 264 19.59 10.00 -30.54
CA PHE C 264 18.80 10.94 -31.33
C PHE C 264 19.53 11.46 -32.55
N TYR C 265 20.85 11.28 -32.64
CA TYR C 265 21.61 11.85 -33.74
C TYR C 265 22.33 10.80 -34.57
N TRP C 266 23.07 9.89 -33.95
CA TRP C 266 23.81 8.89 -34.70
C TRP C 266 23.01 7.62 -34.98
N TRP C 267 21.77 7.56 -34.50
CA TRP C 267 20.92 6.40 -34.74
C TRP C 267 19.60 6.84 -35.36
N GLY C 268 19.17 8.07 -35.04
CA GLY C 268 17.93 8.60 -35.59
C GLY C 268 18.06 9.30 -36.92
N VAL C 269 19.28 9.43 -37.45
CA VAL C 269 19.49 10.08 -38.74
C VAL C 269 19.88 9.04 -39.79
N PRO D 4 35.14 39.83 29.56
CA PRO D 4 35.93 38.65 29.20
C PRO D 4 35.56 38.09 27.83
N VAL D 5 36.26 37.05 27.40
CA VAL D 5 36.00 36.40 26.12
C VAL D 5 36.25 34.90 26.27
N VAL D 6 35.44 34.11 25.57
CA VAL D 6 35.53 32.67 25.63
C VAL D 6 36.49 32.18 24.54
N LYS D 7 37.18 31.08 24.84
CA LYS D 7 38.16 30.52 23.93
C LYS D 7 37.44 29.74 22.83
N THR D 8 38.19 28.98 22.03
CA THR D 8 37.63 28.26 20.90
C THR D 8 37.65 26.74 21.10
N ALA D 9 37.91 26.28 22.33
CA ALA D 9 37.87 24.85 22.68
C ALA D 9 38.86 24.06 21.82
N GLN D 10 40.15 24.34 22.05
CA GLN D 10 41.22 23.78 21.23
C GLN D 10 41.18 22.26 21.15
N ASN D 11 40.78 21.58 22.22
CA ASN D 11 40.63 20.14 22.18
C ASN D 11 39.31 19.78 22.85
N LEU D 12 39.06 18.48 22.98
CA LEU D 12 37.76 18.01 23.47
C LEU D 12 37.58 18.26 24.97
N ALA D 13 38.66 18.56 25.69
CA ALA D 13 38.58 18.76 27.14
C ALA D 13 38.28 20.19 27.55
N GLU D 14 38.31 21.14 26.62
CA GLU D 14 37.96 22.53 26.92
C GLU D 14 36.58 22.93 26.43
N VAL D 15 35.81 22.01 25.86
CA VAL D 15 34.48 22.35 25.39
C VAL D 15 33.60 22.67 26.58
N ASN D 16 33.03 23.87 26.60
CA ASN D 16 32.16 24.32 27.68
C ASN D 16 31.00 25.08 27.01
N GLY D 17 29.94 24.36 26.69
CA GLY D 17 28.77 24.95 26.08
C GLY D 17 28.89 25.06 24.58
N PRO D 18 27.77 25.30 23.90
CA PRO D 18 27.79 25.46 22.45
C PRO D 18 28.38 26.77 21.95
N GLU D 19 28.64 27.74 22.84
CA GLU D 19 29.14 29.03 22.41
C GLU D 19 30.65 29.08 22.29
N THR D 20 31.35 28.03 22.70
CA THR D 20 32.80 27.96 22.60
C THR D 20 33.26 27.10 21.43
N LEU D 21 32.34 26.72 20.54
CA LEU D 21 32.64 25.84 19.42
C LEU D 21 32.58 26.56 18.07
N ILE D 22 33.09 27.79 18.00
CA ILE D 22 32.99 28.57 16.77
C ILE D 22 34.34 28.64 16.07
N GLY D 23 35.35 29.21 16.72
CA GLY D 23 36.68 29.26 16.18
C GLY D 23 36.89 30.38 15.18
N PRO D 24 38.15 30.57 14.75
CA PRO D 24 38.46 31.59 13.75
C PRO D 24 38.45 31.05 12.34
N GLY D 25 38.01 31.89 11.40
CA GLY D 25 37.89 31.48 10.02
C GLY D 25 39.20 31.57 9.26
N ALA D 26 39.08 31.43 7.93
CA ALA D 26 40.23 31.58 7.05
C ALA D 26 40.76 33.01 7.12
N LYS D 27 42.03 33.18 6.75
CA LYS D 27 42.70 34.45 7.06
C LYS D 27 42.30 35.54 6.08
N GLU D 28 42.74 35.44 4.82
CA GLU D 28 42.31 36.43 3.84
C GLU D 28 41.87 35.81 2.52
N GLY D 29 42.60 34.81 2.04
CA GLY D 29 42.39 34.32 0.69
C GLY D 29 42.62 32.84 0.51
N THR D 30 42.65 32.08 1.60
CA THR D 30 42.82 30.64 1.55
C THR D 30 41.48 29.95 1.83
N VAL D 31 41.37 28.71 1.35
CA VAL D 31 40.15 27.94 1.57
C VAL D 31 40.02 27.65 3.07
N PRO D 32 38.82 27.74 3.63
CA PRO D 32 38.65 27.37 5.04
C PRO D 32 38.92 25.90 5.27
N THR D 33 39.48 25.59 6.44
CA THR D 33 39.66 24.20 6.82
C THR D 33 38.54 23.76 7.75
N ASP D 34 38.53 22.46 8.07
CA ASP D 34 37.52 21.93 8.98
C ASP D 34 37.71 22.50 10.38
N LEU D 35 38.95 22.69 10.82
CA LEU D 35 39.19 23.23 12.16
C LEU D 35 38.94 24.73 12.23
N ASP D 36 38.76 25.40 11.09
CA ASP D 36 38.59 26.85 11.09
C ASP D 36 37.15 27.25 11.33
N GLN D 37 36.22 26.74 10.52
CA GLN D 37 34.87 27.28 10.49
C GLN D 37 33.79 26.28 10.84
N GLU D 38 34.14 25.05 11.21
CA GLU D 38 33.12 24.13 11.71
C GLU D 38 32.60 24.60 13.05
N THR D 39 31.31 24.44 13.28
CA THR D 39 30.68 24.94 14.49
C THR D 39 29.64 23.95 15.00
N GLY D 40 29.34 24.05 16.29
CA GLY D 40 28.26 23.28 16.87
C GLY D 40 28.55 21.79 16.92
N LEU D 41 27.52 20.99 16.64
CA LEU D 41 27.63 19.55 16.76
C LEU D 41 28.65 18.97 15.79
N ALA D 42 28.72 19.50 14.57
CA ALA D 42 29.72 19.03 13.62
C ALA D 42 31.13 19.31 14.12
N ARG D 43 31.35 20.49 14.72
CA ARG D 43 32.65 20.81 15.29
C ARG D 43 32.98 19.88 16.46
N LEU D 44 31.99 19.58 17.30
CA LEU D 44 32.22 18.66 18.41
C LEU D 44 32.59 17.27 17.92
N GLU D 45 31.88 16.78 16.91
CA GLU D 45 32.20 15.48 16.33
C GLU D 45 33.59 15.49 15.70
N LEU D 46 33.94 16.57 15.00
CA LEU D 46 35.28 16.68 14.41
C LEU D 46 36.36 16.64 15.49
N LEU D 47 36.16 17.38 16.58
CA LEU D 47 37.11 17.31 17.69
C LEU D 47 37.26 15.88 18.19
N GLY D 48 36.13 15.23 18.48
CA GLY D 48 36.18 13.85 18.92
C GLY D 48 36.96 12.96 17.98
N LYS D 49 36.83 13.21 16.67
CA LYS D 49 37.62 12.44 15.71
C LYS D 49 39.12 12.75 15.81
N LEU D 50 39.50 14.02 15.98
CA LEU D 50 40.93 14.32 16.10
C LEU D 50 41.55 13.71 17.35
N GLU D 51 40.91 13.83 18.51
CA GLU D 51 41.49 13.18 19.68
C GLU D 51 41.07 11.72 19.82
N GLY D 52 40.30 11.18 18.88
CA GLY D 52 40.04 9.77 18.82
C GLY D 52 38.89 9.29 19.69
N ILE D 53 38.33 10.15 20.53
CA ILE D 53 37.18 9.80 21.34
C ILE D 53 35.95 9.89 20.46
N ASP D 54 35.37 8.75 20.11
CA ASP D 54 34.22 8.73 19.20
C ASP D 54 32.95 9.19 19.93
N VAL D 55 32.61 10.46 19.72
CA VAL D 55 31.34 10.97 20.22
C VAL D 55 30.20 10.30 19.47
N PHE D 56 29.00 10.38 20.03
CA PHE D 56 27.82 9.67 19.52
C PHE D 56 28.07 8.16 19.52
N ASP D 57 28.20 7.63 20.74
CA ASP D 57 28.51 6.21 20.91
C ASP D 57 27.50 5.35 20.17
N THR D 58 28.00 4.35 19.45
CA THR D 58 27.18 3.46 18.64
C THR D 58 27.46 2.00 18.97
N LYS D 59 28.06 1.75 20.12
CA LYS D 59 28.35 0.38 20.51
C LYS D 59 27.05 -0.38 20.78
N PRO D 60 26.94 -1.61 20.31
CA PRO D 60 25.73 -2.41 20.56
C PRO D 60 25.63 -2.82 22.03
N LEU D 61 24.59 -3.59 22.33
CA LEU D 61 24.28 -3.96 23.69
C LEU D 61 25.30 -4.97 24.24
N ASP D 62 25.56 -4.86 25.54
CA ASP D 62 26.40 -5.83 26.25
C ASP D 62 25.65 -7.15 26.36
N SER D 63 26.03 -8.11 25.53
CA SER D 63 25.41 -9.43 25.51
C SER D 63 26.45 -10.53 25.69
N SER D 64 27.35 -10.36 26.67
CA SER D 64 28.35 -11.38 26.93
C SER D 64 27.91 -12.34 28.03
N ARG D 65 27.28 -11.82 29.07
CA ARG D 65 26.87 -12.62 30.22
C ARG D 65 25.35 -12.52 30.38
N LYS D 66 24.83 -13.20 31.40
CA LYS D 66 23.39 -13.28 31.59
C LYS D 66 22.84 -12.11 32.37
N GLY D 67 23.56 -11.62 33.38
CA GLY D 67 23.09 -10.48 34.13
C GLY D 67 22.02 -10.82 35.15
N THR D 68 22.39 -11.60 36.17
CA THR D 68 21.46 -12.00 37.20
C THR D 68 21.01 -10.80 38.03
N MET D 69 20.08 -11.04 38.96
CA MET D 69 19.52 -9.95 39.76
C MET D 69 20.52 -9.35 40.72
N LYS D 70 21.44 -10.14 41.26
CA LYS D 70 22.44 -9.62 42.18
C LYS D 70 23.48 -8.76 41.47
N ASP D 71 23.85 -9.10 40.25
CA ASP D 71 24.84 -8.35 39.47
C ASP D 71 24.28 -8.03 38.08
N PRO D 72 23.28 -7.16 38.02
CA PRO D 72 22.63 -6.87 36.74
C PRO D 72 23.55 -6.17 35.75
N ILE D 73 23.24 -6.36 34.47
CA ILE D 73 23.97 -5.66 33.42
C ILE D 73 23.68 -4.17 33.55
N ILE D 74 24.73 -3.40 33.78
CA ILE D 74 24.59 -1.96 34.00
C ILE D 74 24.61 -1.26 32.64
N ILE D 75 23.63 -0.41 32.40
CA ILE D 75 23.57 0.39 31.18
C ILE D 75 23.54 1.86 31.56
N GLU D 76 24.42 2.63 30.94
CA GLU D 76 24.54 4.06 31.23
C GLU D 76 23.56 4.81 30.35
N SER D 77 22.94 5.85 30.91
CA SER D 77 21.97 6.63 30.16
C SER D 77 22.12 8.10 30.50
N TYR D 78 21.66 8.96 29.59
CA TYR D 78 21.57 10.39 29.86
C TYR D 78 20.15 10.83 30.16
N ASP D 79 19.21 9.90 30.22
CA ASP D 79 17.84 10.16 30.64
C ASP D 79 17.44 9.08 31.64
N ASP D 80 16.30 9.29 32.30
CA ASP D 80 15.93 8.42 33.41
C ASP D 80 15.46 7.04 32.97
N TYR D 81 15.30 6.82 31.65
CA TYR D 81 14.98 5.49 31.13
C TYR D 81 15.85 5.22 29.91
N ARG D 82 15.83 3.96 29.45
CA ARG D 82 16.48 3.64 28.18
C ARG D 82 15.91 2.33 27.64
N TYR D 83 15.70 2.27 26.34
CA TYR D 83 15.22 1.05 25.70
C TYR D 83 16.38 0.12 25.37
N VAL D 84 16.15 -1.17 25.56
CA VAL D 84 17.18 -2.19 25.42
C VAL D 84 16.59 -3.40 24.73
N GLY D 85 17.14 -3.76 23.57
CA GLY D 85 16.69 -4.96 22.89
C GLY D 85 17.67 -6.10 23.07
N CYS D 86 17.31 -7.10 23.87
CA CYS D 86 18.22 -8.21 24.11
C CYS D 86 17.81 -9.43 23.30
N THR D 87 18.79 -10.27 22.99
CA THR D 87 18.57 -11.45 22.18
C THR D 87 19.11 -12.73 22.81
N GLY D 88 19.79 -12.65 23.95
CA GLY D 88 20.25 -13.82 24.64
C GLY D 88 21.64 -13.62 25.18
N SER D 89 22.18 -14.68 25.81
CA SER D 89 23.52 -14.65 26.36
C SER D 89 24.55 -14.68 25.24
N PRO D 90 24.34 -15.46 24.16
CA PRO D 90 25.08 -15.18 22.93
C PRO D 90 24.48 -14.02 22.18
N ALA D 91 24.97 -13.73 20.98
CA ALA D 91 24.51 -12.56 20.26
C ALA D 91 23.03 -12.67 19.88
N GLY D 92 22.61 -13.81 19.38
CA GLY D 92 21.25 -13.96 18.88
C GLY D 92 20.52 -15.20 19.36
N SER D 93 20.69 -15.55 20.64
CA SER D 93 20.14 -16.80 21.15
C SER D 93 18.64 -16.89 20.93
N HIS D 94 17.87 -15.99 21.55
CA HIS D 94 16.43 -15.95 21.34
C HIS D 94 16.07 -14.72 20.51
N THR D 95 14.78 -14.58 20.21
CA THR D 95 14.31 -13.48 19.40
C THR D 95 14.48 -12.17 20.15
N ILE D 96 14.37 -11.06 19.43
CA ILE D 96 14.55 -9.74 20.02
C ILE D 96 13.46 -9.50 21.06
N MET D 97 13.88 -9.05 22.24
CA MET D 97 12.98 -8.73 23.34
C MET D 97 13.30 -7.32 23.79
N TRP D 98 12.34 -6.42 23.65
CA TRP D 98 12.56 -5.01 23.94
C TRP D 98 12.07 -4.69 25.35
N LEU D 99 12.95 -4.07 26.13
CA LEU D 99 12.74 -3.76 27.54
C LEU D 99 12.97 -2.27 27.73
N LYS D 100 12.37 -1.73 28.79
CA LYS D 100 12.53 -0.30 29.09
C LYS D 100 12.94 -0.15 30.55
N PRO D 101 14.21 -0.40 30.86
CA PRO D 101 14.68 -0.13 32.23
C PRO D 101 14.73 1.36 32.53
N THR D 102 14.21 1.70 33.71
CA THR D 102 14.23 3.05 34.25
C THR D 102 15.05 3.08 35.54
N VAL D 103 15.03 4.22 36.21
CA VAL D 103 15.82 4.40 37.42
C VAL D 103 15.29 3.49 38.53
N ASN D 104 13.98 3.50 38.75
CA ASN D 104 13.39 2.76 39.86
C ASN D 104 13.31 1.26 39.60
N GLU D 105 12.98 0.84 38.39
CA GLU D 105 12.66 -0.56 38.11
C GLU D 105 13.64 -1.14 37.10
N VAL D 106 14.24 -2.27 37.44
CA VAL D 106 15.07 -3.00 36.50
C VAL D 106 14.19 -3.71 35.48
N ALA D 107 14.80 -4.15 34.40
CA ALA D 107 14.10 -4.81 33.30
C ALA D 107 14.57 -6.25 33.21
N ARG D 108 13.62 -7.19 33.20
CA ARG D 108 13.90 -8.60 33.04
C ARG D 108 13.27 -9.12 31.76
N CYS D 109 14.02 -9.97 31.03
CA CYS D 109 13.62 -10.35 29.68
C CYS D 109 12.36 -11.21 29.66
N TRP D 110 12.20 -12.09 30.65
CA TRP D 110 11.11 -13.07 30.73
C TRP D 110 11.33 -14.22 29.75
N GLU D 111 12.38 -14.13 28.92
CA GLU D 111 12.73 -15.25 28.06
C GLU D 111 14.14 -15.77 28.31
N CYS D 112 15.11 -14.89 28.54
CA CYS D 112 16.45 -15.30 28.95
C CYS D 112 16.76 -14.92 30.39
N GLY D 113 15.92 -14.10 31.03
CA GLY D 113 16.10 -13.76 32.42
C GLY D 113 17.09 -12.67 32.72
N SER D 114 17.65 -12.03 31.69
CA SER D 114 18.64 -10.98 31.91
C SER D 114 18.02 -9.79 32.63
N VAL D 115 18.76 -9.24 33.58
CA VAL D 115 18.34 -8.08 34.35
C VAL D 115 19.20 -6.90 33.96
N TYR D 116 18.57 -5.81 33.55
CA TYR D 116 19.27 -4.61 33.12
C TYR D 116 18.98 -3.49 34.10
N LYS D 117 20.03 -2.90 34.67
CA LYS D 117 19.90 -1.82 35.62
C LYS D 117 20.45 -0.54 35.01
N LEU D 118 19.68 0.53 35.10
CA LEU D 118 20.06 1.80 34.49
C LEU D 118 20.80 2.69 35.49
N ASN D 119 21.90 3.31 35.04
CA ASN D 119 22.44 4.42 35.80
C ASN D 119 22.55 5.66 34.92
N PRO D 120 21.96 6.78 35.35
CA PRO D 120 21.94 8.00 34.53
C PRO D 120 23.16 8.88 34.70
N VAL D 121 23.56 9.51 33.60
CA VAL D 121 24.41 10.69 33.67
C VAL D 121 23.67 11.86 34.29
N GLY D 122 22.44 12.10 33.83
CA GLY D 122 21.59 13.11 34.45
C GLY D 122 22.10 14.51 34.22
N VAL D 123 22.05 15.32 35.27
CA VAL D 123 22.30 16.77 35.28
C VAL D 123 21.75 17.40 33.99
N PRO D 124 20.42 17.48 33.85
CA PRO D 124 19.81 18.04 32.64
C PRO D 124 19.91 19.56 32.58
N ALA E 1 6.10 -18.32 61.75
CA ALA E 1 6.17 -17.07 61.01
C ALA E 1 5.04 -16.12 61.39
N GLN E 2 3.93 -16.21 60.67
CA GLN E 2 2.77 -15.37 60.93
C GLN E 2 1.93 -16.03 62.01
N THR E 3 0.71 -15.55 62.25
CA THR E 3 -0.17 -16.09 63.27
C THR E 3 -0.79 -17.40 62.80
N HIS E 4 -1.82 -17.85 63.52
CA HIS E 4 -2.40 -19.18 63.27
C HIS E 4 -2.83 -19.33 61.81
N ALA E 5 -3.81 -18.54 61.37
CA ALA E 5 -4.31 -18.66 60.01
C ALA E 5 -5.02 -17.37 59.63
N LEU E 6 -5.25 -17.22 58.32
CA LEU E 6 -5.99 -16.07 57.81
C LEU E 6 -7.42 -16.11 58.32
N SER E 7 -7.95 -14.94 58.66
CA SER E 7 -9.32 -14.84 59.15
C SER E 7 -10.30 -15.25 58.05
N ASN E 8 -11.28 -16.08 58.43
CA ASN E 8 -12.24 -16.58 57.45
C ASN E 8 -13.14 -15.48 56.91
N ALA E 9 -13.50 -14.50 57.74
CA ALA E 9 -14.32 -13.39 57.27
C ALA E 9 -13.62 -12.56 56.21
N ALA E 10 -12.30 -12.68 56.08
CA ALA E 10 -11.55 -11.92 55.10
C ALA E 10 -11.02 -12.76 53.94
N VAL E 11 -11.22 -14.08 53.97
CA VAL E 11 -10.68 -14.94 52.92
C VAL E 11 -11.73 -15.73 52.17
N MET E 12 -12.92 -15.97 52.75
CA MET E 12 -13.95 -16.73 52.05
C MET E 12 -14.46 -15.99 50.82
N ASP E 13 -14.78 -16.78 49.79
CA ASP E 13 -15.42 -16.28 48.57
C ASP E 13 -14.64 -15.12 47.96
N LEU E 14 -13.31 -15.30 47.88
CA LEU E 14 -12.47 -14.24 47.31
C LEU E 14 -12.73 -14.06 45.82
N GLN E 15 -13.26 -15.09 45.15
CA GLN E 15 -13.56 -14.97 43.73
C GLN E 15 -14.65 -13.94 43.47
N SER E 16 -15.67 -13.90 44.33
CA SER E 16 -16.83 -13.08 44.06
C SER E 16 -16.64 -11.61 44.46
N ARG E 17 -15.56 -11.29 45.17
CA ARG E 17 -15.42 -9.92 45.65
C ARG E 17 -13.99 -9.38 45.57
N TRP E 18 -13.09 -10.06 44.86
CA TRP E 18 -11.70 -9.58 44.80
C TRP E 18 -11.59 -8.22 44.11
N GLU E 19 -12.32 -8.01 43.01
CA GLU E 19 -12.19 -6.79 42.25
C GLU E 19 -12.85 -5.59 42.93
N ASN E 20 -13.73 -5.82 43.90
CA ASN E 20 -14.43 -4.74 44.58
C ASN E 20 -13.69 -4.23 45.82
N MET E 21 -12.62 -4.90 46.22
CA MET E 21 -11.89 -4.50 47.42
C MET E 21 -10.93 -3.36 47.10
N PRO E 22 -10.64 -2.49 48.07
CA PRO E 22 -9.60 -1.48 47.88
C PRO E 22 -8.23 -2.12 47.76
N SER E 23 -7.31 -1.38 47.14
CA SER E 23 -5.96 -1.91 46.90
C SER E 23 -5.22 -2.19 48.20
N THR E 24 -5.49 -1.41 49.25
CA THR E 24 -4.81 -1.64 50.53
C THR E 24 -5.19 -3.00 51.12
N GLU E 25 -6.48 -3.34 51.09
CA GLU E 25 -6.91 -4.65 51.58
C GLU E 25 -6.35 -5.77 50.73
N GLN E 26 -6.30 -5.57 49.41
CA GLN E 26 -5.71 -6.56 48.52
C GLN E 26 -4.24 -6.81 48.87
N GLN E 27 -3.48 -5.74 49.07
CA GLN E 27 -2.07 -5.87 49.41
C GLN E 27 -1.88 -6.53 50.77
N ASP E 28 -2.72 -6.18 51.75
CA ASP E 28 -2.63 -6.82 53.05
C ASP E 28 -2.91 -8.32 52.96
N ILE E 29 -3.95 -8.70 52.20
CA ILE E 29 -4.26 -10.12 52.04
C ILE E 29 -3.13 -10.85 51.33
N VAL E 30 -2.55 -10.22 50.29
CA VAL E 30 -1.44 -10.84 49.58
C VAL E 30 -0.25 -11.04 50.50
N SER E 31 0.06 -10.03 51.32
CA SER E 31 1.19 -10.14 52.23
C SER E 31 0.95 -11.24 53.27
N LYS E 32 -0.25 -11.31 53.83
CA LYS E 32 -0.54 -12.34 54.82
C LYS E 32 -0.47 -13.73 54.20
N LEU E 33 -1.02 -13.91 52.99
CA LEU E 33 -0.96 -15.21 52.35
C LEU E 33 0.46 -15.58 51.95
N SER E 34 1.27 -14.60 51.54
CA SER E 34 2.67 -14.89 51.23
C SER E 34 3.45 -15.27 52.48
N GLU E 35 3.12 -14.66 53.62
CA GLU E 35 3.76 -15.07 54.87
C GLU E 35 3.32 -16.47 55.28
N ARG E 36 2.07 -16.82 54.97
CA ARG E 36 1.59 -18.17 55.25
C ARG E 36 2.15 -19.23 54.30
N GLN E 37 2.53 -18.83 53.08
CA GLN E 37 3.11 -19.77 52.12
C GLN E 37 4.35 -20.47 52.68
N LYS E 38 5.15 -19.76 53.48
CA LYS E 38 6.40 -20.31 53.98
C LYS E 38 6.21 -21.53 54.87
N LEU E 39 5.03 -21.71 55.45
CA LEU E 39 4.74 -22.90 56.21
C LEU E 39 4.63 -24.10 55.27
N PRO E 40 4.78 -25.32 55.80
CA PRO E 40 4.53 -26.50 54.97
C PRO E 40 3.13 -26.46 54.37
N TRP E 41 3.03 -26.81 53.09
CA TRP E 41 1.78 -26.59 52.36
C TRP E 41 0.65 -27.50 52.82
N ALA E 42 0.94 -28.51 53.63
CA ALA E 42 -0.13 -29.32 54.18
C ALA E 42 -0.90 -28.59 55.28
N GLN E 43 -0.31 -27.55 55.86
CA GLN E 43 -0.97 -26.80 56.93
C GLN E 43 -1.91 -25.72 56.41
N LEU E 44 -1.84 -25.37 55.13
CA LEU E 44 -2.75 -24.38 54.58
C LEU E 44 -4.13 -24.98 54.40
N THR E 45 -5.15 -24.27 54.86
CA THR E 45 -6.51 -24.75 54.70
C THR E 45 -7.00 -24.54 53.27
N GLU E 46 -8.07 -25.24 52.92
CA GLU E 46 -8.55 -25.20 51.54
C GLU E 46 -8.97 -23.80 51.08
N PRO E 47 -9.71 -23.00 51.85
CA PRO E 47 -9.99 -21.63 51.41
C PRO E 47 -8.74 -20.81 51.16
N GLU E 48 -7.69 -21.01 51.95
CA GLU E 48 -6.44 -20.29 51.71
C GLU E 48 -5.81 -20.69 50.38
N LYS E 49 -5.80 -21.99 50.08
CA LYS E 49 -5.26 -22.46 48.80
C LYS E 49 -6.06 -21.88 47.64
N GLN E 50 -7.39 -21.90 47.75
CA GLN E 50 -8.23 -21.34 46.69
C GLN E 50 -7.99 -19.85 46.53
N ALA E 51 -7.86 -19.13 47.63
CA ALA E 51 -7.62 -17.69 47.56
C ALA E 51 -6.29 -17.39 46.90
N VAL E 52 -5.24 -18.14 47.26
CA VAL E 52 -3.93 -17.91 46.67
C VAL E 52 -3.95 -18.22 45.17
N TRP E 53 -4.59 -19.34 44.80
CA TRP E 53 -4.67 -19.67 43.38
C TRP E 53 -5.45 -18.62 42.60
N TYR E 54 -6.55 -18.11 43.17
CA TYR E 54 -7.31 -17.08 42.46
C TYR E 54 -6.54 -15.78 42.37
N ILE E 55 -5.79 -15.42 43.40
CA ILE E 55 -4.97 -14.22 43.33
C ILE E 55 -3.92 -14.34 42.23
N SER E 56 -3.29 -15.51 42.12
CA SER E 56 -2.22 -15.68 41.14
C SER E 56 -2.76 -15.83 39.72
N TYR E 57 -3.62 -16.83 39.50
CA TYR E 57 -4.06 -17.21 38.17
C TYR E 57 -5.56 -17.02 37.98
N GLY E 58 -6.16 -16.09 38.71
CA GLY E 58 -7.57 -15.81 38.55
C GLY E 58 -7.85 -15.06 37.26
N GLU E 59 -9.08 -15.24 36.76
CA GLU E 59 -9.49 -14.61 35.51
C GLU E 59 -9.97 -13.18 35.81
N TRP E 60 -8.99 -12.35 36.15
CA TRP E 60 -9.24 -10.95 36.44
C TRP E 60 -8.02 -10.13 36.05
N GLY E 61 -8.24 -8.84 35.82
CA GLY E 61 -7.17 -7.94 35.45
C GLY E 61 -6.52 -8.35 34.13
N PRO E 62 -5.26 -8.78 34.21
CA PRO E 62 -4.57 -9.24 33.00
C PRO E 62 -5.24 -10.40 32.31
N ARG E 63 -5.86 -11.31 33.06
CA ARG E 63 -6.48 -12.50 32.49
C ARG E 63 -7.94 -12.28 32.11
N ARG E 64 -8.41 -11.05 32.16
CA ARG E 64 -9.76 -10.74 31.73
C ARG E 64 -9.92 -11.09 30.25
N PRO E 65 -10.94 -11.85 29.87
CA PRO E 65 -11.03 -12.32 28.48
C PRO E 65 -11.37 -11.19 27.52
N VAL E 66 -11.21 -11.48 26.23
CA VAL E 66 -11.56 -10.52 25.18
C VAL E 66 -13.06 -10.23 25.21
N LEU E 67 -13.87 -11.28 25.36
CA LEU E 67 -15.33 -11.15 25.44
C LEU E 67 -15.75 -11.58 26.84
N ASN E 68 -16.55 -10.72 27.51
CA ASN E 68 -16.88 -10.93 28.92
C ASN E 68 -18.26 -11.59 29.07
N LYS E 69 -18.34 -12.85 28.63
CA LYS E 69 -19.40 -13.78 28.99
C LYS E 69 -20.76 -13.46 28.39
N GLY E 70 -20.89 -12.32 27.70
CA GLY E 70 -22.16 -11.96 27.12
C GLY E 70 -22.03 -11.22 25.81
N ASP E 71 -20.82 -11.22 25.23
CA ASP E 71 -20.54 -10.37 24.08
C ASP E 71 -20.79 -11.07 22.75
N SER E 72 -20.76 -12.41 22.73
CA SER E 72 -21.06 -13.10 21.48
C SER E 72 -22.51 -12.86 21.06
N SER E 73 -23.44 -12.93 22.01
CA SER E 73 -24.83 -12.61 21.72
C SER E 73 -24.98 -11.16 21.29
N PHE E 74 -24.25 -10.25 21.95
CA PHE E 74 -24.34 -8.84 21.60
C PHE E 74 -23.84 -8.58 20.19
N ILE E 75 -22.73 -9.19 19.80
CA ILE E 75 -22.21 -8.97 18.44
C ILE E 75 -23.12 -9.63 17.40
N ALA E 76 -23.71 -10.79 17.72
CA ALA E 76 -24.66 -11.40 16.79
C ALA E 76 -25.88 -10.51 16.60
N LYS E 77 -26.42 -9.98 17.68
CA LYS E 77 -27.57 -9.08 17.56
C LYS E 77 -27.19 -7.80 16.82
N GLY E 78 -25.99 -7.28 17.06
CA GLY E 78 -25.56 -6.08 16.36
C GLY E 78 -25.41 -6.31 14.86
N VAL E 79 -24.82 -7.43 14.47
CA VAL E 79 -24.66 -7.69 13.04
C VAL E 79 -26.02 -7.95 12.38
N ALA E 80 -26.93 -8.66 13.06
CA ALA E 80 -28.26 -8.86 12.49
C ALA E 80 -29.01 -7.54 12.34
N ALA E 81 -28.94 -6.68 13.35
CA ALA E 81 -29.59 -5.38 13.27
C ALA E 81 -28.97 -4.52 12.18
N GLY E 82 -27.65 -4.58 12.02
CA GLY E 82 -27.01 -3.85 10.95
C GLY E 82 -27.47 -4.32 9.58
N LEU E 83 -27.59 -5.63 9.39
CA LEU E 83 -28.07 -6.16 8.13
C LEU E 83 -29.51 -5.71 7.85
N LEU E 84 -30.37 -5.79 8.88
CA LEU E 84 -31.75 -5.37 8.70
C LEU E 84 -31.85 -3.88 8.38
N PHE E 85 -31.08 -3.05 9.07
CA PHE E 85 -31.11 -1.63 8.79
C PHE E 85 -30.54 -1.31 7.42
N SER E 86 -29.51 -2.04 6.98
CA SER E 86 -28.96 -1.84 5.65
C SER E 86 -29.99 -2.15 4.58
N VAL E 87 -30.68 -3.30 4.69
CA VAL E 87 -31.68 -3.62 3.69
C VAL E 87 -32.88 -2.67 3.77
N GLY E 88 -33.24 -2.18 4.96
CA GLY E 88 -34.30 -1.20 5.07
C GLY E 88 -33.96 0.12 4.40
N LEU E 89 -32.75 0.63 4.63
CA LEU E 89 -32.31 1.84 3.95
C LEU E 89 -32.24 1.64 2.45
N PHE E 90 -31.76 0.48 1.99
CA PHE E 90 -31.71 0.21 0.57
C PHE E 90 -33.11 0.21 -0.04
N ALA E 91 -34.07 -0.41 0.65
CA ALA E 91 -35.44 -0.39 0.15
C ALA E 91 -36.00 1.03 0.12
N VAL E 92 -35.72 1.83 1.14
CA VAL E 92 -36.24 3.19 1.20
C VAL E 92 -35.68 4.02 0.05
N VAL E 93 -34.36 3.96 -0.17
CA VAL E 93 -33.76 4.71 -1.26
C VAL E 93 -34.12 4.13 -2.62
N ARG E 94 -34.50 2.85 -2.69
CA ARG E 94 -35.00 2.29 -3.94
C ARG E 94 -36.40 2.80 -4.24
N MET E 95 -37.19 3.07 -3.19
CA MET E 95 -38.51 3.66 -3.39
C MET E 95 -38.41 5.14 -3.77
N ALA E 96 -37.42 5.85 -3.25
CA ALA E 96 -37.23 7.26 -3.57
C ALA E 96 -36.24 7.44 -4.72
N GLY E 97 -36.51 6.75 -5.83
CA GLY E 97 -35.66 6.83 -7.00
C GLY E 97 -36.50 6.90 -8.27
N GLY E 98 -35.83 6.78 -9.41
CA GLY E 98 -36.56 6.93 -10.67
C GLY E 98 -37.44 5.74 -10.93
N GLN E 99 -37.88 5.53 -12.16
CA GLN E 99 -38.85 4.46 -12.42
C GLN E 99 -38.14 3.21 -12.96
N ASP E 100 -38.80 2.06 -12.97
CA ASP E 100 -38.04 0.89 -13.48
C ASP E 100 -38.19 0.80 -14.99
N ALA E 101 -37.20 0.24 -15.66
CA ALA E 101 -37.15 0.16 -17.12
C ALA E 101 -38.46 -0.41 -17.66
N LYS E 102 -38.79 -0.01 -18.89
CA LYS E 102 -40.01 -0.48 -19.52
C LYS E 102 -39.95 -1.96 -19.89
N THR E 103 -38.75 -2.52 -20.01
CA THR E 103 -38.57 -3.90 -20.45
C THR E 103 -38.62 -4.90 -19.30
N MET E 104 -38.82 -4.44 -18.08
CA MET E 104 -38.90 -5.34 -16.92
C MET E 104 -40.35 -5.68 -16.60
N ASN E 105 -40.97 -6.39 -17.55
CA ASN E 105 -42.33 -6.89 -17.37
C ASN E 105 -42.33 -8.39 -17.64
N LYS E 106 -43.36 -9.06 -17.12
CA LYS E 106 -43.56 -10.47 -17.45
C LYS E 106 -43.88 -10.63 -18.93
N GLU E 107 -44.79 -9.79 -19.45
CA GLU E 107 -45.23 -9.93 -20.83
C GLU E 107 -44.13 -9.61 -21.83
N TRP E 108 -43.37 -8.54 -21.59
CA TRP E 108 -42.26 -8.19 -22.47
C TRP E 108 -41.23 -9.30 -22.52
N GLN E 109 -40.89 -9.86 -21.37
CA GLN E 109 -39.83 -10.86 -21.31
C GLN E 109 -40.30 -12.23 -21.82
N LEU E 110 -41.58 -12.55 -21.72
CA LEU E 110 -42.07 -13.74 -22.39
C LEU E 110 -41.94 -13.62 -23.91
N LYS E 111 -42.24 -12.45 -24.46
CA LYS E 111 -42.05 -12.23 -25.89
C LYS E 111 -40.57 -12.28 -26.28
N SER E 112 -39.70 -11.73 -25.43
CA SER E 112 -38.26 -11.84 -25.68
C SER E 112 -37.82 -13.30 -25.66
N ASP E 113 -38.34 -14.08 -24.72
CA ASP E 113 -38.05 -15.51 -24.69
C ASP E 113 -38.55 -16.21 -25.95
N GLU E 114 -39.73 -15.84 -26.44
CA GLU E 114 -40.23 -16.43 -27.68
C GLU E 114 -39.32 -16.11 -28.86
N TYR E 115 -38.86 -14.85 -28.94
CA TYR E 115 -37.93 -14.50 -30.01
C TYR E 115 -36.63 -15.28 -29.92
N LEU E 116 -36.10 -15.43 -28.70
CA LEU E 116 -34.88 -16.20 -28.53
C LEU E 116 -35.08 -17.67 -28.85
N LYS E 117 -36.26 -18.21 -28.54
CA LYS E 117 -36.58 -19.59 -28.91
C LYS E 117 -36.67 -19.73 -30.43
N SER E 118 -37.11 -18.69 -31.13
CA SER E 118 -37.09 -18.72 -32.59
C SER E 118 -35.67 -18.84 -33.12
N LYS E 119 -34.71 -18.17 -32.49
CA LYS E 119 -33.33 -18.15 -32.94
C LYS E 119 -32.50 -19.31 -32.41
N ASN E 120 -33.09 -20.20 -31.61
CA ASN E 120 -32.37 -21.30 -30.98
C ASN E 120 -31.18 -20.79 -30.18
N ALA E 121 -31.39 -19.72 -29.41
CA ALA E 121 -30.32 -19.16 -28.59
C ALA E 121 -30.16 -19.95 -27.30
N ASN E 122 -28.90 -20.16 -26.91
CA ASN E 122 -28.52 -20.93 -25.72
C ASN E 122 -29.21 -22.29 -25.72
N PRO E 123 -28.81 -23.20 -26.60
CA PRO E 123 -29.53 -24.48 -26.72
C PRO E 123 -29.42 -25.37 -25.48
N TRP E 124 -28.20 -25.61 -25.01
CA TRP E 124 -28.03 -26.46 -23.84
C TRP E 124 -28.07 -25.68 -22.53
N GLY E 125 -27.72 -24.39 -22.55
CA GLY E 125 -27.85 -23.55 -21.38
C GLY E 125 -29.27 -23.06 -21.20
N GLY E 126 -29.41 -21.81 -20.79
CA GLY E 126 -30.72 -21.23 -20.62
C GLY E 126 -30.87 -19.88 -21.31
N TYR E 127 -31.91 -19.75 -22.14
CA TYR E 127 -32.19 -18.48 -22.81
C TYR E 127 -33.35 -17.73 -22.17
N SER E 128 -34.06 -18.35 -21.23
CA SER E 128 -35.25 -17.74 -20.66
C SER E 128 -34.84 -16.56 -19.78
N GLN E 129 -35.42 -15.40 -20.08
CA GLN E 129 -35.19 -14.18 -19.31
C GLN E 129 -36.54 -13.70 -18.80
N VAL E 130 -36.85 -13.98 -17.53
CA VAL E 130 -38.09 -13.49 -16.96
C VAL E 130 -37.80 -12.64 -15.73
N GLN E 131 -37.27 -13.24 -14.67
CA GLN E 131 -36.65 -12.55 -13.54
C GLN E 131 -37.54 -11.50 -12.90
N SER E 132 -38.81 -11.42 -13.30
CA SER E 132 -39.65 -10.31 -12.88
C SER E 132 -41.11 -10.70 -13.04
N LYS E 133 -41.98 -9.88 -12.47
CA LYS E 133 -43.41 -10.11 -12.52
C LYS E 133 -44.18 -8.80 -12.69
N ASP F 5 21.20 -26.10 16.68
CA ASP F 5 21.25 -27.56 16.73
C ASP F 5 20.11 -28.11 17.60
N GLU F 6 19.36 -29.06 17.03
CA GLU F 6 18.26 -29.67 17.75
C GLU F 6 18.77 -30.53 18.89
N GLU F 7 18.07 -30.46 20.03
CA GLU F 7 18.43 -31.23 21.21
C GLU F 7 17.68 -32.56 21.24
N THR F 8 18.30 -33.56 21.87
CA THR F 8 17.62 -34.80 22.17
C THR F 8 16.79 -34.63 23.44
N PHE F 9 16.06 -35.69 23.81
CA PHE F 9 15.22 -35.61 25.00
C PHE F 9 16.06 -35.61 26.27
N GLU F 10 17.12 -36.43 26.31
CA GLU F 10 17.97 -36.49 27.49
C GLU F 10 18.72 -35.18 27.73
N GLU F 11 19.24 -34.56 26.65
CA GLU F 11 19.90 -33.28 26.80
C GLU F 11 18.92 -32.21 27.29
N PHE F 12 17.70 -32.21 26.75
CA PHE F 12 16.67 -31.29 27.21
C PHE F 12 16.39 -31.49 28.69
N THR F 13 16.23 -32.74 29.11
CA THR F 13 15.94 -33.03 30.51
C THR F 13 17.04 -32.55 31.43
N ALA F 14 18.30 -32.86 31.08
CA ALA F 14 19.42 -32.42 31.91
C ALA F 14 19.51 -30.91 31.96
N ARG F 15 19.34 -30.25 30.81
CA ARG F 15 19.43 -28.79 30.77
C ARG F 15 18.37 -28.15 31.66
N TYR F 16 17.14 -28.67 31.62
CA TYR F 16 16.11 -28.04 32.41
C TYR F 16 16.13 -28.43 33.88
N GLU F 17 16.64 -29.62 34.22
CA GLU F 17 16.96 -29.89 35.62
C GLU F 17 17.95 -28.87 36.16
N LYS F 18 19.03 -28.63 35.42
CA LYS F 18 19.99 -27.61 35.83
C LYS F 18 19.31 -26.24 35.95
N GLU F 19 18.62 -25.81 34.90
CA GLU F 19 18.06 -24.47 34.86
C GLU F 19 17.03 -24.25 35.96
N PHE F 20 16.34 -25.32 36.37
CA PHE F 20 15.50 -25.23 37.56
C PHE F 20 16.32 -25.20 38.83
N ASP F 21 17.50 -25.84 38.85
CA ASP F 21 18.32 -25.81 40.06
C ASP F 21 18.92 -24.44 40.33
N GLU F 22 19.33 -23.70 39.29
CA GLU F 22 19.83 -22.35 39.51
C GLU F 22 18.75 -21.27 39.47
N ALA F 23 17.48 -21.62 39.36
CA ALA F 23 16.43 -20.63 39.54
C ALA F 23 16.46 -20.11 40.98
N TYR F 24 16.36 -18.79 41.13
CA TYR F 24 16.56 -18.18 42.44
C TYR F 24 15.36 -17.42 42.99
N ASP F 25 14.38 -17.06 42.17
CA ASP F 25 13.20 -16.38 42.67
C ASP F 25 11.98 -16.82 41.86
N LEU F 26 10.82 -16.29 42.24
CA LEU F 26 9.57 -16.68 41.60
C LEU F 26 9.55 -16.33 40.11
N PHE F 27 10.05 -15.15 39.74
CA PHE F 27 10.11 -14.77 38.34
C PHE F 27 10.91 -15.78 37.53
N GLU F 28 12.08 -16.17 38.04
CA GLU F 28 12.92 -17.14 37.33
C GLU F 28 12.26 -18.51 37.26
N VAL F 29 11.63 -18.95 38.35
CA VAL F 29 10.96 -20.25 38.34
C VAL F 29 9.86 -20.26 37.29
N GLN F 30 9.04 -19.21 37.27
CA GLN F 30 7.94 -19.16 36.30
C GLN F 30 8.46 -19.05 34.87
N ARG F 31 9.52 -18.28 34.65
CA ARG F 31 10.09 -18.15 33.31
C ARG F 31 10.66 -19.48 32.82
N VAL F 32 11.39 -20.18 33.69
CA VAL F 32 11.96 -21.48 33.31
C VAL F 32 10.86 -22.48 33.03
N LEU F 33 9.81 -22.50 33.87
CA LEU F 33 8.70 -23.39 33.63
C LEU F 33 7.99 -23.06 32.32
N ASN F 34 7.82 -21.77 32.03
CA ASN F 34 7.16 -21.36 30.79
C ASN F 34 7.92 -21.81 29.57
N ASN F 35 9.22 -21.49 29.50
CA ASN F 35 9.97 -21.87 28.32
C ASN F 35 10.35 -23.34 28.30
N CYS F 36 10.15 -24.05 29.42
CA CYS F 36 10.20 -25.50 29.41
C CYS F 36 8.96 -26.12 28.77
N PHE F 37 7.78 -25.57 29.08
CA PHE F 37 6.54 -26.10 28.54
C PHE F 37 6.22 -25.59 27.15
N SER F 38 7.00 -24.65 26.61
CA SER F 38 6.76 -24.10 25.28
C SER F 38 7.62 -24.84 24.25
N TYR F 39 7.47 -26.16 24.23
CA TYR F 39 8.20 -27.02 23.31
C TYR F 39 7.26 -28.06 22.74
N ASP F 40 7.74 -28.77 21.72
CA ASP F 40 6.95 -29.85 21.12
C ASP F 40 7.18 -31.18 21.83
N LEU F 41 7.06 -31.15 23.15
CA LEU F 41 7.27 -32.32 23.98
C LEU F 41 6.81 -32.02 25.40
N VAL F 42 6.28 -33.03 26.07
CA VAL F 42 5.92 -32.89 27.48
C VAL F 42 7.16 -33.19 28.33
N PRO F 43 7.52 -32.32 29.27
CA PRO F 43 8.73 -32.55 30.05
C PRO F 43 8.68 -33.84 30.84
N ALA F 44 9.85 -34.43 31.04
CA ALA F 44 9.95 -35.69 31.76
C ALA F 44 9.57 -35.50 33.24
N PRO F 45 9.20 -36.56 33.93
CA PRO F 45 8.84 -36.43 35.35
C PRO F 45 9.96 -35.87 36.22
N ALA F 46 11.22 -36.04 35.83
CA ALA F 46 12.33 -35.45 36.58
C ALA F 46 12.30 -33.92 36.49
N VAL F 47 11.97 -33.39 35.31
CA VAL F 47 11.86 -31.95 35.15
C VAL F 47 10.69 -31.40 35.96
N ILE F 48 9.58 -32.13 35.99
CA ILE F 48 8.45 -31.73 36.82
C ILE F 48 8.82 -31.80 38.30
N GLU F 49 9.63 -32.79 38.67
CA GLU F 49 10.14 -32.88 40.03
C GLU F 49 10.96 -31.64 40.40
N LYS F 50 11.87 -31.25 39.51
CA LYS F 50 12.67 -30.05 39.75
C LYS F 50 11.81 -28.80 39.81
N ALA F 51 10.77 -28.73 38.97
CA ALA F 51 9.85 -27.59 39.01
C ALA F 51 9.11 -27.51 40.34
N LEU F 52 8.63 -28.64 40.85
CA LEU F 52 7.99 -28.64 42.15
C LEU F 52 8.97 -28.24 43.26
N ARG F 53 10.20 -28.74 43.18
CA ARG F 53 11.20 -28.35 44.17
C ARG F 53 11.46 -26.85 44.12
N ALA F 54 11.54 -26.27 42.92
CA ALA F 54 11.75 -24.84 42.80
C ALA F 54 10.55 -24.04 43.32
N ALA F 55 9.33 -24.52 43.06
CA ALA F 55 8.15 -23.85 43.57
C ALA F 55 8.10 -23.88 45.09
N ARG F 56 8.50 -25.00 45.70
CA ARG F 56 8.57 -25.07 47.16
C ARG F 56 9.70 -24.20 47.70
N ARG F 57 10.79 -24.08 46.94
CA ARG F 57 11.95 -23.30 47.40
C ARG F 57 11.66 -21.81 47.45
N VAL F 58 10.86 -21.30 46.50
CA VAL F 58 10.49 -19.90 46.48
C VAL F 58 9.17 -19.64 47.19
N ASN F 59 8.57 -20.67 47.79
CA ASN F 59 7.34 -20.56 48.58
C ASN F 59 6.20 -19.97 47.75
N ASP F 60 5.82 -20.70 46.70
CA ASP F 60 4.70 -20.31 45.84
C ASP F 60 3.86 -21.55 45.55
N LEU F 61 2.78 -21.73 46.31
CA LEU F 61 1.87 -22.84 46.05
C LEU F 61 1.22 -22.80 44.67
N PRO F 62 0.66 -21.68 44.21
CA PRO F 62 -0.14 -21.72 42.97
C PRO F 62 0.64 -22.14 41.74
N THR F 63 1.94 -21.82 41.64
CA THR F 63 2.70 -22.28 40.49
C THR F 63 2.94 -23.79 40.52
N ALA F 64 3.00 -24.39 41.71
CA ALA F 64 3.08 -25.84 41.81
C ALA F 64 1.81 -26.51 41.28
N ILE F 65 0.64 -25.93 41.58
CA ILE F 65 -0.59 -26.42 40.99
C ILE F 65 -0.60 -26.19 39.48
N ARG F 66 -0.11 -25.02 39.05
CA ARG F 66 -0.04 -24.70 37.63
C ARG F 66 0.86 -25.64 36.87
N VAL F 67 1.86 -26.23 37.52
CA VAL F 67 2.70 -27.23 36.86
C VAL F 67 1.85 -28.40 36.39
N PHE F 68 1.03 -28.95 37.30
CA PHE F 68 0.16 -30.07 36.92
C PHE F 68 -0.93 -29.62 35.96
N GLU F 69 -1.44 -28.40 36.11
CA GLU F 69 -2.45 -27.90 35.17
C GLU F 69 -1.88 -27.80 33.76
N ALA F 70 -0.67 -27.28 33.62
CA ALA F 70 -0.01 -27.19 32.32
C ALA F 70 0.32 -28.57 31.77
N LEU F 71 0.71 -29.51 32.64
CA LEU F 71 0.95 -30.87 32.18
C LEU F 71 -0.32 -31.50 31.63
N LYS F 72 -1.46 -31.27 32.31
CA LYS F 72 -2.73 -31.77 31.82
C LYS F 72 -3.11 -31.12 30.49
N TYR F 73 -2.91 -29.81 30.38
CA TYR F 73 -3.24 -29.11 29.14
C TYR F 73 -2.24 -29.37 28.02
N LYS F 74 -1.11 -30.00 28.33
CA LYS F 74 -0.04 -30.25 27.36
C LYS F 74 -0.03 -31.68 26.85
N VAL F 75 -0.36 -32.64 27.71
CA VAL F 75 -0.26 -34.04 27.35
C VAL F 75 -1.38 -34.40 26.37
N GLU F 76 -1.16 -35.46 25.58
CA GLU F 76 -2.08 -35.87 24.53
C GLU F 76 -3.35 -36.49 25.07
N ASN F 77 -3.25 -37.60 25.80
CA ASN F 77 -4.41 -38.35 26.22
C ASN F 77 -4.75 -38.05 27.69
N GLU F 78 -5.94 -38.50 28.09
CA GLU F 78 -6.34 -38.43 29.49
C GLU F 78 -5.72 -39.54 30.33
N ASP F 79 -5.09 -40.53 29.70
CA ASP F 79 -4.43 -41.62 30.40
C ASP F 79 -2.96 -41.34 30.68
N GLN F 80 -2.27 -40.64 29.78
CA GLN F 80 -0.88 -40.27 30.03
C GLN F 80 -0.78 -39.25 31.15
N TYR F 81 -1.78 -38.38 31.30
CA TYR F 81 -1.82 -37.47 32.44
C TYR F 81 -1.94 -38.25 33.75
N LYS F 82 -2.78 -39.28 33.77
CA LYS F 82 -2.88 -40.13 34.95
C LYS F 82 -1.56 -40.85 35.21
N ALA F 83 -0.90 -41.33 34.15
CA ALA F 83 0.40 -41.96 34.31
C ALA F 83 1.46 -40.99 34.84
N TYR F 84 1.36 -39.71 34.49
CA TYR F 84 2.24 -38.72 35.08
C TYR F 84 1.93 -38.48 36.56
N LEU F 85 0.65 -38.30 36.90
CA LEU F 85 0.32 -37.88 38.25
C LEU F 85 0.45 -39.01 39.27
N ASP F 86 0.18 -40.27 38.88
CA ASP F 86 0.38 -41.35 39.83
C ASP F 86 1.84 -41.73 39.98
N GLU F 87 2.68 -41.37 39.02
CA GLU F 87 4.12 -41.55 39.18
C GLU F 87 4.70 -40.47 40.09
N LEU F 88 4.10 -39.27 40.08
CA LEU F 88 4.51 -38.17 40.94
C LEU F 88 3.70 -38.09 42.22
N LYS F 89 2.98 -39.16 42.56
CA LYS F 89 2.08 -39.13 43.72
C LYS F 89 2.85 -38.90 45.02
N ASP F 90 4.00 -39.58 45.19
CA ASP F 90 4.73 -39.46 46.44
C ASP F 90 5.22 -38.03 46.68
N VAL F 91 5.79 -37.39 45.67
CA VAL F 91 6.30 -36.03 45.85
C VAL F 91 5.16 -35.04 46.02
N ARG F 92 4.07 -35.22 45.28
CA ARG F 92 2.92 -34.35 45.44
C ARG F 92 2.33 -34.45 46.83
N GLN F 93 2.25 -35.67 47.39
CA GLN F 93 1.80 -35.83 48.76
C GLN F 93 2.79 -35.26 49.76
N GLU F 94 4.09 -35.39 49.49
CA GLU F 94 5.11 -34.87 50.40
C GLU F 94 5.04 -33.36 50.50
N LEU F 95 5.00 -32.67 49.35
CA LEU F 95 4.91 -31.22 49.37
C LEU F 95 3.51 -30.72 49.71
N GLY F 96 2.50 -31.57 49.56
CA GLY F 96 1.14 -31.17 49.88
C GLY F 96 0.47 -30.32 48.83
N VAL F 97 1.00 -30.27 47.62
CA VAL F 97 0.40 -29.50 46.54
C VAL F 97 -0.86 -30.19 46.05
N PRO F 98 -2.01 -29.51 46.01
CA PRO F 98 -3.22 -30.13 45.49
C PRO F 98 -3.41 -29.90 43.99
N LEU F 99 -4.04 -30.84 43.30
CA LEU F 99 -4.35 -30.64 41.90
C LEU F 99 -5.45 -29.60 41.75
N LYS F 100 -5.44 -28.89 40.62
CA LYS F 100 -6.42 -27.84 40.40
C LYS F 100 -7.84 -28.39 40.35
N GLU F 101 -8.04 -29.53 39.70
CA GLU F 101 -9.40 -30.07 39.57
C GLU F 101 -9.92 -30.69 40.85
N GLU F 102 -9.04 -31.01 41.81
CA GLU F 102 -9.50 -31.47 43.11
C GLU F 102 -9.51 -30.37 44.16
N LEU F 103 -8.80 -29.27 43.91
CA LEU F 103 -8.87 -28.09 44.78
C LEU F 103 -10.18 -27.34 44.60
N PHE F 104 -10.64 -27.19 43.35
CA PHE F 104 -11.95 -26.63 43.05
C PHE F 104 -12.85 -27.72 42.52
N PRO F 105 -13.49 -28.51 43.39
CA PRO F 105 -14.33 -29.62 42.90
C PRO F 105 -15.62 -29.09 42.31
N SER F 106 -15.83 -29.39 41.03
CA SER F 106 -17.03 -28.96 40.31
C SER F 106 -17.28 -29.86 39.11
N ALA G 1 33.06 38.21 1.75
CA ALA G 1 34.37 38.58 2.27
C ALA G 1 34.62 37.96 3.64
N ASN G 2 34.37 36.66 3.74
CA ASN G 2 34.63 35.88 4.95
C ASN G 2 33.84 36.43 6.15
N LYS G 3 32.52 36.32 6.05
CA LYS G 3 31.62 36.68 7.13
C LYS G 3 31.07 35.47 7.88
N VAL G 4 31.67 34.29 7.67
CA VAL G 4 31.07 33.06 8.17
C VAL G 4 31.08 33.01 9.69
N ILE G 5 32.16 33.44 10.32
CA ILE G 5 32.24 33.38 11.78
C ILE G 5 31.29 34.39 12.41
N GLN G 6 31.25 35.60 11.86
CA GLN G 6 30.33 36.62 12.36
C GLN G 6 28.88 36.17 12.25
N LEU G 7 28.51 35.61 11.10
CA LEU G 7 27.15 35.12 10.94
C LEU G 7 26.88 33.88 11.80
N GLN G 8 27.91 33.08 12.08
CA GLN G 8 27.72 31.97 13.02
C GLN G 8 27.39 32.50 14.41
N LYS G 9 28.11 33.53 14.85
CA LYS G 9 27.79 34.15 16.13
C LYS G 9 26.39 34.73 16.13
N ILE G 10 25.99 35.39 15.04
CA ILE G 10 24.66 35.99 14.96
C ILE G 10 23.58 34.92 14.99
N PHE G 11 23.79 33.83 14.23
CA PHE G 11 22.78 32.79 14.08
C PHE G 11 22.62 31.92 15.32
N GLN G 12 23.71 31.64 16.04
CA GLN G 12 23.64 30.77 17.19
C GLN G 12 23.15 31.47 18.45
N SER G 13 23.07 32.81 18.44
CA SER G 13 22.52 33.57 19.55
C SER G 13 21.41 34.46 19.00
N SER G 14 20.21 33.89 18.89
CA SER G 14 19.06 34.62 18.38
C SER G 14 17.75 33.92 18.77
N THR G 15 16.87 34.63 19.44
CA THR G 15 15.57 34.09 19.83
C THR G 15 14.51 34.37 18.77
N LYS G 16 14.82 34.03 17.53
CA LYS G 16 13.96 34.24 16.38
C LYS G 16 13.90 32.98 15.54
N PRO G 17 12.85 32.80 14.73
CA PRO G 17 12.83 31.69 13.78
C PRO G 17 13.99 31.80 12.80
N LEU G 18 14.43 30.63 12.32
CA LEU G 18 15.66 30.52 11.56
C LEU G 18 15.72 31.43 10.34
N TRP G 19 14.60 31.63 9.64
CA TRP G 19 14.60 32.45 8.44
C TRP G 19 14.58 33.95 8.73
N TRP G 20 14.38 34.34 9.98
CA TRP G 20 14.38 35.75 10.37
C TRP G 20 15.68 36.19 11.03
N ARG G 21 16.65 35.28 11.17
CA ARG G 21 17.85 35.59 11.94
C ARG G 21 18.80 36.53 11.21
N HIS G 22 18.91 36.40 9.89
CA HIS G 22 19.79 37.28 9.13
C HIS G 22 19.26 38.71 9.17
N PRO G 23 20.16 39.70 9.26
CA PRO G 23 19.70 41.10 9.31
C PRO G 23 18.92 41.55 8.08
N ARG G 24 19.11 40.90 6.96
CA ARG G 24 18.38 41.26 5.75
C ARG G 24 17.38 40.18 5.43
N SER G 25 16.68 39.66 6.44
CA SER G 25 15.58 38.71 6.21
C SER G 25 14.28 39.41 5.85
N ALA G 26 14.00 40.58 6.44
CA ALA G 26 12.74 41.27 6.16
C ALA G 26 12.63 41.66 4.69
N LEU G 27 13.73 42.14 4.10
CA LEU G 27 13.74 42.51 2.69
C LEU G 27 13.33 41.37 1.77
N TYR G 28 13.50 40.14 2.21
CA TYR G 28 13.23 39.02 1.29
C TYR G 28 11.95 38.37 1.74
N LEU G 29 11.50 38.68 2.94
CA LEU G 29 10.35 37.95 3.48
C LEU G 29 9.05 38.73 3.37
N TYR G 30 9.09 40.07 3.39
CA TYR G 30 7.84 40.81 3.29
C TYR G 30 7.32 40.84 1.85
N PRO G 31 8.12 41.27 0.86
CA PRO G 31 7.63 41.20 -0.52
C PRO G 31 7.26 39.79 -0.95
N PHE G 32 7.99 38.78 -0.48
CA PHE G 32 7.63 37.41 -0.80
C PHE G 32 6.27 37.06 -0.22
N TYR G 33 5.99 37.47 1.02
CA TYR G 33 4.68 37.17 1.61
C TYR G 33 3.57 37.84 0.84
N ALA G 34 3.76 39.11 0.45
CA ALA G 34 2.73 39.79 -0.32
C ALA G 34 2.48 39.10 -1.67
N ILE G 35 3.56 38.79 -2.39
CA ILE G 35 3.43 38.17 -3.70
C ILE G 35 2.83 36.78 -3.58
N PHE G 36 3.19 36.04 -2.54
CA PHE G 36 2.65 34.70 -2.34
C PHE G 36 1.16 34.74 -2.03
N ALA G 37 0.74 35.68 -1.18
CA ALA G 37 -0.68 35.82 -0.90
C ALA G 37 -1.45 36.15 -2.17
N VAL G 38 -0.93 37.08 -2.98
CA VAL G 38 -1.60 37.43 -4.22
C VAL G 38 -1.68 36.22 -5.14
N ALA G 39 -0.57 35.50 -5.30
CA ALA G 39 -0.49 34.41 -6.26
C ALA G 39 -1.26 33.18 -5.82
N VAL G 40 -1.58 33.06 -4.53
CA VAL G 40 -2.43 31.98 -4.05
C VAL G 40 -3.91 32.36 -4.08
N VAL G 41 -4.25 33.59 -3.75
CA VAL G 41 -5.64 34.02 -3.79
C VAL G 41 -6.17 34.13 -5.22
N THR G 42 -5.33 34.60 -6.16
CA THR G 42 -5.85 34.90 -7.50
C THR G 42 -6.46 33.69 -8.22
N PRO G 43 -5.79 32.53 -8.33
CA PRO G 43 -6.38 31.44 -9.13
C PRO G 43 -7.69 30.90 -8.58
N LEU G 44 -7.90 30.96 -7.26
CA LEU G 44 -9.12 30.41 -6.68
C LEU G 44 -10.34 31.22 -7.08
N LEU G 45 -10.18 32.53 -7.27
CA LEU G 45 -11.30 33.36 -7.68
C LEU G 45 -11.77 33.02 -9.10
N TYR G 46 -10.92 32.40 -9.90
CA TYR G 46 -11.26 32.02 -11.27
C TYR G 46 -11.87 30.63 -11.36
N ILE G 47 -12.03 29.93 -10.24
CA ILE G 47 -12.64 28.60 -10.22
C ILE G 47 -14.15 28.69 -10.36
N PRO G 48 -14.84 29.62 -9.66
CA PRO G 48 -16.28 29.78 -9.91
C PRO G 48 -16.62 30.09 -11.36
N ASN G 49 -15.75 30.83 -12.06
CA ASN G 49 -15.98 31.06 -13.48
C ASN G 49 -15.82 29.76 -14.28
N ALA G 50 -14.85 28.92 -13.93
CA ALA G 50 -14.67 27.66 -14.62
C ALA G 50 -15.88 26.75 -14.42
N ILE G 51 -16.40 26.68 -13.20
CA ILE G 51 -17.64 25.94 -12.95
C ILE G 51 -18.82 26.55 -13.68
N ARG G 52 -18.94 27.88 -13.70
CA ARG G 52 -20.03 28.56 -14.37
C ARG G 52 -19.92 28.47 -15.88
N GLY G 53 -18.74 28.17 -16.42
CA GLY G 53 -18.53 28.06 -17.85
C GLY G 53 -18.09 29.33 -18.54
N ILE G 54 -17.81 30.40 -17.78
CA ILE G 54 -17.48 31.70 -18.36
C ILE G 54 -15.97 31.73 -18.61
N LYS G 55 -15.57 31.89 -19.86
CA LYS G 55 -14.17 32.04 -20.19
C LYS G 55 -13.77 33.52 -20.14
N ALA G 56 -12.47 33.76 -20.05
CA ALA G 56 -11.94 35.11 -19.99
C ALA G 56 -12.05 35.79 -21.35
N LYS G 57 -12.58 37.01 -21.36
CA LYS G 57 -12.74 37.75 -22.59
C LYS G 57 -11.38 38.12 -23.18
N LYS G 58 -11.23 37.94 -24.50
CA LYS G 58 -10.00 38.27 -25.20
C LYS G 58 -10.06 39.75 -25.58
N ALA G 59 -9.77 40.61 -24.61
CA ALA G 59 -9.79 42.05 -24.85
C ALA G 59 -8.39 42.64 -24.79
N VAL H 1 11.65 21.18 19.34
CA VAL H 1 11.29 22.10 20.41
C VAL H 1 10.24 21.42 21.28
N HIS H 2 10.00 21.97 22.47
CA HIS H 2 9.12 21.33 23.45
C HIS H 2 7.66 21.67 23.14
N PHE H 3 6.92 20.66 22.68
CA PHE H 3 5.46 20.71 22.61
C PHE H 3 4.88 19.88 23.75
N LYS H 4 3.63 20.19 24.10
CA LYS H 4 2.97 19.47 25.17
C LYS H 4 2.72 18.03 24.77
N ASP H 5 2.82 17.13 25.75
CA ASP H 5 2.57 15.72 25.54
C ASP H 5 1.46 15.23 26.45
N GLY H 6 0.69 14.27 25.96
CA GLY H 6 -0.43 13.76 26.71
C GLY H 6 -1.36 12.97 25.81
N VAL H 7 -2.49 12.56 26.38
CA VAL H 7 -3.42 11.71 25.64
C VAL H 7 -4.10 12.48 24.52
N TYR H 8 -4.43 13.74 24.73
CA TYR H 8 -5.10 14.55 23.70
C TYR H 8 -4.19 15.59 23.06
N GLU H 9 -2.89 15.54 23.33
CA GLU H 9 -1.96 16.53 22.80
C GLU H 9 -1.34 16.10 21.48
N ASN H 10 -1.66 14.91 20.98
CA ASN H 10 -1.08 14.37 19.78
C ASN H 10 -1.92 14.61 18.53
N ILE H 11 -3.05 15.31 18.66
CA ILE H 11 -4.02 15.43 17.58
C ILE H 11 -4.27 16.90 17.25
N PRO H 12 -4.50 17.23 15.98
CA PRO H 12 -4.70 18.66 15.62
C PRO H 12 -5.97 19.26 16.18
N PHE H 13 -6.96 18.45 16.54
CA PHE H 13 -8.25 18.96 16.95
C PHE H 13 -8.41 18.92 18.47
N LYS H 14 -9.37 19.69 18.97
CA LYS H 14 -9.59 19.86 20.39
C LYS H 14 -10.83 19.07 20.79
N VAL H 15 -10.72 18.29 21.87
CA VAL H 15 -11.75 17.34 22.26
C VAL H 15 -12.38 17.70 23.60
N LYS H 16 -11.55 17.89 24.64
CA LYS H 16 -12.09 18.04 25.99
C LYS H 16 -12.61 19.44 26.26
N GLY H 17 -11.74 20.44 26.23
CA GLY H 17 -12.19 21.78 26.57
C GLY H 17 -12.75 22.48 25.35
N ARG H 18 -14.06 22.41 25.18
CA ARG H 18 -14.70 22.85 23.95
C ARG H 18 -15.92 23.70 24.26
N LYS H 19 -16.16 24.68 23.40
CA LYS H 19 -17.37 25.48 23.48
C LYS H 19 -18.54 24.74 22.84
N THR H 20 -18.39 24.35 21.58
CA THR H 20 -19.36 23.50 20.92
C THR H 20 -19.01 22.02 21.15
N PRO H 21 -20.02 21.14 21.16
CA PRO H 21 -19.74 19.73 21.38
C PRO H 21 -18.86 19.14 20.30
N TYR H 22 -18.00 18.20 20.70
CA TYR H 22 -17.04 17.62 19.76
C TYR H 22 -17.72 16.75 18.72
N ALA H 23 -18.87 16.17 19.05
CA ALA H 23 -19.58 15.34 18.08
C ALA H 23 -19.92 16.13 16.82
N LEU H 24 -20.28 17.40 16.98
CA LEU H 24 -20.60 18.24 15.83
C LEU H 24 -19.44 18.29 14.85
N SER H 25 -18.24 18.64 15.34
CA SER H 25 -17.09 18.73 14.45
C SER H 25 -16.70 17.37 13.90
N HIS H 26 -16.68 16.34 14.76
CA HIS H 26 -16.26 15.02 14.34
C HIS H 26 -17.13 14.49 13.21
N PHE H 27 -18.44 14.60 13.35
CA PHE H 27 -19.32 14.08 12.31
C PHE H 27 -19.47 15.06 11.14
N GLY H 28 -19.26 16.36 11.34
CA GLY H 28 -19.29 17.28 10.22
C GLY H 28 -18.12 17.08 9.27
N PHE H 29 -16.96 16.75 9.81
CA PHE H 29 -15.79 16.46 8.96
C PHE H 29 -16.12 15.35 7.96
N PHE H 30 -16.60 14.22 8.47
CA PHE H 30 -16.93 13.09 7.61
C PHE H 30 -18.22 13.33 6.83
N ALA H 31 -19.12 14.18 7.32
CA ALA H 31 -20.32 14.50 6.55
C ALA H 31 -20.00 15.31 5.31
N ILE H 32 -19.11 16.31 5.43
CA ILE H 32 -18.70 17.03 4.24
C ILE H 32 -17.86 16.13 3.34
N GLY H 33 -17.05 15.24 3.92
CA GLY H 33 -16.35 14.25 3.11
C GLY H 33 -17.30 13.38 2.30
N PHE H 34 -18.42 12.97 2.89
CA PHE H 34 -19.41 12.16 2.20
C PHE H 34 -20.27 12.98 1.23
N ALA H 35 -20.46 14.26 1.50
CA ALA H 35 -21.32 15.11 0.67
C ALA H 35 -20.59 15.78 -0.48
N VAL H 36 -19.25 15.69 -0.53
CA VAL H 36 -18.53 16.17 -1.71
C VAL H 36 -19.03 15.53 -2.99
N PRO H 37 -19.15 14.20 -3.10
CA PRO H 37 -19.69 13.63 -4.35
C PRO H 37 -21.12 14.04 -4.63
N PHE H 38 -21.96 14.22 -3.59
CA PHE H 38 -23.32 14.69 -3.82
C PHE H 38 -23.33 16.10 -4.39
N VAL H 39 -22.46 16.98 -3.88
CA VAL H 39 -22.36 18.33 -4.44
C VAL H 39 -21.90 18.26 -5.89
N ALA H 40 -20.91 17.41 -6.19
CA ALA H 40 -20.43 17.29 -7.56
C ALA H 40 -21.53 16.79 -8.49
N CYS H 41 -22.30 15.79 -8.05
CA CYS H 41 -23.39 15.27 -8.85
C CYS H 41 -24.48 16.31 -9.06
N TYR H 42 -24.80 17.07 -8.01
CA TYR H 42 -25.80 18.13 -8.15
C TYR H 42 -25.35 19.18 -9.16
N VAL H 43 -24.07 19.57 -9.10
CA VAL H 43 -23.57 20.55 -10.04
C VAL H 43 -23.61 20.02 -11.46
N GLN H 44 -23.15 18.77 -11.66
CA GLN H 44 -23.10 18.20 -13.00
C GLN H 44 -24.48 17.90 -13.57
N LEU H 45 -25.49 17.71 -12.71
CA LEU H 45 -26.86 17.56 -13.18
C LEU H 45 -27.54 18.89 -13.42
N LYS H 46 -27.17 19.93 -12.69
CA LYS H 46 -27.71 21.26 -12.92
C LYS H 46 -27.32 21.76 -14.31
N LYS H 47 -26.06 21.55 -14.68
CA LYS H 47 -25.48 21.96 -15.98
C LYS H 47 -26.03 21.10 -17.10
N SER H 48 -26.94 20.20 -16.81
CA SER H 48 -27.65 19.46 -17.88
C SER H 48 -29.08 19.89 -17.68
N GLY H 49 -29.98 18.97 -17.38
CA GLY H 49 -31.32 19.40 -17.00
C GLY H 49 -31.69 18.69 -15.70
N ALA H 50 -32.58 19.27 -14.87
CA ALA H 50 -33.10 18.68 -13.62
C ALA H 50 -32.69 19.48 -12.39
N PHE H 51 -31.99 18.81 -11.49
CA PHE H 51 -31.55 19.42 -10.23
C PHE H 51 -30.39 18.59 -9.72
N THR I 1 7.46 -46.30 34.40
CA THR I 1 7.93 -44.95 34.10
C THR I 1 7.10 -44.32 32.99
N ILE I 2 7.58 -43.18 32.47
CA ILE I 2 6.89 -42.45 31.42
C ILE I 2 7.78 -42.46 30.18
N ALA I 3 7.27 -43.04 29.10
CA ALA I 3 8.00 -43.02 27.84
C ALA I 3 8.02 -41.59 27.29
N PRO I 4 9.16 -41.15 26.74
CA PRO I 4 9.24 -39.78 26.22
C PRO I 4 8.24 -39.53 25.10
N ILE I 5 7.27 -38.66 25.34
CA ILE I 5 6.26 -38.32 24.35
C ILE I 5 6.63 -36.96 23.74
N THR I 6 6.73 -36.92 22.42
CA THR I 6 7.23 -35.76 21.71
C THR I 6 6.80 -35.82 20.26
N GLY I 7 6.93 -34.69 19.57
CA GLY I 7 6.63 -34.63 18.15
C GLY I 7 5.16 -34.64 17.81
N THR I 8 4.29 -34.27 18.76
CA THR I 8 2.86 -34.22 18.48
C THR I 8 2.50 -33.12 17.49
N ILE I 9 3.18 -31.97 17.54
CA ILE I 9 2.81 -30.86 16.67
C ILE I 9 3.16 -31.16 15.21
N LYS I 10 4.27 -31.85 14.95
CA LYS I 10 4.61 -32.23 13.58
C LYS I 10 3.59 -33.20 13.00
N ARG I 11 3.18 -34.18 13.80
CA ARG I 11 2.15 -35.12 13.37
C ARG I 11 0.83 -34.41 13.12
N ARG I 12 0.46 -33.46 13.99
CA ARG I 12 -0.73 -32.67 13.76
C ARG I 12 -0.63 -31.85 12.49
N VAL I 13 0.54 -31.27 12.21
CA VAL I 13 0.73 -30.47 11.01
C VAL I 13 0.53 -31.32 9.76
N ILE I 14 1.16 -32.50 9.72
CA ILE I 14 1.04 -33.32 8.52
C ILE I 14 -0.39 -33.85 8.38
N MET I 15 -1.04 -34.20 9.48
CA MET I 15 -2.44 -34.61 9.41
C MET I 15 -3.32 -33.50 8.87
N ASP I 16 -3.15 -32.27 9.35
CA ASP I 16 -3.93 -31.15 8.86
C ASP I 16 -3.64 -30.87 7.40
N ILE I 17 -2.38 -30.98 6.97
CA ILE I 17 -2.04 -30.70 5.58
C ILE I 17 -2.68 -31.73 4.65
N VAL I 18 -2.57 -33.02 4.99
CA VAL I 18 -3.17 -34.04 4.13
C VAL I 18 -4.69 -33.93 4.15
N LEU I 19 -5.28 -33.57 5.29
CA LEU I 19 -6.73 -33.44 5.36
C LEU I 19 -7.21 -32.24 4.52
N GLY I 20 -6.47 -31.14 4.55
CA GLY I 20 -6.81 -30.01 3.70
C GLY I 20 -6.65 -30.30 2.23
N PHE I 21 -5.60 -31.04 1.86
CA PHE I 21 -5.46 -31.48 0.47
C PHE I 21 -6.63 -32.36 0.06
N SER I 22 -7.06 -33.27 0.95
CA SER I 22 -8.21 -34.12 0.65
C SER I 22 -9.49 -33.30 0.49
N LEU I 23 -9.70 -32.30 1.34
CA LEU I 23 -10.89 -31.45 1.21
C LEU I 23 -10.87 -30.69 -0.11
N GLY I 24 -9.73 -30.09 -0.45
CA GLY I 24 -9.63 -29.39 -1.72
C GLY I 24 -9.82 -30.31 -2.90
N GLY I 25 -9.27 -31.53 -2.82
CA GLY I 25 -9.46 -32.50 -3.88
C GLY I 25 -10.91 -32.92 -4.04
N VAL I 26 -11.61 -33.13 -2.93
CA VAL I 26 -13.03 -33.45 -3.00
C VAL I 26 -13.82 -32.30 -3.62
N MET I 27 -13.53 -31.07 -3.18
CA MET I 27 -14.23 -29.91 -3.72
C MET I 27 -14.01 -29.78 -5.23
N ALA I 28 -12.76 -29.89 -5.67
CA ALA I 28 -12.45 -29.75 -7.09
C ALA I 28 -12.96 -30.93 -7.91
N SER I 29 -12.93 -32.14 -7.35
CA SER I 29 -13.48 -33.29 -8.06
C SER I 29 -14.98 -33.14 -8.25
N TYR I 30 -15.69 -32.67 -7.22
CA TYR I 30 -17.10 -32.37 -7.39
C TYR I 30 -17.30 -31.32 -8.47
N TRP I 31 -16.60 -30.19 -8.37
CA TRP I 31 -16.63 -29.18 -9.42
C TRP I 31 -16.51 -29.80 -10.79
N TRP I 32 -15.37 -30.42 -11.08
CA TRP I 32 -15.11 -30.97 -12.41
C TRP I 32 -16.21 -31.95 -12.80
N TRP I 33 -16.26 -33.10 -12.11
CA TRP I 33 -17.03 -34.23 -12.56
C TRP I 33 -18.53 -33.98 -12.56
N GLY I 34 -19.03 -33.08 -11.70
CA GLY I 34 -20.43 -32.75 -11.83
C GLY I 34 -20.66 -31.62 -12.81
N PHE I 35 -20.13 -30.43 -12.50
CA PHE I 35 -20.52 -29.24 -13.25
C PHE I 35 -19.92 -29.22 -14.64
N HIS I 36 -18.58 -29.34 -14.73
CA HIS I 36 -17.94 -29.23 -16.04
C HIS I 36 -18.35 -30.37 -16.94
N MET I 37 -18.44 -31.58 -16.39
CA MET I 37 -18.82 -32.72 -17.20
C MET I 37 -20.29 -32.67 -17.60
N ASP I 38 -21.16 -32.09 -16.77
CA ASP I 38 -22.54 -31.89 -17.20
C ASP I 38 -22.63 -30.92 -18.36
N LYS I 39 -21.88 -29.81 -18.29
CA LYS I 39 -21.89 -28.86 -19.40
C LYS I 39 -21.34 -29.51 -20.68
N ILE I 40 -20.25 -30.27 -20.56
CA ILE I 40 -19.66 -30.91 -21.73
C ILE I 40 -20.63 -31.94 -22.31
N ASN I 41 -21.28 -32.72 -21.44
CA ASN I 41 -22.24 -33.71 -21.91
C ASN I 41 -23.41 -33.07 -22.63
N LYS I 42 -23.94 -31.96 -22.09
CA LYS I 42 -25.01 -31.26 -22.76
C LYS I 42 -24.57 -30.74 -24.12
N ARG I 43 -23.38 -30.14 -24.20
CA ARG I 43 -22.91 -29.63 -25.47
C ARG I 43 -22.73 -30.74 -26.50
N GLU I 44 -22.10 -31.84 -26.10
CA GLU I 44 -21.89 -32.95 -27.01
C GLU I 44 -23.22 -33.56 -27.47
N LYS I 45 -24.17 -33.71 -26.55
CA LYS I 45 -25.48 -34.25 -26.92
C LYS I 45 -26.19 -33.34 -27.92
N PHE I 46 -26.15 -32.03 -27.68
CA PHE I 46 -26.79 -31.10 -28.62
C PHE I 46 -26.13 -31.15 -29.98
N TYR I 47 -24.79 -31.17 -30.02
CA TYR I 47 -24.11 -31.20 -31.31
C TYR I 47 -24.34 -32.52 -32.05
N ALA I 48 -24.43 -33.63 -31.31
CA ALA I 48 -24.76 -34.91 -31.94
C ALA I 48 -26.16 -34.87 -32.53
N GLU I 49 -27.13 -34.30 -31.80
CA GLU I 49 -28.47 -34.16 -32.35
C GLU I 49 -28.50 -33.27 -33.59
N LEU I 50 -27.73 -32.19 -33.57
CA LEU I 50 -27.65 -31.31 -34.73
C LEU I 50 -27.07 -32.03 -35.93
N ALA I 51 -26.00 -32.80 -35.73
CA ALA I 51 -25.42 -33.57 -36.83
C ALA I 51 -26.40 -34.62 -37.33
N GLU I 52 -27.17 -35.22 -36.43
CA GLU I 52 -28.17 -36.20 -36.85
C GLU I 52 -29.26 -35.55 -37.70
N ARG I 53 -29.75 -34.38 -37.29
CA ARG I 53 -30.78 -33.70 -38.06
C ARG I 53 -30.24 -33.07 -39.34
N LYS I 54 -28.92 -32.94 -39.46
CA LYS I 54 -28.34 -32.53 -40.74
C LYS I 54 -28.47 -33.61 -41.79
N LYS I 55 -28.60 -34.86 -41.38
CA LYS I 55 -28.69 -35.99 -42.31
C LYS I 55 -30.09 -36.11 -42.90
CA CA J . -29.41 1.98 -13.48
MG MG K . -9.03 -2.80 -22.34
CU CU L . -1.06 -5.98 -12.76
FE HEA M . -14.25 0.52 -6.26
CHA HEA M . -14.25 0.65 -9.74
CHB HEA M . -17.65 0.41 -6.05
CHC HEA M . -14.04 -0.16 -2.85
CHD HEA M . -10.87 1.19 -6.34
NA HEA M . -15.67 0.80 -7.59
C1A HEA M . -15.45 0.35 -8.97
C2A HEA M . -16.56 -0.35 -9.59
C3A HEA M . -17.56 -0.42 -8.53
C4A HEA M . -16.98 0.22 -7.33
CMA HEA M . -18.86 -1.07 -8.69
OMA HEA M . -19.40 -1.53 -7.72
CAA HEA M . -16.63 -0.86 -10.99
CBA HEA M . -17.34 0.28 -11.68
CGA HEA M . -17.34 0.06 -13.15
O1A HEA M . -18.39 0.35 -13.76
O2A HEA M . -16.32 -0.40 -13.69
NB HEA M . -15.62 0.18 -4.72
C1B HEA M . -16.95 0.14 -4.81
C2B HEA M . -17.68 -0.13 -3.56
C3B HEA M . -16.62 -0.28 -2.59
C4B HEA M . -15.40 -0.08 -3.41
CMB HEA M . -19.15 -0.19 -3.35
NC HEA M . -12.73 0.52 -4.84
C1C HEA M . -12.80 0.25 -3.52
C2C HEA M . -11.51 0.32 -2.80
C3C HEA M . -10.59 0.72 -3.88
C4C HEA M . -11.44 0.79 -5.06
CMC HEA M . -11.27 0.05 -1.36
CAC HEA M . -9.14 0.98 -3.91
CBC HEA M . -8.48 1.53 -2.93
ND HEA M . -12.83 0.85 -7.77
C1D HEA M . -11.51 1.09 -7.64
C2D HEA M . -10.75 1.28 -8.89
C3D HEA M . -11.76 1.13 -9.92
C4D HEA M . -12.97 0.86 -9.11
CMD HEA M . -9.28 1.54 -9.04
CAD HEA M . -11.59 1.17 -11.42
CBD HEA M . -12.22 2.41 -12.04
CGD HEA M . -12.28 2.21 -13.53
O1D HEA M . -12.42 3.21 -14.25
O2D HEA M . -12.18 1.05 -13.97
C11 HEA M . -16.86 -0.61 -1.17
O11 HEA M . -15.95 -1.64 -0.76
C12 HEA M . -16.77 0.56 -0.24
C13 HEA M . -16.55 -0.01 1.14
C14 HEA M . -15.16 0.40 1.51
C15 HEA M . -14.86 0.91 2.70
C16 HEA M . -13.44 1.31 2.93
C17 HEA M . -13.22 1.74 4.36
C18 HEA M . -13.13 3.23 4.40
C19 HEA M . -12.06 3.85 4.85
C20 HEA M . -10.86 3.07 5.34
C21 HEA M . -10.92 3.19 6.86
C22 HEA M . -9.67 2.65 7.49
C23 HEA M . -8.75 3.49 7.98
C24 HEA M . -7.53 2.93 8.63
C25 HEA M . -8.94 4.96 7.89
C26 HEA M . -15.92 1.04 3.75
C27 HEA M . -12.03 5.35 4.88
FE HEA N . -4.32 -7.90 -10.30
CHA HEA N . -6.14 -6.50 -12.85
CHB HEA N . -3.61 -10.76 -12.12
CHC HEA N . -2.45 -9.20 -7.70
CHD HEA N . -4.75 -4.97 -8.46
NA HEA N . -4.97 -8.60 -12.00
C1A HEA N . -5.38 -7.70 -13.08
C2A HEA N . -5.11 -8.20 -14.44
C3A HEA N . -4.39 -9.45 -14.20
C4A HEA N . -4.23 -9.62 -12.75
CMA HEA N . -3.86 -10.30 -15.27
OMA HEA N . -2.81 -10.90 -15.14
CAA HEA N . -5.48 -7.57 -15.74
CBA HEA N . -6.68 -8.30 -16.31
CGA HEA N . -7.38 -7.38 -17.25
O1A HEA N . -7.41 -7.66 -18.47
O2A HEA N . -7.90 -6.34 -16.80
NB HEA N . -3.22 -9.66 -9.98
C1B HEA N . -3.01 -10.69 -10.80
C2B HEA N . -2.17 -11.80 -10.29
C3B HEA N . -1.83 -11.34 -8.96
C4B HEA N . -2.52 -10.03 -8.88
CMB HEA N . -1.76 -13.08 -10.93
NC HEA N . -3.72 -7.21 -8.41
C1C HEA N . -2.97 -7.86 -7.51
C2C HEA N . -2.68 -7.18 -6.25
C3C HEA N . -3.37 -5.91 -6.46
C4C HEA N . -3.96 -6.03 -7.82
CMC HEA N . -1.89 -7.68 -5.08
CAC HEA N . -3.44 -4.80 -5.51
CBC HEA N . -4.03 -4.95 -4.34
ND HEA N . -5.27 -6.06 -10.62
C1D HEA N . -5.34 -4.99 -9.80
C2D HEA N . -6.07 -3.82 -10.34
C3D HEA N . -6.50 -4.27 -11.66
C4D HEA N . -5.94 -5.64 -11.70
CMD HEA N . -6.35 -2.51 -9.66
CAD HEA N . -7.32 -3.59 -12.72
CBD HEA N . -6.64 -2.38 -13.34
CGD HEA N . -7.62 -1.75 -14.29
O1D HEA N . -8.10 -2.46 -15.18
O2D HEA N . -7.90 -0.54 -14.16
C11 HEA N . -0.99 -12.07 -7.99
O11 HEA N . -0.08 -11.17 -7.35
C12 HEA N . -1.83 -12.77 -6.93
C13 HEA N . -1.03 -13.94 -6.39
C14 HEA N . -1.69 -14.57 -5.18
C15 HEA N . -2.20 -15.79 -5.22
C16 HEA N . -2.85 -16.36 -3.98
C17 HEA N . -1.83 -16.70 -2.91
C18 HEA N . -0.98 -17.85 -3.36
C19 HEA N . -1.16 -19.12 -2.97
C20 HEA N . -0.24 -20.18 -3.50
C21 HEA N . -1.03 -21.15 -4.36
C22 HEA N . -1.41 -20.47 -5.65
C23 HEA N . -1.13 -21.02 -6.84
C24 HEA N . -0.42 -22.33 -6.92
C25 HEA N . -1.52 -20.32 -8.10
C26 HEA N . -2.15 -16.61 -6.47
C27 HEA N . -2.25 -19.49 -2.02
C2 PEF O . 16.24 19.18 0.80
C1 PEF O . 15.54 19.67 2.05
N PEF O . 19.15 18.03 5.52
C3 PEF O . 17.03 17.91 1.07
C4 PEF O . 17.31 19.24 6.45
C5 PEF O . 18.51 18.38 6.77
C10 PEF O . 14.79 20.09 -0.87
C11 PEF O . 13.46 20.11 -1.56
C12 PEF O . 13.34 21.40 -2.36
C13 PEF O . 11.94 21.57 -2.93
C14 PEF O . 11.98 22.57 -4.06
C15 PEF O . 10.63 22.69 -4.75
C16 PEF O . 10.30 21.43 -5.54
C17 PEF O . 8.86 21.44 -6.01
C18 PEF O . 8.67 20.60 -7.27
C30 PEF O . 17.15 15.95 -0.41
C31 PEF O . 17.74 15.22 -1.58
C32 PEF O . 17.23 15.85 -2.86
C33 PEF O . 15.77 15.55 -3.10
C34 PEF O . 15.08 16.76 -3.68
C35 PEF O . 13.83 16.36 -4.46
C36 PEF O . 13.26 17.51 -5.27
C37 PEF O . 11.98 17.07 -5.97
C38 PEF O . 11.48 18.15 -6.92
O4 PEF O . 15.50 21.07 -0.89
O5 PEF O . 16.44 15.39 0.39
O2 PEF O . 15.25 18.90 -0.18
O3 PEF O . 17.42 17.36 -0.19
O1P PEF O . 15.55 20.72 4.83
O2P PEF O . 14.12 18.57 4.87
O3P PEF O . 15.92 18.86 3.15
O4P PEF O . 16.59 18.53 5.45
P PEF O . 15.44 19.25 4.62
C2 PEF P . -28.38 9.96 -4.19
C1 PEF P . -27.81 9.87 -5.59
N PEF P . -28.44 15.91 -4.48
C3 PEF P . -29.72 10.66 -4.10
C4 PEF P . -27.23 14.59 -6.08
C5 PEF P . -28.54 15.22 -5.75
C10 PEF P . -28.96 8.56 -2.33
C11 PEF P . -27.91 8.88 -1.31
C12 PEF P . -28.23 8.34 0.04
C13 PEF P . -27.21 7.32 0.50
C14 PEF P . -27.47 6.76 1.87
C15 PEF P . -26.24 6.35 2.62
C16 PEF P . -26.14 4.88 2.88
C17 PEF P . -26.31 4.50 4.32
C18 PEF P . -25.41 3.38 4.75
C19 PEF P . -25.77 2.79 6.07
C20 PEF P . -26.32 3.79 7.08
C21 PEF P . -25.90 3.55 8.51
C22 PEF P . -26.53 4.48 9.53
C23 PEF P . -26.27 4.11 10.98
C24 PEF P . -24.93 3.48 11.34
C25 PEF P . -24.21 4.15 12.48
C30 PEF P . -32.00 10.12 -4.11
C31 PEF P . -32.26 11.35 -4.93
C32 PEF P . -32.22 11.10 -6.40
C33 PEF P . -32.88 12.20 -7.20
C34 PEF P . -34.19 11.80 -7.85
C35 PEF P . -35.38 12.60 -7.38
C36 PEF P . -35.74 12.35 -5.94
C37 PEF P . -36.92 11.43 -5.72
C38 PEF P . -37.15 10.42 -6.81
C39 PEF P . -38.35 10.70 -7.67
C40 PEF P . -39.35 9.58 -7.74
C41 PEF P . -40.29 9.55 -6.57
C42 PEF P . -41.76 9.55 -6.95
C43 PEF P . -42.06 10.27 -8.24
C44 PEF P . -42.44 9.38 -9.39
C45 PEF P . -42.91 8.01 -8.97
O4 PEF P . -30.09 8.26 -2.06
O5 PEF P . -32.79 9.56 -3.41
O2 PEF P . -28.54 8.64 -3.61
O3 PEF P . -30.76 9.68 -4.27
O1P PEF P . -26.07 11.53 -7.23
O2P PEF P . -28.16 12.89 -7.98
O3P PEF P . -28.36 10.94 -6.38
O4P PEF P . -27.29 13.19 -5.74
P PEF P . -27.41 12.12 -6.93
C2 PEF Q . 8.29 -28.98 12.46
C1 PEF Q . 9.72 -29.14 12.90
N PEF Q . 13.20 -27.42 10.93
C3 PEF Q . 8.05 -27.86 11.45
C4 PEF Q . 13.56 -29.72 11.77
C5 PEF Q . 14.13 -28.34 11.57
C10 PEF Q . 6.79 -30.35 11.13
C11 PEF Q . 7.08 -30.79 9.73
C12 PEF Q . 5.85 -31.15 9.00
C13 PEF Q . 6.11 -31.59 7.57
C14 PEF Q . 4.92 -31.49 6.67
C15 PEF Q . 5.13 -32.02 5.28
C16 PEF Q . 3.87 -32.09 4.47
C17 PEF Q . 2.94 -33.19 4.89
C18 PEF Q . 2.19 -33.78 3.75
C19 PEF Q . 2.38 -33.04 2.47
C20 PEF Q . 1.77 -33.72 1.28
C21 PEF Q . 0.31 -34.02 1.41
C22 PEF Q . -0.35 -34.41 0.10
C23 PEF Q . -1.19 -35.66 0.16
C24 PEF Q . -2.42 -35.65 -0.71
C25 PEF Q . -3.74 -35.96 -0.01
C30 PEF Q . 6.20 -26.43 11.17
C31 PEF Q . 4.73 -26.39 10.92
C32 PEF Q . 4.29 -25.18 10.18
C33 PEF Q . 3.39 -25.51 9.01
C34 PEF Q . 1.98 -25.84 9.40
C35 PEF Q . 0.93 -25.30 8.47
C36 PEF Q . 1.33 -25.42 7.03
C37 PEF Q . 0.74 -24.36 6.15
C38 PEF Q . 1.05 -24.56 4.70
C39 PEF Q . -0.02 -25.27 3.95
C40 PEF Q . 0.49 -26.30 3.00
C41 PEF Q . 1.82 -25.97 2.43
C42 PEF Q . 2.25 -26.90 1.34
C43 PEF Q . 1.77 -28.30 1.54
C44 PEF Q . 2.37 -29.29 0.61
C45 PEF Q . 2.70 -28.66 -0.70
O4 PEF Q . 5.69 -30.13 11.53
O5 PEF Q . 6.92 -25.50 11.19
O2 PEF Q . 7.86 -30.27 11.93
O3 PEF Q . 6.61 -27.66 11.38
O1P PEF Q . 10.36 -30.63 9.79
O2P PEF Q . 11.15 -31.56 12.09
O3P PEF Q . 10.61 -29.09 11.75
O4P PEF Q . 12.63 -30.05 10.70
P PEF Q . 11.13 -30.46 11.08
C2 PEF R . -30.47 -16.22 -6.85
C1 PEF R . -31.95 -15.98 -6.64
N PEF R . -34.88 -15.64 -11.79
C3 PEF R . -29.63 -15.87 -5.63
C4 PEF R . -35.02 -14.56 -9.63
C5 PEF R . -35.11 -14.38 -11.11
C10 PEF R . -29.91 -17.91 -8.43
C11 PEF R . -28.91 -19.02 -8.44
C12 PEF R . -28.01 -18.99 -7.25
C13 PEF R . -26.78 -19.85 -7.44
C14 PEF R . -25.51 -19.22 -6.94
C15 PEF R . -25.53 -18.87 -5.47
C16 PEF R . -24.16 -18.83 -4.85
C17 PEF R . -24.00 -17.78 -3.78
C18 PEF R . -25.16 -17.70 -2.82
C30 PEF R . -29.92 -14.44 -3.77
C31 PEF R . -28.72 -15.05 -3.12
C32 PEF R . -28.01 -14.13 -2.18
C33 PEF R . -26.54 -14.47 -2.06
C34 PEF R . -25.72 -13.41 -1.36
C35 PEF R . -24.44 -13.10 -2.06
C36 PEF R . -23.92 -14.20 -2.94
C37 PEF R . -22.47 -14.52 -2.72
C38 PEF R . -21.94 -14.03 -1.40
O4 PEF R . -30.31 -17.33 -9.40
O5 PEF R . -30.35 -13.35 -3.50
O2 PEF R . -30.32 -17.61 -7.19
O3 PEF R . -30.49 -15.24 -4.66
O1P PEF R . -34.96 -17.68 -8.16
O2P PEF R . -34.65 -15.37 -6.95
O3P PEF R . -32.68 -16.80 -7.59
O4P PEF R . -34.07 -15.63 -9.34
P PEF R . -34.19 -16.40 -7.94
CU CU S . -17.59 1.62 -26.60
C2 PEF T . -24.28 -21.73 -10.65
C1 PEF T . -25.70 -21.62 -11.18
N PEF T . -29.24 -19.17 -16.27
C3 PEF T . -24.20 -22.12 -9.19
C4 PEF T . -27.53 -20.80 -15.59
C5 PEF T . -27.96 -19.77 -16.63
C10 PEF T . -22.34 -22.31 -11.90
C11 PEF T . -21.18 -22.79 -11.09
C12 PEF T . -20.41 -21.70 -10.45
C13 PEF T . -19.56 -20.94 -11.44
C14 PEF T . -18.28 -20.45 -10.87
C15 PEF T . -17.45 -19.66 -11.83
C16 PEF T . -17.30 -18.23 -11.44
C17 PEF T . -16.23 -17.99 -10.44
C18 PEF T . -16.75 -17.63 -9.08
C19 PEF T . -15.68 -17.55 -8.03
C20 PEF T . -14.44 -16.85 -8.50
C21 PEF T . -13.18 -17.46 -7.96
C22 PEF T . -13.04 -17.35 -6.47
C23 PEF T . -11.86 -18.10 -5.94
C24 PEF T . -11.83 -19.55 -6.35
C25 PEF T . -10.50 -19.97 -6.88
C30 PEF T . -22.49 -20.95 -8.09
C31 PEF T . -21.84 -21.30 -6.78
C32 PEF T . -20.77 -20.35 -6.37
C33 PEF T . -19.46 -21.03 -6.08
C34 PEF T . -18.52 -21.07 -7.24
C35 PEF T . -17.08 -21.02 -6.84
C36 PEF T . -16.88 -21.19 -5.36
C37 PEF T . -15.55 -20.75 -4.84
C38 PEF T . -15.61 -20.09 -3.48
O4 PEF T . -22.24 -21.61 -12.88
O5 PEF T . -22.67 -19.83 -8.49
O2 PEF T . -23.53 -22.69 -11.42
O3 PEF T . -22.83 -22.03 -8.78
O1P PEF T . -24.39 -20.34 -14.27
O2P PEF T . -25.91 -22.41 -13.88
O3P PEF T . -25.79 -20.56 -12.18
O4P PEF T . -26.90 -20.17 -14.45
P PEF T . -25.66 -20.93 -13.74
C2 PEF U . 23.71 22.03 1.57
C1 PEF U . 24.80 21.76 2.57
N PEF U . 30.24 24.35 5.72
C3 PEF U . 23.88 23.33 0.81
C4 PEF U . 29.31 23.53 3.68
C5 PEF U . 29.40 24.69 4.61
C10 PEF U . 22.74 20.04 0.65
C11 PEF U . 22.49 19.35 -0.64
C12 PEF U . 21.13 19.62 -1.20
C13 PEF U . 21.15 19.76 -2.70
C14 PEF U . 19.85 20.20 -3.30
C15 PEF U . 19.57 19.66 -4.66
C16 PEF U . 18.72 20.54 -5.52
C17 PEF U . 17.24 20.32 -5.35
C18 PEF U . 16.50 20.12 -6.64
C19 PEF U . 15.03 19.96 -6.46
C20 PEF U . 14.20 20.70 -7.47
C30 PEF U . 22.69 24.35 -0.94
C31 PEF U . 21.39 24.31 -1.69
C32 PEF U . 21.45 25.07 -2.98
C33 PEF U . 21.29 24.19 -4.20
C34 PEF U . 20.77 24.90 -5.40
C35 PEF U . 19.87 24.07 -6.27
C36 PEF U . 19.34 24.78 -7.48
C37 PEF U . 18.19 24.09 -8.14
C38 PEF U . 17.00 24.99 -8.39
C39 PEF U . 15.67 24.35 -8.12
O4 PEF U . 22.15 19.81 1.66
O5 PEF U . 23.66 24.95 -1.27
O2 PEF U . 23.70 20.97 0.58
O3 PEF U . 22.63 23.62 0.17
O1P PEF U . 27.37 21.00 3.72
O2P PEF U . 28.32 21.92 1.49
O3P PEF U . 25.96 22.53 2.18
O4P PEF U . 27.91 23.39 3.42
P PEF U . 27.41 22.08 2.67
C2 PEF V . 10.04 23.07 -27.75
C1 PEF V . 11.04 23.41 -28.85
N PEF V . 12.74 24.38 -34.16
C3 PEF V . 10.76 22.39 -26.59
C4 PEF V . 10.57 25.28 -33.57
C5 PEF V . 11.82 25.47 -34.42
C10 PEF V . 8.06 24.33 -27.76
C11 PEF V . 6.92 24.53 -26.79
C12 PEF V . 6.79 23.27 -25.94
C13 PEF V . 5.49 23.27 -25.17
C14 PEF V . 5.48 24.39 -24.14
C15 PEF V . 6.47 24.10 -23.03
C16 PEF V . 6.13 22.83 -22.27
C17 PEF V . 7.17 22.61 -21.19
C18 PEF V . 6.83 21.45 -20.27
C19 PEF V . 7.94 21.32 -19.23
C20 PEF V . 7.68 20.20 -18.25
C21 PEF V . 8.72 20.24 -17.14
C22 PEF V . 8.30 19.34 -16.00
C30 PEF V . 10.21 21.28 -24.40
C31 PEF V . 9.29 20.39 -23.60
C32 PEF V . 10.08 19.45 -22.71
C33 PEF V . 9.15 18.81 -21.67
C34 PEF V . 9.42 17.33 -21.46
C35 PEF V . 8.09 16.61 -21.20
C36 PEF V . 8.23 15.38 -20.34
C37 PEF V . 8.51 15.77 -18.89
C38 PEF V . 8.51 14.56 -17.97
C39 PEF V . 8.78 14.95 -16.53
C40 PEF V . 7.59 15.67 -15.91
C41 PEF V . 7.86 15.97 -14.44
C42 PEF V . 6.61 16.40 -13.69
O4 PEF V . 7.83 24.23 -28.95
O5 PEF V . 11.30 21.61 -23.96
O2 PEF V . 9.42 24.25 -27.27
O3 PEF V . 9.81 21.78 -25.71
O1P PEF V . 12.05 23.30 -31.47
O2P PEF V . 9.46 23.29 -31.81
O3P PEF V . 10.54 24.34 -29.80
O4P PEF V . 10.86 25.35 -32.18
P PEF V . 10.73 23.98 -31.35
ZN ZN W . 16.40 -11.85 26.54
C2 PEF X . -16.74 -15.97 19.67
C1 PEF X . -17.02 -16.85 20.87
N PEF X . -19.27 -17.27 26.39
C3 PEF X . -17.72 -14.81 19.53
C4 PEF X . -18.81 -16.81 24.05
C5 PEF X . -19.71 -17.54 25.04
C10 PEF X . -14.88 -15.30 18.39
C11 PEF X . -14.50 -16.49 17.55
C12 PEF X . -15.31 -16.48 16.27
C13 PEF X . -14.54 -15.83 15.14
C14 PEF X . -13.42 -16.74 14.65
C15 PEF X . -12.45 -15.99 13.76
C16 PEF X . -13.19 -15.27 12.64
C17 PEF X . -12.20 -14.59 11.71
C18 PEF X . -12.87 -14.24 10.40
C19 PEF X . -13.21 -15.50 9.60
C20 PEF X . -13.09 -15.26 8.11
C21 PEF X . -13.18 -16.57 7.35
C22 PEF X . -12.04 -17.49 7.78
C23 PEF X . -12.41 -18.96 7.71
C24 PEF X . -12.95 -19.34 6.34
C25 PEF X . -12.92 -20.84 6.18
C30 PEF X . -19.16 -14.18 17.58
C31 PEF X . -19.41 -14.35 16.12
C32 PEF X . -20.61 -13.52 15.67
C33 PEF X . -21.15 -14.11 14.39
C34 PEF X . -22.23 -13.24 13.77
C35 PEF X . -22.60 -13.72 12.38
C36 PEF X . -21.40 -13.64 11.45
C37 PEF X . -21.70 -14.11 10.03
C38 PEF X . -21.84 -15.63 9.95
C39 PEF X . -21.81 -16.12 8.52
C40 PEF X . -20.40 -16.55 8.09
C41 PEF X . -19.80 -15.55 7.11
C42 PEF X . -20.71 -15.34 5.90
C43 PEF X . -20.14 -14.36 4.89
C44 PEF X . -20.99 -14.31 3.63
C45 PEF X . -22.03 -13.23 3.71
O4 PEF X . -14.75 -14.16 17.97
O5 PEF X . -20.03 -13.79 18.32
O2 PEF X . -15.40 -15.48 19.73
O3 PEF X . -17.86 -14.50 18.14
O1P PEF X . -15.01 -16.51 24.02
O2P PEF X . -16.24 -18.55 22.98
O3P PEF X . -16.60 -16.23 22.09
O4P PEF X . -17.44 -16.89 24.45
P PEF X . -16.25 -17.10 23.39
C2 PEF Y . 23.48 37.01 1.02
C1 PEF Y . 24.83 37.69 1.14
N PEF Y . 22.81 33.24 3.95
C3 PEF Y . 23.52 35.74 0.20
C4 PEF Y . 24.78 34.57 3.59
C5 PEF Y . 23.90 33.52 3.02
C10 PEF Y . 21.66 36.91 2.63
C11 PEF Y . 21.01 35.71 3.19
C12 PEF Y . 20.01 35.14 2.26
C13 PEF Y . 20.19 35.64 0.84
C14 PEF Y . 19.14 35.16 -0.12
C15 PEF Y . 19.66 34.20 -1.13
C16 PEF Y . 20.85 33.42 -0.62
C17 PEF Y . 20.48 32.18 0.14
C18 PEF Y . 20.99 30.92 -0.47
C19 PEF Y . 20.02 30.24 -1.36
C20 PEF Y . 20.26 30.48 -2.82
C21 PEF Y . 19.78 29.37 -3.70
C22 PEF Y . 19.57 29.78 -5.14
C23 PEF Y . 19.76 28.68 -6.14
C24 PEF Y . 18.82 28.73 -7.31
C25 PEF Y . 18.72 30.08 -7.95
C30 PEF Y . 23.93 36.39 -2.03
C31 PEF Y . 23.81 35.64 -3.32
C32 PEF Y . 23.23 34.28 -3.16
C33 PEF Y . 22.69 33.71 -4.47
C34 PEF Y . 23.66 33.78 -5.62
C35 PEF Y . 23.78 32.48 -6.38
C36 PEF Y . 22.75 32.29 -7.45
C37 PEF Y . 23.31 32.32 -8.84
C38 PEF Y . 22.52 31.51 -9.84
C39 PEF Y . 22.97 31.72 -11.25
C40 PEF Y . 21.86 31.65 -12.27
C41 PEF Y . 22.19 30.90 -13.51
C42 PEF Y . 20.99 30.42 -14.29
C43 PEF Y . 21.11 30.58 -15.77
C44 PEF Y . 21.30 29.30 -16.55
C45 PEF Y . 21.66 29.51 -18.01
O4 PEF Y . 21.09 37.94 2.47
O5 PEF Y . 24.72 37.26 -1.81
O2 PEF Y . 22.97 36.74 2.36
O3 PEF Y . 23.03 35.99 -1.13
O1P PEF Y . 28.02 36.01 2.40
O2P PEF Y . 25.94 37.00 3.61
O3P PEF Y . 25.91 36.71 1.11
O4P PEF Y . 25.88 34.74 2.66
P PEF Y . 26.53 36.19 2.49
C2 PEF Z . -10.67 20.95 12.46
C1 PEF Z . -11.15 21.80 11.31
N PEF Z . -9.10 26.13 13.23
C3 PEF Z . -10.35 21.75 13.71
C4 PEF Z . -11.01 26.72 11.79
C5 PEF Z . -10.21 27.07 13.03
C10 PEF Z . -11.41 18.69 12.63
C11 PEF Z . -12.48 17.80 13.18
C12 PEF Z . -11.96 16.56 13.82
C13 PEF Z . -11.70 15.48 12.80
C14 PEF Z . -11.83 14.10 13.35
C15 PEF Z . -10.83 13.14 12.79
C16 PEF Z . -10.92 11.77 13.37
C17 PEF Z . -9.78 10.87 12.97
C18 PEF Z . -8.98 10.33 14.13
C19 PEF Z . -7.69 9.69 13.72
C20 PEF Z . -6.47 10.42 14.21
C21 PEF Z . -5.47 9.53 14.90
C22 PEF Z . -4.57 8.79 13.96
C23 PEF Z . -4.15 7.43 14.45
C24 PEF Z . -3.11 6.79 13.57
C25 PEF Z . -2.24 7.75 12.80
C30 PEF Z . -11.75 21.89 15.60
C31 PEF Z . -11.00 22.35 16.80
C32 PEF Z . -11.30 23.76 17.17
C33 PEF Z . -12.62 23.89 17.90
C34 PEF Z . -12.52 24.57 19.23
C35 PEF Z . -13.73 24.38 20.10
C36 PEF Z . -14.39 25.65 20.53
C37 PEF Z . -14.56 26.65 19.43
C38 PEF Z . -15.85 26.52 18.66
C39 PEF Z . -15.81 27.17 17.30
C40 PEF Z . -16.55 26.42 16.22
C41 PEF Z . -16.14 24.98 16.05
C42 PEF Z . -16.77 24.28 14.87
C43 PEF Z . -15.97 23.14 14.32
C44 PEF Z . -15.58 23.22 12.88
C45 PEF Z . -15.93 22.00 12.06
O4 PEF Z . -10.41 18.32 12.09
O5 PEF Z . -12.89 22.15 15.36
O2 PEF Z . -11.70 19.98 12.79
O3 PEF Z . -11.01 21.11 14.82
O1P PEF Z . -10.86 24.91 9.65
O2P PEF Z . -13.02 23.81 10.59
O3P PEF Z . -10.75 23.19 11.48
O4P PEF Z . -11.70 25.45 11.97
P PEF Z . -11.63 24.35 10.80
#